data_9DAU
#
_entry.id   9DAU
#
_cell.length_a   1.00
_cell.length_b   1.00
_cell.length_c   1.00
_cell.angle_alpha   90.00
_cell.angle_beta   90.00
_cell.angle_gamma   90.00
#
_symmetry.space_group_name_H-M   'P 1'
#
loop_
_entity.id
_entity.type
_entity.pdbx_description
1 polymer 'Anaerobic ribonucleoside-triphosphate reductase'
2 non-polymer "THYMIDINE-5'-TRIPHOSPHATE"
3 non-polymer "2'-DEOXYADENOSINE 5'-TRIPHOSPHATE"
4 non-polymer 'MAGNESIUM ION'
5 non-polymer 'ZINC ION'
6 water water
#
_entity_poly.entity_id   1
_entity_poly.type   'polypeptide(L)'
_entity_poly.pdbx_seq_one_letter_code
;MIILEKERVTVNPDIKVIKRDGRMVTFDSSKIYEAILKASETITPITPLIETKLEGIANRVVAEINDRFSHNIKIYEIQS
IVEHELLEANEYAIAQEYINYRTKRDFERSQATDINFTINKLVNKDQAVVHENANKDSDLYNTQRDLTAGIVGKSVGLKM
LPPHVANAHQKGDIHFHDLDYSPYTPMTNCCLIDFKGMLANGFKIGNAEVESPKSIQTATAQISQIIANVASSQYGGCTA
DRIDEFLAPYAELNYKKHLADAKEWVTEEKQEDYARAKTRKDIYDAMQSLEYEINTLFTSNGQTPFTSLGFGLGTNWFER
EIQKAILQVRILGLGSEHRTAIFPKLIFTLKRGLNLEPNSPNYDIKQLALECATKRMYPDVLSYDKIIELTGSFKAPMGC
RSFLQGWKDENGVEVNSGRMNLGVVTLNLPRIALESKGDQDKFWEIFEERMGIAKDALVYRVERVKEATPANAPILYQYG
AFGQRLRKCDSVDQLFKHRRATVSLGYIGLYEVASVFYGSDWETNLEAKTFTLNIVKAMKNACESWSDEYDYHFSVYSTP
SESLTDRFCRLDTEKFGVVTDITDKEYYTNSFHYDVRKNPTPFEKLEFEKDYPEAGATGGFIHYCEYPVLQQNPKALEAV
WDFAYDRVGYLGTNTPIDKCYKCDFEGDFTPTERGFMCPNCGNTDPKTVDVVKRTCGYLGNPQARPMVKGRHKEISARVK
HMNGSTIKYGGKHL
;
_entity_poly.pdbx_strand_id   A,B
#
# COMPACT_ATOMS: atom_id res chain seq x y z
N VAL A 17 -2.14 -36.82 17.47
CA VAL A 17 -2.38 -37.18 16.09
C VAL A 17 -2.57 -38.69 15.96
N ILE A 18 -3.58 -39.10 15.21
CA ILE A 18 -3.89 -40.51 15.00
C ILE A 18 -3.19 -40.96 13.72
N LYS A 19 -2.34 -41.98 13.85
CA LYS A 19 -1.66 -42.51 12.67
C LYS A 19 -2.59 -43.46 11.92
N ARG A 20 -2.12 -43.91 10.74
CA ARG A 20 -2.92 -44.82 9.95
C ARG A 20 -3.17 -46.14 10.68
N ASP A 21 -2.13 -46.67 11.33
CA ASP A 21 -2.32 -47.86 12.15
C ASP A 21 -3.10 -47.52 13.42
N GLY A 22 -2.76 -46.42 14.06
CA GLY A 22 -3.38 -46.03 15.31
C GLY A 22 -2.37 -45.30 16.19
N ARG A 23 -2.53 -45.49 17.50
CA ARG A 23 -1.65 -44.90 18.50
C ARG A 23 -1.68 -43.38 18.45
N MET A 24 -0.89 -42.73 19.31
CA MET A 24 -0.91 -41.28 19.45
C MET A 24 0.49 -40.73 19.20
N VAL A 25 0.57 -39.69 18.36
CA VAL A 25 1.83 -39.01 18.10
C VAL A 25 1.57 -37.50 18.18
N THR A 26 2.64 -36.76 18.42
CA THR A 26 2.53 -35.31 18.56
C THR A 26 2.34 -34.65 17.20
N PHE A 27 1.66 -33.51 17.21
CA PHE A 27 1.44 -32.74 15.99
C PHE A 27 2.65 -31.84 15.76
N ASP A 28 3.41 -32.13 14.71
CA ASP A 28 4.60 -31.37 14.37
C ASP A 28 4.36 -30.59 13.09
N SER A 29 4.58 -29.28 13.13
CA SER A 29 4.42 -28.46 11.93
C SER A 29 5.49 -28.74 10.89
N SER A 30 6.62 -29.34 11.29
CA SER A 30 7.66 -29.65 10.32
C SER A 30 7.26 -30.82 9.43
N LYS A 31 6.60 -31.83 10.00
CA LYS A 31 6.18 -32.97 9.20
C LYS A 31 5.24 -32.56 8.08
N ILE A 32 4.39 -31.57 8.34
CA ILE A 32 3.50 -31.06 7.30
C ILE A 32 4.30 -30.42 6.17
N TYR A 33 5.33 -29.64 6.53
CA TYR A 33 6.10 -28.93 5.51
C TYR A 33 7.04 -29.84 4.74
N GLU A 34 7.59 -30.87 5.38
CA GLU A 34 8.57 -31.71 4.72
C GLU A 34 7.97 -32.47 3.54
N ALA A 35 6.70 -32.85 3.64
CA ALA A 35 6.04 -33.50 2.51
C ALA A 35 5.92 -32.57 1.32
N ILE A 36 5.54 -31.31 1.55
CA ILE A 36 5.42 -30.35 0.47
C ILE A 36 6.78 -30.08 -0.16
N LEU A 37 7.86 -30.25 0.59
CA LEU A 37 9.19 -30.14 0.00
C LEU A 37 9.40 -31.20 -1.07
N LYS A 38 8.99 -32.44 -0.80
CA LYS A 38 9.10 -33.49 -1.79
C LYS A 38 8.09 -33.29 -2.92
N ALA A 39 7.02 -32.56 -2.66
CA ALA A 39 6.03 -32.28 -3.69
C ALA A 39 6.65 -31.49 -4.84
N SER A 40 7.15 -30.29 -4.54
CA SER A 40 7.80 -29.49 -5.57
C SER A 40 9.15 -30.06 -5.98
N GLU A 41 9.69 -31.02 -5.23
CA GLU A 41 10.97 -31.61 -5.57
C GLU A 41 10.92 -32.31 -6.91
N THR A 42 9.82 -33.01 -7.19
CA THR A 42 9.72 -33.78 -8.43
C THR A 42 9.65 -32.86 -9.64
N ILE A 43 9.21 -31.62 -9.44
CA ILE A 43 9.05 -30.73 -10.59
C ILE A 43 10.23 -29.79 -10.74
N THR A 44 10.91 -29.43 -9.64
CA THR A 44 11.97 -28.43 -9.68
C THR A 44 12.76 -28.47 -8.38
N PRO A 45 14.10 -28.45 -8.44
CA PRO A 45 14.88 -28.43 -7.21
C PRO A 45 14.64 -27.15 -6.43
N ILE A 46 14.81 -27.26 -5.10
CA ILE A 46 14.45 -26.17 -4.20
C ILE A 46 15.17 -24.89 -4.59
N THR A 47 14.42 -23.80 -4.66
CA THR A 47 14.95 -22.48 -5.00
C THR A 47 14.54 -21.49 -3.93
N PRO A 48 15.31 -20.40 -3.76
CA PRO A 48 14.95 -19.42 -2.72
C PRO A 48 13.56 -18.84 -2.87
N LEU A 49 13.12 -18.57 -4.10
CA LEU A 49 11.78 -18.04 -4.31
C LEU A 49 10.71 -19.05 -3.90
N ILE A 50 10.87 -20.31 -4.30
CA ILE A 50 9.88 -21.33 -3.99
C ILE A 50 9.92 -21.71 -2.51
N GLU A 51 11.00 -21.36 -1.80
CA GLU A 51 11.08 -21.70 -0.38
C GLU A 51 10.00 -20.99 0.42
N THR A 52 9.89 -19.67 0.26
CA THR A 52 8.85 -18.92 0.95
C THR A 52 7.47 -19.30 0.44
N LYS A 53 7.34 -19.52 -0.88
CA LYS A 53 6.06 -19.89 -1.45
C LYS A 53 5.60 -21.25 -0.92
N LEU A 54 6.52 -22.21 -0.84
CA LEU A 54 6.16 -23.53 -0.32
C LEU A 54 5.73 -23.45 1.13
N GLU A 55 6.46 -22.70 1.95
CA GLU A 55 6.07 -22.53 3.34
C GLU A 55 4.86 -21.62 3.48
N GLY A 56 4.58 -20.80 2.46
CA GLY A 56 3.35 -20.03 2.47
C GLY A 56 2.12 -20.92 2.41
N ILE A 57 2.16 -21.94 1.57
CA ILE A 57 1.07 -22.92 1.55
C ILE A 57 1.07 -23.74 2.83
N ALA A 58 2.26 -24.04 3.35
CA ALA A 58 2.36 -24.80 4.60
C ALA A 58 1.80 -24.04 5.79
N ASN A 59 1.67 -22.71 5.69
CA ASN A 59 1.12 -21.92 6.78
C ASN A 59 -0.40 -21.94 6.82
N ARG A 60 -1.05 -22.18 5.68
CA ARG A 60 -2.51 -22.24 5.67
C ARG A 60 -3.01 -23.55 6.25
N VAL A 61 -2.35 -24.67 5.92
CA VAL A 61 -2.81 -25.98 6.38
C VAL A 61 -2.70 -26.09 7.89
N VAL A 62 -1.58 -25.61 8.46
CA VAL A 62 -1.40 -25.69 9.90
C VAL A 62 -2.43 -24.82 10.62
N ALA A 63 -2.83 -23.70 10.00
CA ALA A 63 -3.88 -22.88 10.60
C ALA A 63 -5.23 -23.57 10.57
N GLU A 64 -5.53 -24.29 9.48
CA GLU A 64 -6.85 -24.88 9.32
C GLU A 64 -7.03 -26.14 10.16
N ILE A 65 -5.96 -26.93 10.32
CA ILE A 65 -6.10 -28.23 10.97
C ILE A 65 -6.54 -28.08 12.42
N ASN A 66 -5.95 -27.13 13.15
CA ASN A 66 -6.34 -26.91 14.53
C ASN A 66 -7.68 -26.20 14.64
N ASP A 67 -8.13 -25.54 13.58
CA ASP A 67 -9.40 -24.82 13.65
C ASP A 67 -10.58 -25.78 13.68
N ARG A 68 -10.58 -26.78 12.80
CA ARG A 68 -11.74 -27.66 12.67
C ARG A 68 -11.83 -28.68 13.79
N PHE A 69 -10.69 -29.20 14.26
CA PHE A 69 -10.68 -30.25 15.26
C PHE A 69 -10.06 -29.74 16.55
N SER A 70 -10.43 -30.37 17.66
CA SER A 70 -9.96 -29.98 18.98
C SER A 70 -9.11 -31.04 19.65
N HIS A 71 -9.63 -32.26 19.78
CA HIS A 71 -8.96 -33.29 20.57
C HIS A 71 -8.06 -34.20 19.74
N ASN A 72 -8.59 -34.76 18.66
CA ASN A 72 -7.85 -35.74 17.87
C ASN A 72 -7.89 -35.37 16.39
N ILE A 73 -6.82 -35.75 15.69
CA ILE A 73 -6.70 -35.55 14.25
C ILE A 73 -5.97 -36.75 13.67
N LYS A 74 -6.48 -37.30 12.57
CA LYS A 74 -5.76 -38.33 11.83
C LYS A 74 -5.29 -37.77 10.50
N ILE A 75 -4.81 -38.66 9.63
CA ILE A 75 -4.07 -38.24 8.44
C ILE A 75 -4.98 -38.08 7.23
N TYR A 76 -6.02 -38.92 7.07
CA TYR A 76 -6.70 -38.83 5.78
C TYR A 76 -7.58 -37.59 5.64
N GLU A 77 -7.56 -36.63 6.55
CA GLU A 77 -8.20 -35.35 6.31
C GLU A 77 -7.23 -34.18 6.25
N ILE A 78 -6.07 -34.27 6.89
CA ILE A 78 -5.02 -33.27 6.65
C ILE A 78 -4.57 -33.33 5.20
N GLN A 79 -4.44 -34.55 4.66
CA GLN A 79 -4.12 -34.70 3.25
C GLN A 79 -5.18 -34.06 2.37
N SER A 80 -6.41 -33.96 2.86
CA SER A 80 -7.46 -33.27 2.11
C SER A 80 -7.22 -31.75 2.13
N ILE A 81 -6.85 -31.19 3.28
CA ILE A 81 -6.63 -29.75 3.37
C ILE A 81 -5.49 -29.33 2.46
N VAL A 82 -4.34 -30.03 2.55
CA VAL A 82 -3.19 -29.67 1.72
C VAL A 82 -3.54 -29.86 0.24
N GLU A 83 -4.32 -30.89 -0.07
CA GLU A 83 -4.85 -31.02 -1.42
C GLU A 83 -5.73 -29.82 -1.77
N HIS A 84 -6.58 -29.40 -0.84
CA HIS A 84 -7.41 -28.24 -1.07
C HIS A 84 -6.60 -26.95 -1.06
N GLU A 85 -5.65 -26.84 -0.13
CA GLU A 85 -4.92 -25.58 0.04
C GLU A 85 -4.09 -25.25 -1.21
N LEU A 86 -3.49 -26.27 -1.84
CA LEU A 86 -2.76 -26.02 -3.07
C LEU A 86 -3.68 -25.51 -4.16
N LEU A 87 -4.88 -26.09 -4.28
CA LEU A 87 -5.84 -25.59 -5.26
C LEU A 87 -6.29 -24.17 -4.94
N GLU A 88 -6.56 -23.90 -3.66
CA GLU A 88 -7.02 -22.58 -3.25
C GLU A 88 -5.95 -21.51 -3.43
N ALA A 89 -4.68 -21.90 -3.56
CA ALA A 89 -3.59 -20.96 -3.69
C ALA A 89 -3.02 -20.90 -5.11
N ASN A 90 -3.81 -21.32 -6.10
CA ASN A 90 -3.50 -21.22 -7.52
C ASN A 90 -2.36 -22.13 -7.97
N GLU A 91 -1.72 -22.85 -7.04
CA GLU A 91 -0.59 -23.71 -7.38
C GLU A 91 -1.10 -25.06 -7.86
N TYR A 92 -1.47 -25.10 -9.14
CA TYR A 92 -1.98 -26.34 -9.72
C TYR A 92 -0.86 -27.33 -10.02
N ALA A 93 0.30 -26.82 -10.45
CA ALA A 93 1.39 -27.71 -10.88
C ALA A 93 1.84 -28.62 -9.74
N ILE A 94 2.03 -28.06 -8.55
CA ILE A 94 2.33 -28.88 -7.38
C ILE A 94 1.14 -29.77 -7.05
N ALA A 95 -0.06 -29.21 -7.09
CA ALA A 95 -1.26 -29.99 -6.79
C ALA A 95 -1.46 -31.10 -7.81
N GLN A 96 -1.21 -30.83 -9.09
CA GLN A 96 -1.36 -31.85 -10.11
C GLN A 96 -0.40 -33.01 -9.87
N GLU A 97 0.82 -32.70 -9.43
CA GLU A 97 1.79 -33.73 -9.08
C GLU A 97 1.57 -34.31 -7.69
N TYR A 98 0.73 -33.68 -6.86
CA TYR A 98 0.48 -34.19 -5.52
C TYR A 98 -0.58 -35.28 -5.52
N ILE A 99 -1.74 -35.00 -6.14
CA ILE A 99 -2.90 -35.87 -6.00
C ILE A 99 -2.61 -37.25 -6.57
N ASN A 100 -1.98 -37.31 -7.75
CA ASN A 100 -1.66 -38.61 -8.35
C ASN A 100 -0.72 -39.40 -7.46
N TYR A 101 0.33 -38.75 -6.95
CA TYR A 101 1.20 -39.39 -5.98
C TYR A 101 0.44 -39.74 -4.70
N ARG A 102 -0.42 -38.82 -4.24
CA ARG A 102 -1.22 -39.09 -3.05
C ARG A 102 -2.13 -40.29 -3.29
N THR A 103 -2.82 -40.34 -4.43
CA THR A 103 -3.77 -41.40 -4.68
C THR A 103 -3.09 -42.74 -4.96
N LYS A 104 -1.83 -42.73 -5.37
CA LYS A 104 -1.14 -43.97 -5.71
C LYS A 104 -0.90 -44.82 -4.47
N ARG A 105 -0.53 -44.20 -3.36
CA ARG A 105 -0.05 -44.97 -2.20
C ARG A 105 -1.20 -45.67 -1.48
N ASP A 106 -2.32 -44.99 -1.28
CA ASP A 106 -3.42 -45.59 -0.53
C ASP A 106 -3.97 -46.82 -1.26
N PHE A 107 -4.05 -46.75 -2.59
CA PHE A 107 -4.52 -47.89 -3.37
C PHE A 107 -3.66 -49.12 -3.08
N GLU A 108 -2.35 -48.96 -3.14
CA GLU A 108 -1.45 -50.06 -2.79
C GLU A 108 -1.47 -50.33 -1.29
N ARG A 109 -1.71 -49.30 -0.48
CA ARG A 109 -1.83 -49.51 0.96
C ARG A 109 -3.00 -50.43 1.30
N SER A 110 -4.07 -50.37 0.51
CA SER A 110 -5.22 -51.23 0.73
C SER A 110 -4.81 -52.70 0.63
N GLN A 111 -5.38 -53.53 1.51
CA GLN A 111 -5.05 -54.95 1.57
C GLN A 111 -6.34 -55.74 1.76
N ALA A 112 -6.65 -56.61 0.80
CA ALA A 112 -7.85 -57.42 0.89
C ALA A 112 -7.62 -58.61 1.83
N THR A 113 -8.73 -59.27 2.19
CA THR A 113 -8.65 -60.42 3.08
C THR A 113 -7.88 -61.57 2.45
N ASP A 114 -8.13 -61.85 1.17
CA ASP A 114 -7.46 -62.94 0.48
C ASP A 114 -6.56 -62.46 -0.65
N ILE A 115 -7.10 -61.72 -1.61
CA ILE A 115 -6.34 -61.24 -2.76
C ILE A 115 -6.82 -59.83 -3.09
N ASN A 116 -5.88 -58.88 -3.10
CA ASN A 116 -6.18 -57.50 -3.46
C ASN A 116 -5.75 -57.23 -4.89
N PHE A 117 -6.43 -56.29 -5.55
CA PHE A 117 -6.08 -55.92 -6.94
C PHE A 117 -6.03 -57.19 -7.80
N THR A 118 -4.89 -57.46 -8.44
CA THR A 118 -4.77 -58.64 -9.33
C THR A 118 -5.42 -59.84 -8.65
N LYS A 136 1.74 -16.76 -3.67
CA LYS A 136 0.48 -16.40 -4.32
C LYS A 136 -0.52 -15.90 -3.29
N ASP A 137 -0.49 -16.49 -2.09
CA ASP A 137 -1.37 -16.10 -1.00
C ASP A 137 -0.65 -15.43 0.16
N SER A 138 0.69 -15.37 0.12
CA SER A 138 1.47 -14.72 1.16
C SER A 138 1.93 -13.32 0.77
N ASP A 139 1.38 -12.77 -0.30
CA ASP A 139 1.72 -11.43 -0.77
C ASP A 139 0.64 -10.44 -0.37
N LEU A 140 1.02 -9.16 -0.33
CA LEU A 140 0.09 -8.11 0.03
C LEU A 140 -0.95 -7.92 -1.06
N TYR A 141 -2.08 -7.32 -0.68
CA TYR A 141 -3.17 -7.08 -1.63
C TYR A 141 -2.71 -6.15 -2.76
N ASN A 142 -2.14 -5.01 -2.40
CA ASN A 142 -1.64 -4.08 -3.41
C ASN A 142 -0.52 -4.72 -4.23
N THR A 143 0.25 -5.61 -3.62
CA THR A 143 1.29 -6.32 -4.36
C THR A 143 0.68 -7.18 -5.47
N GLN A 144 -0.38 -7.92 -5.15
CA GLN A 144 -1.03 -8.75 -6.15
C GLN A 144 -1.69 -7.91 -7.22
N ARG A 145 -2.34 -6.82 -6.83
CA ARG A 145 -2.98 -5.95 -7.83
C ARG A 145 -1.94 -5.32 -8.75
N ASP A 146 -0.81 -4.91 -8.19
CA ASP A 146 0.27 -4.37 -9.01
C ASP A 146 0.84 -5.43 -9.94
N LEU A 147 0.94 -6.68 -9.46
CA LEU A 147 1.41 -7.77 -10.32
C LEU A 147 0.47 -7.97 -11.49
N THR A 148 -0.84 -7.97 -11.24
CA THR A 148 -1.80 -8.11 -12.34
C THR A 148 -1.71 -6.95 -13.32
N ALA A 149 -1.62 -5.73 -12.80
CA ALA A 149 -1.50 -4.57 -13.68
C ALA A 149 -0.21 -4.63 -14.50
N GLY A 150 0.88 -5.07 -13.89
CA GLY A 150 2.13 -5.20 -14.63
C GLY A 150 2.08 -6.27 -15.69
N ILE A 151 1.40 -7.38 -15.42
CA ILE A 151 1.23 -8.41 -16.44
C ILE A 151 0.45 -7.85 -17.62
N VAL A 152 -0.64 -7.13 -17.35
CA VAL A 152 -1.42 -6.54 -18.42
C VAL A 152 -0.58 -5.53 -19.22
N GLY A 153 0.17 -4.68 -18.51
CA GLY A 153 0.99 -3.70 -19.18
C GLY A 153 2.07 -4.33 -20.04
N LYS A 154 2.70 -5.40 -19.55
CA LYS A 154 3.72 -6.10 -20.33
C LYS A 154 3.12 -6.72 -21.57
N SER A 155 1.93 -7.33 -21.44
CA SER A 155 1.28 -7.92 -22.60
C SER A 155 0.95 -6.86 -23.65
N VAL A 156 0.48 -5.70 -23.21
CA VAL A 156 0.18 -4.62 -24.15
C VAL A 156 1.47 -4.08 -24.79
N GLY A 157 2.51 -3.91 -23.98
CA GLY A 157 3.74 -3.31 -24.48
C GLY A 157 4.45 -4.19 -25.49
N LEU A 158 4.43 -5.51 -25.28
CA LEU A 158 5.11 -6.40 -26.21
C LEU A 158 4.56 -6.27 -27.62
N LYS A 159 3.27 -5.96 -27.76
CA LYS A 159 2.70 -5.65 -29.05
C LYS A 159 2.79 -4.18 -29.42
N MET A 160 3.06 -3.30 -28.44
CA MET A 160 3.28 -1.90 -28.75
C MET A 160 4.64 -1.66 -29.40
N LEU A 161 5.60 -2.56 -29.21
CA LEU A 161 6.95 -2.35 -29.69
C LEU A 161 7.04 -2.50 -31.20
N PRO A 162 8.07 -1.94 -31.82
CA PRO A 162 8.37 -2.26 -33.22
C PRO A 162 8.77 -3.72 -33.34
N PRO A 163 8.64 -4.30 -34.53
CA PRO A 163 8.81 -5.76 -34.68
C PRO A 163 10.21 -6.28 -34.31
N HIS A 164 11.26 -5.73 -34.92
CA HIS A 164 12.58 -6.31 -34.77
C HIS A 164 13.09 -6.20 -33.33
N VAL A 165 12.86 -5.04 -32.69
CA VAL A 165 13.30 -4.88 -31.31
C VAL A 165 12.55 -5.83 -30.38
N ALA A 166 11.24 -5.99 -30.61
CA ALA A 166 10.48 -6.92 -29.78
C ALA A 166 10.97 -8.35 -29.95
N ASN A 167 11.25 -8.76 -31.19
CA ASN A 167 11.77 -10.10 -31.43
C ASN A 167 13.13 -10.28 -30.77
N ALA A 168 13.99 -9.26 -30.85
CA ALA A 168 15.29 -9.35 -30.20
C ALA A 168 15.17 -9.47 -28.70
N HIS A 169 14.25 -8.70 -28.09
CA HIS A 169 14.07 -8.77 -26.65
C HIS A 169 13.53 -10.14 -26.23
N GLN A 170 12.56 -10.68 -26.98
CA GLN A 170 12.01 -11.99 -26.63
C GLN A 170 13.05 -13.08 -26.80
N LYS A 171 13.87 -12.99 -27.85
CA LYS A 171 14.87 -14.01 -28.12
C LYS A 171 16.04 -13.97 -27.15
N GLY A 172 16.10 -12.97 -26.28
CA GLY A 172 17.25 -12.80 -25.41
C GLY A 172 18.41 -12.06 -26.01
N ASP A 173 18.23 -11.48 -27.21
CA ASP A 173 19.30 -10.72 -27.83
C ASP A 173 19.65 -9.49 -27.01
N ILE A 174 18.62 -8.72 -26.62
CA ILE A 174 18.77 -7.56 -25.76
C ILE A 174 17.69 -7.64 -24.69
N HIS A 175 17.72 -6.68 -23.76
CA HIS A 175 16.73 -6.58 -22.71
C HIS A 175 16.15 -5.17 -22.71
N PHE A 176 14.83 -5.07 -22.87
CA PHE A 176 14.11 -3.81 -22.75
C PHE A 176 13.68 -3.68 -21.29
N HIS A 177 14.36 -2.82 -20.55
CA HIS A 177 14.20 -2.79 -19.10
C HIS A 177 12.82 -2.31 -18.70
N ASP A 178 12.22 -3.02 -17.74
CA ASP A 178 10.97 -2.64 -17.09
C ASP A 178 9.85 -2.47 -18.12
N LEU A 179 9.50 -3.59 -18.75
CA LEU A 179 8.35 -3.63 -19.65
C LEU A 179 7.02 -3.53 -18.91
N ASP A 180 7.03 -3.66 -17.59
CA ASP A 180 5.79 -3.65 -16.83
C ASP A 180 5.09 -2.31 -16.88
N TYR A 181 5.85 -1.21 -16.93
CA TYR A 181 5.28 0.13 -16.89
C TYR A 181 5.41 0.88 -18.21
N SER A 182 6.32 0.47 -19.09
CA SER A 182 6.58 1.14 -20.35
C SER A 182 6.75 0.07 -21.42
N PRO A 183 6.45 0.39 -22.69
CA PRO A 183 5.86 1.63 -23.20
C PRO A 183 4.35 1.73 -23.01
N TYR A 184 3.75 0.96 -22.09
CA TYR A 184 2.33 1.08 -21.85
C TYR A 184 1.97 2.47 -21.36
N THR A 185 2.77 3.02 -20.44
CA THR A 185 2.61 4.37 -19.96
C THR A 185 3.88 5.16 -20.20
N PRO A 186 3.77 6.42 -20.62
CA PRO A 186 4.98 7.22 -20.86
C PRO A 186 5.70 7.58 -19.57
N MET A 187 6.36 6.60 -18.97
CA MET A 187 7.00 6.77 -17.67
C MET A 187 8.36 7.46 -17.82
N THR A 188 9.11 7.50 -16.73
CA THR A 188 10.44 8.11 -16.70
C THR A 188 11.30 7.32 -15.72
N ASN A 189 12.58 7.15 -16.04
CA ASN A 189 13.40 6.20 -15.31
C ASN A 189 13.83 6.78 -13.95
N CYS A 190 14.58 7.88 -13.97
CA CYS A 190 15.02 8.55 -12.75
C CYS A 190 14.68 10.03 -12.85
N CYS A 191 14.81 10.73 -11.72
CA CYS A 191 14.49 12.16 -11.68
C CYS A 191 15.22 12.79 -10.50
N LEU A 192 16.10 13.75 -10.80
CA LEU A 192 16.81 14.49 -9.77
C LEU A 192 15.95 15.63 -9.26
N ILE A 193 15.09 15.34 -8.28
CA ILE A 193 14.10 16.30 -7.79
C ILE A 193 14.80 17.58 -7.39
N ASP A 194 14.46 18.69 -8.05
CA ASP A 194 15.05 19.99 -7.76
C ASP A 194 14.46 20.47 -6.44
N PHE A 195 14.94 19.85 -5.35
CA PHE A 195 14.36 20.11 -4.04
C PHE A 195 14.51 21.56 -3.63
N LYS A 196 15.66 22.17 -3.93
CA LYS A 196 15.92 23.54 -3.49
C LYS A 196 14.86 24.50 -4.03
N GLY A 197 14.76 24.63 -5.35
CA GLY A 197 13.88 25.63 -5.92
C GLY A 197 12.41 25.35 -5.66
N MET A 198 11.98 24.10 -5.82
CA MET A 198 10.57 23.79 -5.68
C MET A 198 10.14 23.73 -4.22
N LEU A 199 11.09 23.58 -3.29
CA LEU A 199 10.80 23.78 -1.88
C LEU A 199 10.71 25.26 -1.54
N ALA A 200 11.58 26.08 -2.14
CA ALA A 200 11.56 27.51 -1.83
C ALA A 200 10.32 28.19 -2.38
N ASN A 201 9.87 27.80 -3.58
CA ASN A 201 8.76 28.48 -4.23
C ASN A 201 7.40 27.92 -3.84
N GLY A 202 7.34 26.80 -3.13
CA GLY A 202 6.08 26.18 -2.80
C GLY A 202 5.56 25.32 -3.95
N PHE A 203 4.58 24.49 -3.63
CA PHE A 203 4.08 23.53 -4.63
C PHE A 203 2.77 22.95 -4.16
N LYS A 204 2.06 22.31 -5.08
CA LYS A 204 0.78 21.66 -4.79
C LYS A 204 0.94 20.16 -4.92
N ILE A 205 0.59 19.43 -3.88
CA ILE A 205 0.65 17.98 -3.85
C ILE A 205 -0.69 17.44 -3.38
N GLY A 206 -1.15 16.37 -4.02
CA GLY A 206 -2.45 15.83 -3.69
C GLY A 206 -3.53 16.87 -3.92
N ASN A 207 -4.33 17.13 -2.89
CA ASN A 207 -5.36 18.15 -2.94
C ASN A 207 -4.96 19.42 -2.21
N ALA A 208 -3.71 19.52 -1.75
CA ALA A 208 -3.28 20.62 -0.89
C ALA A 208 -2.10 21.35 -1.52
N GLU A 209 -2.20 22.68 -1.57
CA GLU A 209 -1.10 23.52 -2.02
C GLU A 209 -0.40 24.10 -0.80
N VAL A 210 0.91 23.85 -0.69
CA VAL A 210 1.69 24.28 0.45
C VAL A 210 2.72 25.30 0.01
N GLU A 211 3.02 26.24 0.90
CA GLU A 211 3.97 27.30 0.66
C GLU A 211 5.35 26.86 1.17
N SER A 212 6.29 27.81 1.21
CA SER A 212 7.63 27.49 1.67
C SER A 212 7.62 27.13 3.15
N PRO A 213 8.40 26.14 3.56
CA PRO A 213 8.45 25.78 4.99
C PRO A 213 9.08 26.88 5.82
N LYS A 214 8.66 26.95 7.07
CA LYS A 214 9.23 27.87 8.05
C LYS A 214 9.98 27.13 9.15
N SER A 215 10.23 25.84 8.97
CA SER A 215 10.99 25.06 9.93
C SER A 215 11.60 23.86 9.21
N ILE A 216 12.65 23.31 9.82
CA ILE A 216 13.37 22.21 9.20
C ILE A 216 12.54 20.91 9.26
N GLN A 217 11.77 20.72 10.32
CA GLN A 217 10.93 19.53 10.42
C GLN A 217 9.86 19.52 9.33
N THR A 218 9.22 20.67 9.10
CA THR A 218 8.27 20.78 8.01
C THR A 218 8.95 20.54 6.67
N ALA A 219 10.17 21.06 6.51
CA ALA A 219 10.89 20.85 5.26
C ALA A 219 11.16 19.37 5.02
N THR A 220 11.57 18.64 6.05
CA THR A 220 11.86 17.22 5.87
C THR A 220 10.59 16.42 5.64
N ALA A 221 9.47 16.80 6.27
CA ALA A 221 8.21 16.13 5.99
C ALA A 221 7.79 16.34 4.54
N GLN A 222 7.92 17.58 4.06
CA GLN A 222 7.60 17.87 2.67
C GLN A 222 8.52 17.10 1.74
N ILE A 223 9.79 16.96 2.11
CA ILE A 223 10.74 16.19 1.31
C ILE A 223 10.29 14.74 1.22
N SER A 224 9.88 14.16 2.35
CA SER A 224 9.47 12.76 2.35
C SER A 224 8.24 12.55 1.48
N GLN A 225 7.24 13.42 1.61
CA GLN A 225 6.04 13.28 0.79
C GLN A 225 6.33 13.53 -0.68
N ILE A 226 7.22 14.47 -0.98
CA ILE A 226 7.63 14.71 -2.36
C ILE A 226 8.27 13.46 -2.94
N ILE A 227 9.16 12.83 -2.17
CA ILE A 227 9.82 11.61 -2.63
C ILE A 227 8.81 10.50 -2.88
N ALA A 228 7.87 10.34 -1.95
CA ALA A 228 6.84 9.29 -2.12
C ALA A 228 6.01 9.53 -3.37
N ASN A 229 5.55 10.75 -3.57
CA ASN A 229 4.73 11.05 -4.75
C ASN A 229 5.52 10.85 -6.03
N VAL A 230 6.77 11.32 -6.06
CA VAL A 230 7.60 11.19 -7.25
C VAL A 230 7.85 9.72 -7.58
N ALA A 231 8.16 8.92 -6.55
CA ALA A 231 8.36 7.49 -6.78
C ALA A 231 7.08 6.82 -7.26
N SER A 232 5.93 7.28 -6.76
CA SER A 232 4.66 6.77 -7.27
C SER A 232 4.41 7.20 -8.71
N SER A 233 5.06 8.26 -9.17
CA SER A 233 4.86 8.76 -10.53
C SER A 233 5.93 8.28 -11.51
N GLN A 234 6.72 7.28 -11.15
CA GLN A 234 7.77 6.78 -12.03
C GLN A 234 8.10 5.34 -11.67
N TYR A 235 8.81 4.67 -12.58
CA TYR A 235 9.15 3.26 -12.43
C TYR A 235 10.59 3.05 -11.98
N GLY A 236 11.28 4.09 -11.52
CA GLY A 236 12.65 3.94 -11.10
C GLY A 236 13.03 4.69 -9.84
N GLY A 237 14.32 4.80 -9.57
CA GLY A 237 14.81 5.41 -8.35
C GLY A 237 14.81 6.93 -8.39
N CYS A 238 15.23 7.51 -7.28
CA CYS A 238 15.33 8.96 -7.15
C CYS A 238 16.35 9.28 -6.06
N THR A 239 16.84 10.52 -6.09
CA THR A 239 17.86 10.90 -5.13
C THR A 239 17.78 12.41 -4.87
N ALA A 240 18.32 12.79 -3.72
CA ALA A 240 18.40 14.19 -3.30
C ALA A 240 19.87 14.52 -3.07
N ASP A 241 20.44 15.36 -3.92
CA ASP A 241 21.84 15.73 -3.86
C ASP A 241 22.03 17.01 -3.07
N ARG A 242 23.15 17.09 -2.36
CA ARG A 242 23.50 18.26 -1.55
C ARG A 242 22.36 18.63 -0.60
N ILE A 243 21.91 17.65 0.18
CA ILE A 243 20.76 17.85 1.04
C ILE A 243 21.06 18.92 2.09
N ASP A 244 22.29 18.95 2.60
CA ASP A 244 22.66 19.96 3.58
C ASP A 244 22.66 21.35 2.97
N GLU A 245 23.09 21.46 1.70
CA GLU A 245 23.23 22.77 1.09
C GLU A 245 21.90 23.50 1.00
N PHE A 246 20.83 22.80 0.64
CA PHE A 246 19.51 23.43 0.58
C PHE A 246 18.70 23.22 1.85
N LEU A 247 19.20 22.47 2.82
CA LEU A 247 18.55 22.38 4.13
C LEU A 247 19.12 23.35 5.14
N ALA A 248 20.25 23.99 4.85
CA ALA A 248 20.82 24.96 5.78
C ALA A 248 19.91 26.15 6.06
N PRO A 249 19.28 26.79 5.06
CA PRO A 249 18.46 27.97 5.38
C PRO A 249 17.32 27.69 6.34
N TYR A 250 16.71 26.51 6.28
CA TYR A 250 15.62 26.20 7.19
C TYR A 250 16.11 25.97 8.61
N ALA A 251 17.30 25.37 8.74
CA ALA A 251 17.93 25.30 10.06
C ALA A 251 18.23 26.68 10.60
N GLU A 252 18.67 27.58 9.73
CA GLU A 252 18.90 28.97 10.14
C GLU A 252 17.60 29.63 10.60
N LEU A 253 16.50 29.34 9.90
CA LEU A 253 15.20 29.88 10.31
C LEU A 253 14.80 29.36 11.69
N ASN A 254 15.00 28.07 11.93
CA ASN A 254 14.71 27.53 13.26
C ASN A 254 15.60 28.17 14.32
N TYR A 255 16.87 28.39 14.00
CA TYR A 255 17.77 29.05 14.93
C TYR A 255 17.29 30.47 15.25
N LYS A 256 16.84 31.20 14.24
CA LYS A 256 16.35 32.56 14.46
C LYS A 256 15.09 32.54 15.33
N LYS A 257 14.18 31.61 15.06
CA LYS A 257 12.96 31.53 15.87
C LYS A 257 13.27 31.18 17.31
N HIS A 258 14.20 30.25 17.53
CA HIS A 258 14.58 29.88 18.89
C HIS A 258 15.29 31.03 19.59
N LEU A 259 16.09 31.81 18.85
CA LEU A 259 16.70 33.00 19.43
C LEU A 259 15.64 34.01 19.85
N ALA A 260 14.62 34.20 19.03
CA ALA A 260 13.54 35.12 19.38
C ALA A 260 12.81 34.64 20.63
N ASP A 261 12.56 33.34 20.74
CA ASP A 261 11.91 32.82 21.93
C ASP A 261 12.79 32.99 23.16
N ALA A 262 14.09 32.73 23.03
CA ALA A 262 15.01 32.88 24.15
C ALA A 262 15.11 34.33 24.61
N LYS A 263 15.03 35.27 23.67
CA LYS A 263 15.05 36.68 24.04
C LYS A 263 13.87 37.07 24.92
N GLU A 264 12.81 36.26 24.93
CA GLU A 264 11.63 36.55 25.73
C GLU A 264 11.49 35.66 26.96
N TRP A 265 12.10 34.47 26.97
CA TRP A 265 11.93 33.54 28.07
C TRP A 265 13.18 33.39 28.93
N VAL A 266 14.32 33.05 28.34
CA VAL A 266 15.52 32.71 29.12
C VAL A 266 16.33 33.97 29.39
N THR A 267 17.28 33.88 30.33
CA THR A 267 18.07 35.03 30.74
C THR A 267 19.07 35.40 29.65
N GLU A 268 19.93 36.38 29.96
CA GLU A 268 20.78 36.98 28.96
C GLU A 268 22.02 36.13 28.67
N GLU A 269 22.86 35.90 29.67
CA GLU A 269 24.15 35.28 29.44
C GLU A 269 24.04 33.85 28.89
N LYS A 270 22.89 33.21 29.04
CA LYS A 270 22.69 31.87 28.50
C LYS A 270 21.96 31.87 27.16
N GLN A 271 21.33 32.99 26.79
CA GLN A 271 20.42 33.07 25.66
C GLN A 271 20.94 32.34 24.43
N GLU A 272 22.05 32.82 23.88
CA GLU A 272 22.57 32.25 22.64
C GLU A 272 22.84 30.76 22.79
N ASP A 273 23.43 30.36 23.92
CA ASP A 273 23.70 28.94 24.13
C ASP A 273 22.43 28.13 24.00
N TYR A 274 21.35 28.59 24.61
CA TYR A 274 20.07 27.89 24.49
C TYR A 274 19.67 27.77 23.04
N ALA A 275 19.77 28.88 22.29
CA ALA A 275 19.38 28.86 20.88
C ALA A 275 20.16 27.82 20.10
N ARG A 276 21.36 27.47 20.57
CA ARG A 276 22.09 26.38 19.93
C ARG A 276 21.45 25.04 20.25
N ALA A 277 21.34 24.72 21.54
CA ALA A 277 21.04 23.35 21.95
C ALA A 277 19.72 22.88 21.36
N LYS A 278 18.65 23.65 21.55
CA LYS A 278 17.35 23.27 21.00
C LYS A 278 17.45 23.05 19.49
N THR A 279 18.11 23.97 18.79
CA THR A 279 18.28 23.80 17.35
C THR A 279 19.00 22.51 17.05
N ARG A 280 20.09 22.23 17.77
CA ARG A 280 20.83 21.00 17.55
C ARG A 280 19.94 19.78 17.78
N LYS A 281 18.98 19.88 18.69
CA LYS A 281 18.02 18.80 18.85
C LYS A 281 17.08 18.73 17.67
N ASP A 282 16.51 19.88 17.27
CA ASP A 282 15.46 19.87 16.25
C ASP A 282 15.99 19.30 14.95
N ILE A 283 17.19 19.71 14.55
CA ILE A 283 17.80 19.18 13.33
C ILE A 283 17.86 17.66 13.40
N TYR A 284 18.28 17.13 14.54
CA TYR A 284 18.30 15.68 14.74
C TYR A 284 16.93 15.09 14.43
N ASP A 285 15.89 15.67 15.02
CA ASP A 285 14.53 15.18 14.75
C ASP A 285 14.21 15.31 13.26
N ALA A 286 14.60 16.44 12.66
CA ALA A 286 14.35 16.63 11.23
C ALA A 286 15.01 15.55 10.39
N MET A 287 16.06 14.92 10.91
CA MET A 287 16.65 13.79 10.20
C MET A 287 16.00 12.48 10.59
N GLN A 288 15.64 12.34 11.88
CA GLN A 288 15.06 11.08 12.35
C GLN A 288 13.80 10.74 11.56
N SER A 289 12.92 11.71 11.39
CA SER A 289 11.72 11.48 10.59
C SER A 289 12.10 11.08 9.17
N LEU A 290 13.09 11.76 8.58
CA LEU A 290 13.52 11.41 7.24
C LEU A 290 14.03 9.98 7.16
N GLU A 291 14.51 9.42 8.28
CA GLU A 291 14.96 8.05 8.27
C GLU A 291 13.80 7.07 8.25
N TYR A 292 12.66 7.45 8.82
CA TYR A 292 11.52 6.54 8.96
C TYR A 292 10.47 6.72 7.87
N GLU A 293 10.07 7.96 7.60
CA GLU A 293 9.04 8.22 6.60
C GLU A 293 9.43 7.60 5.26
N ILE A 294 10.66 7.87 4.80
CA ILE A 294 11.13 7.29 3.55
C ILE A 294 11.08 5.77 3.63
N ASN A 295 11.44 5.21 4.78
CA ASN A 295 11.37 3.76 4.94
C ASN A 295 9.92 3.28 4.92
N THR A 296 9.01 4.06 5.50
CA THR A 296 7.64 3.58 5.68
C THR A 296 6.83 3.68 4.40
N LEU A 297 6.79 4.86 3.79
CA LEU A 297 5.91 5.09 2.65
C LEU A 297 6.30 4.21 1.48
N PHE A 298 5.31 3.76 0.73
CA PHE A 298 5.54 2.90 -0.43
C PHE A 298 4.70 3.38 -1.60
N THR A 299 5.06 2.91 -2.79
CA THR A 299 4.35 3.24 -4.01
C THR A 299 3.26 2.21 -4.28
N SER A 300 2.64 2.29 -5.46
CA SER A 300 1.62 1.33 -5.85
C SER A 300 2.17 -0.08 -5.99
N ASN A 301 3.49 -0.21 -6.25
CA ASN A 301 4.09 -1.52 -6.41
C ASN A 301 3.99 -2.33 -5.12
N GLY A 302 4.00 -1.67 -3.96
CA GLY A 302 3.97 -2.35 -2.69
C GLY A 302 5.31 -2.52 -2.03
N GLN A 303 6.36 -1.87 -2.53
CA GLN A 303 7.69 -1.96 -1.96
C GLN A 303 8.21 -0.55 -1.69
N THR A 304 9.18 -0.48 -0.81
CA THR A 304 9.78 0.81 -0.47
C THR A 304 10.43 1.42 -1.69
N PRO A 305 10.20 2.71 -1.97
CA PRO A 305 10.81 3.33 -3.15
C PRO A 305 12.33 3.32 -3.08
N PHE A 306 12.94 3.16 -4.25
CA PHE A 306 14.40 3.23 -4.36
C PHE A 306 14.79 4.70 -4.32
N THR A 307 15.50 5.11 -3.28
CA THR A 307 15.85 6.51 -3.12
C THR A 307 17.20 6.61 -2.40
N SER A 308 17.88 7.72 -2.65
CA SER A 308 19.19 7.93 -2.07
C SER A 308 19.42 9.41 -1.76
N LEU A 309 20.35 9.66 -0.85
CA LEU A 309 20.67 11.00 -0.38
C LEU A 309 22.17 11.24 -0.49
N GLY A 310 22.55 12.47 -0.83
CA GLY A 310 23.94 12.84 -0.92
C GLY A 310 24.20 14.13 -0.18
N PHE A 311 25.42 14.24 0.34
CA PHE A 311 25.82 15.37 1.17
C PHE A 311 27.34 15.37 1.27
N GLY A 312 27.88 16.36 1.98
CA GLY A 312 29.29 16.41 2.24
C GLY A 312 29.98 17.69 1.81
N LEU A 313 29.26 18.57 1.12
CA LEU A 313 29.83 19.80 0.62
C LEU A 313 29.55 20.99 1.52
N GLY A 314 28.88 20.80 2.65
CA GLY A 314 28.59 21.91 3.53
C GLY A 314 29.82 22.38 4.27
N THR A 315 29.84 23.67 4.60
CA THR A 315 30.98 24.29 5.27
C THR A 315 30.62 24.95 6.59
N ASN A 316 29.48 25.63 6.68
CA ASN A 316 29.13 26.38 7.87
C ASN A 316 28.64 25.43 8.96
N TRP A 317 28.14 25.99 10.06
CA TRP A 317 27.78 25.18 11.22
C TRP A 317 26.52 24.36 10.97
N PHE A 318 25.51 24.95 10.32
CA PHE A 318 24.25 24.25 10.11
C PHE A 318 24.43 23.00 9.25
N GLU A 319 25.21 23.11 8.17
CA GLU A 319 25.44 21.95 7.32
C GLU A 319 26.22 20.87 8.06
N ARG A 320 27.20 21.27 8.87
CA ARG A 320 27.95 20.29 9.66
C ARG A 320 27.02 19.55 10.61
N GLU A 321 26.12 20.28 11.28
CA GLU A 321 25.19 19.63 12.20
C GLU A 321 24.23 18.72 11.45
N ILE A 322 23.82 19.12 10.25
CA ILE A 322 22.92 18.29 9.45
C ILE A 322 23.59 16.97 9.10
N GLN A 323 24.85 17.04 8.64
CA GLN A 323 25.58 15.83 8.29
C GLN A 323 25.81 14.95 9.51
N LYS A 324 26.17 15.56 10.64
CA LYS A 324 26.35 14.79 11.87
C LYS A 324 25.06 14.11 12.27
N ALA A 325 23.93 14.80 12.15
CA ALA A 325 22.64 14.21 12.50
C ALA A 325 22.30 13.04 11.60
N ILE A 326 22.54 13.18 10.29
CA ILE A 326 22.27 12.08 9.37
C ILE A 326 23.11 10.86 9.74
N LEU A 327 24.40 11.07 9.96
CA LEU A 327 25.27 9.96 10.28
C LEU A 327 24.86 9.31 11.60
N GLN A 328 24.51 10.12 12.59
CA GLN A 328 24.13 9.58 13.89
C GLN A 328 22.83 8.78 13.81
N VAL A 329 21.83 9.29 13.08
CA VAL A 329 20.56 8.56 13.02
C VAL A 329 20.75 7.26 12.25
N ARG A 330 21.61 7.25 11.23
CA ARG A 330 21.91 5.97 10.57
C ARG A 330 22.64 5.03 11.51
N ILE A 331 23.56 5.54 12.32
CA ILE A 331 24.33 4.68 13.22
C ILE A 331 23.41 4.05 14.27
N LEU A 332 22.47 4.84 14.81
CA LEU A 332 21.67 4.36 15.93
C LEU A 332 20.89 3.11 15.59
N GLY A 333 20.30 3.07 14.40
CA GLY A 333 19.56 1.91 13.94
C GLY A 333 18.10 2.22 13.70
N LEU A 334 17.31 1.16 13.55
CA LEU A 334 15.88 1.27 13.27
C LEU A 334 15.12 0.49 14.33
N GLY A 335 14.40 1.22 15.19
CA GLY A 335 13.52 0.59 16.14
C GLY A 335 14.22 0.02 17.36
N SER A 336 13.43 -0.70 18.16
CA SER A 336 13.93 -1.24 19.42
C SER A 336 15.02 -2.28 19.22
N GLU A 337 15.03 -2.95 18.07
CA GLU A 337 16.05 -3.96 17.78
C GLU A 337 17.29 -3.37 17.13
N HIS A 338 17.32 -2.06 16.89
CA HIS A 338 18.45 -1.40 16.23
C HIS A 338 18.78 -2.08 14.90
N ARG A 339 17.74 -2.41 14.13
CA ARG A 339 17.93 -3.07 12.86
C ARG A 339 18.60 -2.14 11.86
N THR A 340 19.38 -2.71 10.95
CA THR A 340 20.09 -1.94 9.94
C THR A 340 19.10 -1.36 8.94
N ALA A 341 19.23 -0.06 8.67
CA ALA A 341 18.37 0.59 7.70
C ALA A 341 18.76 0.19 6.28
N ILE A 342 17.76 0.03 5.42
CA ILE A 342 17.96 -0.31 4.02
C ILE A 342 17.94 0.93 3.14
N PHE A 343 16.91 1.76 3.29
CA PHE A 343 16.73 2.96 2.51
C PHE A 343 16.48 4.15 3.42
N PRO A 344 16.88 5.36 3.01
CA PRO A 344 17.50 5.71 1.72
C PRO A 344 18.99 5.41 1.71
N LYS A 345 19.60 5.43 0.53
CA LYS A 345 21.02 5.11 0.37
C LYS A 345 21.82 6.39 0.57
N LEU A 346 22.39 6.57 1.77
CA LEU A 346 23.24 7.72 2.00
C LEU A 346 24.51 7.61 1.18
N ILE A 347 24.97 8.74 0.65
CA ILE A 347 26.12 8.75 -0.25
C ILE A 347 27.02 9.92 0.10
N PHE A 348 28.15 9.63 0.74
CA PHE A 348 29.07 10.65 1.22
C PHE A 348 29.86 11.24 0.05
N THR A 349 30.47 12.39 0.30
CA THR A 349 31.30 13.08 -0.68
C THR A 349 32.63 13.44 -0.04
N LEU A 350 33.72 13.16 -0.75
CA LEU A 350 35.06 13.46 -0.28
C LEU A 350 35.68 14.54 -1.17
N LYS A 351 36.19 15.59 -0.54
CA LYS A 351 36.85 16.69 -1.26
C LYS A 351 38.19 16.95 -0.61
N ARG A 352 39.24 17.05 -1.44
CA ARG A 352 40.57 17.33 -0.93
C ARG A 352 40.61 18.74 -0.36
N GLY A 353 41.20 18.87 0.84
CA GLY A 353 41.27 20.15 1.50
C GLY A 353 40.02 20.55 2.26
N LEU A 354 38.97 19.72 2.24
CA LEU A 354 37.76 20.01 2.99
C LEU A 354 37.47 18.94 4.02
N ASN A 355 37.40 17.67 3.63
CA ASN A 355 37.05 16.60 4.55
C ASN A 355 37.87 15.33 4.31
N LEU A 356 39.12 15.46 3.85
CA LEU A 356 39.93 14.30 3.53
C LEU A 356 41.14 14.17 4.46
N GLU A 357 41.99 15.18 4.53
CA GLU A 357 43.20 15.10 5.33
C GLU A 357 42.90 15.34 6.80
N PRO A 358 43.77 14.88 7.70
CA PRO A 358 43.55 15.11 9.13
C PRO A 358 43.50 16.58 9.53
N ASN A 359 44.13 17.46 8.76
CA ASN A 359 44.09 18.89 9.04
C ASN A 359 42.86 19.57 8.47
N SER A 360 42.00 18.84 7.76
CA SER A 360 40.84 19.45 7.14
C SER A 360 39.83 19.89 8.21
N PRO A 361 39.05 20.93 7.92
CA PRO A 361 38.08 21.41 8.92
C PRO A 361 36.99 20.42 9.26
N ASN A 362 36.74 19.42 8.42
CA ASN A 362 35.64 18.48 8.62
C ASN A 362 36.12 17.05 8.80
N TYR A 363 37.28 16.86 9.41
CA TYR A 363 37.82 15.51 9.57
C TYR A 363 37.00 14.68 10.56
N ASP A 364 36.40 15.34 11.56
CA ASP A 364 35.55 14.61 12.51
C ASP A 364 34.35 14.01 11.80
N ILE A 365 33.77 14.75 10.86
CA ILE A 365 32.66 14.21 10.08
C ILE A 365 33.12 13.00 9.27
N LYS A 366 34.34 13.06 8.72
CA LYS A 366 34.87 11.92 7.99
C LYS A 366 35.06 10.72 8.90
N GLN A 367 35.53 10.93 10.13
CA GLN A 367 35.68 9.81 11.06
C GLN A 367 34.32 9.21 11.43
N LEU A 368 33.32 10.06 11.64
CA LEU A 368 31.97 9.56 11.90
C LEU A 368 31.46 8.75 10.72
N ALA A 369 31.71 9.23 9.50
CA ALA A 369 31.33 8.48 8.31
C ALA A 369 32.07 7.17 8.22
N LEU A 370 33.35 7.15 8.62
CA LEU A 370 34.12 5.92 8.65
C LEU A 370 33.47 4.89 9.56
N GLU A 371 33.14 5.31 10.79
CA GLU A 371 32.51 4.39 11.73
C GLU A 371 31.16 3.91 11.21
N CYS A 372 30.36 4.82 10.66
CA CYS A 372 29.04 4.45 10.18
C CYS A 372 29.13 3.49 8.99
N ALA A 373 30.07 3.71 8.09
CA ALA A 373 30.25 2.80 6.96
C ALA A 373 30.76 1.45 7.42
N THR A 374 31.64 1.44 8.43
CA THR A 374 32.12 0.18 8.98
C THR A 374 30.99 -0.63 9.59
N LYS A 375 30.10 0.02 10.33
CA LYS A 375 29.08 -0.68 11.08
C LYS A 375 27.76 -0.85 10.32
N ARG A 376 27.58 -0.21 9.16
CA ARG A 376 26.26 -0.19 8.53
C ARG A 376 26.29 -0.31 7.01
N MET A 377 27.44 -0.60 6.40
CA MET A 377 27.57 -0.78 4.95
C MET A 377 27.32 0.50 4.16
N TYR A 378 26.92 1.57 4.84
CA TYR A 378 26.61 2.85 4.23
C TYR A 378 27.25 3.94 5.07
N PRO A 379 27.60 5.08 4.47
CA PRO A 379 27.41 5.50 3.08
C PRO A 379 28.57 5.13 2.17
N ASP A 380 28.37 5.24 0.86
CA ASP A 380 29.47 5.10 -0.10
C ASP A 380 30.20 6.42 -0.20
N VAL A 381 31.18 6.51 -1.10
CA VAL A 381 32.00 7.70 -1.24
C VAL A 381 32.07 8.12 -2.69
N LEU A 382 32.31 9.41 -2.91
CA LEU A 382 32.61 9.96 -4.23
C LEU A 382 33.81 10.86 -4.11
N SER A 383 34.60 10.92 -5.18
CA SER A 383 35.74 11.82 -5.27
C SER A 383 35.33 13.05 -6.06
N TYR A 384 35.48 14.23 -5.45
CA TYR A 384 35.05 15.46 -6.11
C TYR A 384 35.81 15.67 -7.41
N ASP A 385 37.15 15.56 -7.36
CA ASP A 385 37.95 15.81 -8.55
C ASP A 385 37.77 14.73 -9.60
N LYS A 386 37.76 13.46 -9.18
CA LYS A 386 37.61 12.37 -10.14
C LYS A 386 36.26 12.46 -10.86
N ILE A 387 35.19 12.70 -10.12
CA ILE A 387 33.87 12.81 -10.74
C ILE A 387 33.80 14.05 -11.63
N ILE A 388 34.31 15.19 -11.14
CA ILE A 388 34.22 16.42 -11.91
C ILE A 388 35.06 16.35 -13.17
N GLU A 389 36.08 15.48 -13.22
CA GLU A 389 36.84 15.29 -14.44
C GLU A 389 36.29 14.19 -15.32
N LEU A 390 35.52 13.26 -14.75
CA LEU A 390 34.96 12.17 -15.54
C LEU A 390 33.67 12.57 -16.24
N THR A 391 32.78 13.25 -15.52
CA THR A 391 31.45 13.59 -16.04
C THR A 391 31.24 15.10 -16.08
N GLY A 392 32.28 15.85 -16.43
CA GLY A 392 32.13 17.28 -16.61
C GLY A 392 32.03 18.06 -15.31
N SER A 393 31.01 17.77 -14.51
CA SER A 393 30.82 18.44 -13.23
C SER A 393 30.65 17.42 -12.12
N PHE A 394 30.28 17.88 -10.92
CA PHE A 394 30.03 16.99 -9.79
C PHE A 394 28.55 16.90 -9.53
N LYS A 395 28.06 15.67 -9.37
CA LYS A 395 26.67 15.42 -9.02
C LYS A 395 26.58 14.08 -8.31
N ALA A 396 25.57 13.94 -7.46
CA ALA A 396 25.36 12.67 -6.79
C ALA A 396 24.97 11.61 -7.81
N PRO A 397 25.39 10.36 -7.62
CA PRO A 397 25.03 9.32 -8.58
C PRO A 397 23.52 9.14 -8.65
N MET A 398 23.05 8.84 -9.85
CA MET A 398 21.64 8.98 -10.17
C MET A 398 20.89 7.69 -9.87
N GLY A 399 20.00 7.73 -8.88
CA GLY A 399 19.23 6.56 -8.55
C GLY A 399 20.12 5.42 -8.08
N CYS A 400 20.01 4.27 -8.73
CA CYS A 400 20.79 3.11 -8.34
C CYS A 400 22.28 3.32 -8.61
N ARG A 401 22.63 3.50 -9.89
CA ARG A 401 24.02 3.70 -10.28
C ARG A 401 24.22 4.75 -11.36
N SER A 402 23.15 5.33 -11.90
CA SER A 402 23.30 6.17 -13.08
C SER A 402 24.06 7.45 -12.74
N PHE A 403 24.47 8.15 -13.79
CA PHE A 403 25.22 9.39 -13.68
C PHE A 403 24.75 10.35 -14.76
N LEU A 404 25.13 11.62 -14.60
CA LEU A 404 24.84 12.65 -15.57
C LEU A 404 26.15 13.19 -16.14
N GLN A 405 26.05 14.25 -16.93
CA GLN A 405 27.21 14.89 -17.52
C GLN A 405 27.06 16.40 -17.40
N GLY A 406 28.17 17.10 -17.49
CA GLY A 406 28.16 18.55 -17.40
C GLY A 406 27.24 19.20 -18.42
N TRP A 407 26.39 20.12 -17.96
CA TRP A 407 25.39 20.70 -18.83
C TRP A 407 25.05 22.11 -18.32
N LYS A 408 24.85 23.02 -19.26
CA LYS A 408 24.47 24.39 -18.97
C LYS A 408 23.28 24.78 -19.83
N ASP A 409 22.34 25.50 -19.25
CA ASP A 409 21.13 25.91 -19.96
C ASP A 409 21.45 27.15 -20.82
N GLU A 410 20.41 27.77 -21.37
CA GLU A 410 20.61 28.92 -22.25
C GLU A 410 21.21 30.10 -21.51
N ASN A 411 20.78 30.33 -20.26
CA ASN A 411 21.30 31.45 -19.48
C ASN A 411 22.76 31.29 -19.10
N GLY A 412 23.34 30.11 -19.28
CA GLY A 412 24.72 29.88 -18.97
C GLY A 412 25.01 29.41 -17.56
N VAL A 413 24.01 29.37 -16.69
CA VAL A 413 24.20 28.92 -15.32
C VAL A 413 24.12 27.39 -15.31
N GLU A 414 25.18 26.76 -14.80
CA GLU A 414 25.22 25.30 -14.75
C GLU A 414 24.20 24.79 -13.75
N VAL A 415 23.38 23.83 -14.18
CA VAL A 415 22.35 23.23 -13.33
C VAL A 415 22.54 21.72 -13.31
N ASN A 416 22.43 21.14 -12.13
CA ASN A 416 22.58 19.69 -11.95
C ASN A 416 21.29 19.03 -11.49
N SER A 417 20.70 19.50 -10.40
CA SER A 417 19.42 18.97 -9.95
C SER A 417 18.30 19.45 -10.86
N GLY A 418 17.33 18.58 -11.09
CA GLY A 418 16.23 18.86 -12.00
C GLY A 418 16.26 18.04 -13.27
N ARG A 419 17.40 17.46 -13.61
CA ARG A 419 17.50 16.62 -14.80
C ARG A 419 16.98 15.22 -14.49
N MET A 420 16.82 14.42 -15.55
CA MET A 420 16.21 13.11 -15.38
C MET A 420 16.74 12.16 -16.44
N ASN A 421 16.81 10.88 -16.08
CA ASN A 421 17.05 9.83 -17.05
C ASN A 421 15.78 9.50 -17.80
N LEU A 422 15.92 8.75 -18.89
CA LEU A 422 14.77 8.50 -19.76
C LEU A 422 14.44 7.03 -19.90
N GLY A 423 15.44 6.19 -20.19
CA GLY A 423 15.19 4.77 -20.37
C GLY A 423 16.49 4.01 -20.46
N VAL A 424 16.38 2.69 -20.35
CA VAL A 424 17.54 1.80 -20.31
C VAL A 424 17.21 0.54 -21.08
N VAL A 425 18.14 0.10 -21.93
CA VAL A 425 18.12 -1.25 -22.47
C VAL A 425 19.53 -1.83 -22.33
N THR A 426 19.60 -3.16 -22.32
CA THR A 426 20.83 -3.87 -22.04
C THR A 426 21.21 -4.78 -23.20
N LEU A 427 22.50 -4.80 -23.53
CA LEU A 427 23.04 -5.70 -24.54
C LEU A 427 23.47 -7.02 -23.92
N ASN A 428 23.49 -8.06 -24.73
CA ASN A 428 23.98 -9.37 -24.31
C ASN A 428 25.35 -9.58 -24.95
N LEU A 429 26.39 -9.06 -24.29
CA LEU A 429 27.75 -9.27 -24.77
C LEU A 429 28.16 -10.74 -24.79
N PRO A 430 27.88 -11.56 -23.76
CA PRO A 430 28.27 -12.97 -23.85
C PRO A 430 27.65 -13.72 -25.02
N ARG A 431 26.44 -13.34 -25.44
CA ARG A 431 25.88 -13.96 -26.65
C ARG A 431 26.74 -13.65 -27.86
N ILE A 432 27.19 -12.41 -27.99
CA ILE A 432 28.06 -12.05 -29.11
C ILE A 432 29.37 -12.82 -29.03
N ALA A 433 29.91 -12.97 -27.83
CA ALA A 433 31.15 -13.71 -27.66
C ALA A 433 30.98 -15.17 -28.06
N LEU A 434 29.86 -15.78 -27.67
CA LEU A 434 29.62 -17.18 -28.01
C LEU A 434 29.40 -17.37 -29.50
N GLU A 435 28.62 -16.48 -30.13
CA GLU A 435 28.42 -16.56 -31.57
C GLU A 435 29.69 -16.26 -32.34
N SER A 436 30.65 -15.56 -31.74
CA SER A 436 31.92 -15.28 -32.41
C SER A 436 32.69 -16.56 -32.68
N LYS A 437 32.66 -17.50 -31.73
CA LYS A 437 33.41 -18.76 -31.83
C LYS A 437 34.89 -18.53 -32.04
N GLY A 438 35.44 -17.53 -31.34
CA GLY A 438 36.85 -17.24 -31.40
C GLY A 438 37.29 -16.36 -32.56
N ASP A 439 36.37 -15.85 -33.36
CA ASP A 439 36.69 -15.00 -34.50
C ASP A 439 36.35 -13.55 -34.13
N GLN A 440 37.37 -12.72 -34.01
CA GLN A 440 37.16 -11.34 -33.57
C GLN A 440 36.37 -10.54 -34.60
N ASP A 441 36.65 -10.73 -35.88
CA ASP A 441 35.96 -9.95 -36.92
C ASP A 441 34.47 -10.26 -36.95
N LYS A 442 34.10 -11.54 -36.86
CA LYS A 442 32.69 -11.89 -36.77
C LYS A 442 32.07 -11.29 -35.51
N PHE A 443 32.82 -11.29 -34.41
CA PHE A 443 32.34 -10.66 -33.18
C PHE A 443 32.02 -9.20 -33.41
N TRP A 444 32.90 -8.47 -34.10
CA TRP A 444 32.65 -7.06 -34.37
C TRP A 444 31.47 -6.87 -35.30
N GLU A 445 31.28 -7.78 -36.26
CA GLU A 445 30.13 -7.68 -37.17
C GLU A 445 28.82 -7.79 -36.39
N ILE A 446 28.70 -8.84 -35.57
CA ILE A 446 27.48 -8.98 -34.77
C ILE A 446 27.37 -7.83 -33.77
N PHE A 447 28.50 -7.31 -33.30
CA PHE A 447 28.46 -6.17 -32.39
C PHE A 447 27.83 -4.95 -33.05
N GLU A 448 28.22 -4.67 -34.29
CA GLU A 448 27.63 -3.55 -35.02
C GLU A 448 26.14 -3.78 -35.28
N GLU A 449 25.77 -5.02 -35.62
CA GLU A 449 24.36 -5.32 -35.84
C GLU A 449 23.54 -5.07 -34.57
N ARG A 450 24.06 -5.53 -33.43
CA ARG A 450 23.36 -5.33 -32.17
C ARG A 450 23.33 -3.85 -31.77
N MET A 451 24.39 -3.10 -32.09
CA MET A 451 24.35 -1.66 -31.85
C MET A 451 23.25 -0.99 -32.65
N GLY A 452 23.07 -1.39 -33.91
CA GLY A 452 21.97 -0.83 -34.69
C GLY A 452 20.62 -1.17 -34.11
N ILE A 453 20.44 -2.43 -33.69
CA ILE A 453 19.17 -2.82 -33.06
C ILE A 453 18.92 -2.00 -31.80
N ALA A 454 19.95 -1.84 -30.97
CA ALA A 454 19.81 -1.09 -29.73
C ALA A 454 19.50 0.38 -30.01
N LYS A 455 20.12 0.96 -31.03
CA LYS A 455 19.82 2.35 -31.38
C LYS A 455 18.35 2.50 -31.78
N ASP A 456 17.85 1.57 -32.59
CA ASP A 456 16.43 1.61 -32.94
C ASP A 456 15.55 1.53 -31.69
N ALA A 457 15.89 0.62 -30.77
CA ALA A 457 15.12 0.47 -29.54
C ALA A 457 15.14 1.76 -28.72
N LEU A 458 16.32 2.37 -28.58
CA LEU A 458 16.46 3.56 -27.77
C LEU A 458 15.67 4.72 -28.35
N VAL A 459 15.74 4.89 -29.68
CA VAL A 459 14.99 5.95 -30.33
C VAL A 459 13.50 5.74 -30.14
N TYR A 460 13.03 4.50 -30.27
CA TYR A 460 11.60 4.24 -30.05
C TYR A 460 11.20 4.57 -28.62
N ARG A 461 12.03 4.18 -27.64
CA ARG A 461 11.69 4.44 -26.25
C ARG A 461 11.62 5.94 -25.97
N VAL A 462 12.58 6.69 -26.49
CA VAL A 462 12.55 8.15 -26.30
C VAL A 462 11.32 8.76 -26.95
N GLU A 463 11.00 8.31 -28.17
CA GLU A 463 9.82 8.84 -28.86
C GLU A 463 8.55 8.54 -28.10
N ARG A 464 8.44 7.32 -27.55
CA ARG A 464 7.26 6.97 -26.76
C ARG A 464 7.15 7.83 -25.51
N VAL A 465 8.29 8.05 -24.82
CA VAL A 465 8.25 8.87 -23.62
C VAL A 465 7.83 10.29 -23.95
N LYS A 466 8.27 10.80 -25.10
CA LYS A 466 7.93 12.16 -25.50
C LYS A 466 6.43 12.36 -25.70
N GLU A 467 5.66 11.28 -25.78
CA GLU A 467 4.21 11.36 -25.98
C GLU A 467 3.45 11.68 -24.70
N ALA A 468 4.15 11.84 -23.57
CA ALA A 468 3.50 12.13 -22.31
C ALA A 468 2.90 13.55 -22.33
N THR A 469 2.14 13.85 -21.28
CA THR A 469 1.48 15.13 -21.12
C THR A 469 1.76 15.64 -19.71
N PRO A 470 1.95 16.95 -19.53
CA PRO A 470 2.20 17.47 -18.17
C PRO A 470 1.12 17.12 -17.18
N ALA A 471 -0.14 17.01 -17.62
CA ALA A 471 -1.22 16.64 -16.72
C ALA A 471 -1.16 15.17 -16.29
N ASN A 472 -0.32 14.35 -16.94
CA ASN A 472 -0.20 12.96 -16.56
C ASN A 472 0.39 12.80 -15.17
N ALA A 473 1.33 13.67 -14.79
CA ALA A 473 1.94 13.63 -13.47
C ALA A 473 2.29 15.06 -13.07
N PRO A 474 1.35 15.77 -12.44
CA PRO A 474 1.61 17.18 -12.10
C PRO A 474 2.76 17.37 -11.13
N ILE A 475 3.12 16.34 -10.38
CA ILE A 475 4.25 16.46 -9.46
C ILE A 475 5.54 16.68 -10.24
N LEU A 476 5.71 15.98 -11.35
CA LEU A 476 6.97 16.01 -12.10
C LEU A 476 7.02 17.16 -13.10
N TYR A 477 6.08 17.19 -14.05
CA TYR A 477 6.15 18.12 -15.16
C TYR A 477 5.51 19.47 -14.88
N GLN A 478 4.79 19.62 -13.78
CA GLN A 478 4.00 20.82 -13.54
C GLN A 478 4.38 21.61 -12.31
N TYR A 479 5.12 21.03 -11.36
CA TYR A 479 5.38 21.69 -10.09
C TYR A 479 6.86 21.61 -9.71
N GLY A 480 7.73 21.86 -10.67
CA GLY A 480 9.12 22.15 -10.38
C GLY A 480 10.03 20.97 -10.09
N ALA A 481 9.50 19.74 -10.07
CA ALA A 481 10.34 18.60 -9.79
C ALA A 481 11.34 18.31 -10.90
N PHE A 482 11.18 18.92 -12.07
CA PHE A 482 12.11 18.78 -13.18
C PHE A 482 12.86 20.06 -13.48
N GLY A 483 12.82 21.05 -12.58
CA GLY A 483 13.38 22.35 -12.89
C GLY A 483 12.33 23.32 -13.34
N GLN A 484 12.19 23.50 -14.65
CA GLN A 484 11.19 24.40 -15.20
C GLN A 484 9.78 23.91 -14.84
N ARG A 485 8.85 24.87 -14.76
CA ARG A 485 7.44 24.60 -14.52
C ARG A 485 6.66 24.91 -15.78
N LEU A 486 5.86 23.94 -16.24
CA LEU A 486 5.12 24.08 -17.48
C LEU A 486 3.62 24.01 -17.20
N ARG A 487 2.85 24.68 -18.05
CA ARG A 487 1.40 24.61 -17.97
C ARG A 487 0.89 23.37 -18.68
N LYS A 488 -0.43 23.13 -18.55
CA LYS A 488 -1.02 21.94 -19.16
C LYS A 488 -0.91 21.99 -20.68
N CYS A 489 -1.12 23.17 -21.28
CA CYS A 489 -1.08 23.32 -22.73
C CYS A 489 0.36 23.58 -23.20
N ASP A 490 1.21 22.57 -22.97
CA ASP A 490 2.61 22.66 -23.37
C ASP A 490 3.14 21.25 -23.53
N SER A 491 4.21 21.13 -24.32
CA SER A 491 4.82 19.84 -24.60
C SER A 491 5.96 19.56 -23.62
N VAL A 492 6.13 18.28 -23.31
CA VAL A 492 7.15 17.87 -22.35
C VAL A 492 8.56 17.93 -22.95
N ASP A 493 8.68 18.03 -24.28
CA ASP A 493 9.99 18.00 -24.92
C ASP A 493 10.89 19.14 -24.46
N GLN A 494 10.32 20.22 -23.91
CA GLN A 494 11.15 21.31 -23.41
C GLN A 494 12.04 20.87 -22.26
N LEU A 495 11.63 19.85 -21.51
CA LEU A 495 12.43 19.35 -20.40
C LEU A 495 13.35 18.20 -20.80
N PHE A 496 13.41 17.83 -22.07
CA PHE A 496 14.21 16.71 -22.52
C PHE A 496 15.23 17.08 -23.58
N LYS A 497 14.89 18.00 -24.49
CA LYS A 497 15.76 18.28 -25.63
C LYS A 497 17.00 19.05 -25.19
N HIS A 498 17.85 19.36 -26.18
CA HIS A 498 19.12 20.04 -25.94
C HIS A 498 19.99 19.28 -24.94
N ARG A 499 20.00 17.95 -25.07
CA ARG A 499 20.81 17.05 -24.25
C ARG A 499 20.53 17.21 -22.76
N ARG A 500 19.36 17.74 -22.39
CA ARG A 500 19.04 17.91 -20.98
C ARG A 500 18.77 16.57 -20.31
N ALA A 501 17.96 15.72 -20.94
CA ALA A 501 17.59 14.43 -20.37
C ALA A 501 18.57 13.37 -20.85
N THR A 502 19.26 12.73 -19.92
CA THR A 502 20.20 11.68 -20.27
C THR A 502 19.45 10.42 -20.70
N VAL A 503 20.06 9.71 -21.65
CA VAL A 503 19.51 8.47 -22.18
C VAL A 503 20.65 7.47 -22.27
N SER A 504 20.47 6.30 -21.66
CA SER A 504 21.60 5.40 -21.43
C SER A 504 21.37 4.03 -22.06
N LEU A 505 22.48 3.42 -22.46
CA LEU A 505 22.50 2.08 -23.06
C LEU A 505 23.31 1.16 -22.16
N GLY A 506 22.76 -0.02 -21.87
CA GLY A 506 23.36 -0.93 -20.93
C GLY A 506 24.20 -2.03 -21.56
N TYR A 507 25.11 -2.57 -20.76
CA TYR A 507 25.97 -3.67 -21.17
C TYR A 507 26.37 -4.45 -19.93
N ILE A 508 26.73 -5.71 -20.14
CA ILE A 508 27.03 -6.61 -19.03
C ILE A 508 27.88 -7.77 -19.54
N GLY A 509 28.89 -8.14 -18.76
CA GLY A 509 29.64 -9.35 -19.02
C GLY A 509 30.93 -9.15 -19.81
N LEU A 510 31.70 -8.13 -19.48
CA LEU A 510 32.99 -7.92 -20.14
C LEU A 510 33.95 -9.06 -19.80
N TYR A 511 33.93 -9.52 -18.55
CA TYR A 511 34.83 -10.60 -18.16
C TYR A 511 34.55 -11.87 -18.95
N GLU A 512 33.27 -12.19 -19.16
CA GLU A 512 32.93 -13.39 -19.90
C GLU A 512 33.38 -13.32 -21.35
N VAL A 513 33.16 -12.17 -22.01
CA VAL A 513 33.57 -12.06 -23.40
C VAL A 513 35.09 -12.04 -23.53
N ALA A 514 35.80 -11.54 -22.51
CA ALA A 514 37.24 -11.60 -22.55
C ALA A 514 37.74 -13.02 -22.31
N SER A 515 37.06 -13.77 -21.43
CA SER A 515 37.51 -15.12 -21.11
C SER A 515 37.18 -16.10 -22.24
N VAL A 516 36.16 -15.80 -23.03
CA VAL A 516 35.85 -16.65 -24.19
C VAL A 516 37.04 -16.66 -25.14
N PHE A 517 37.71 -15.53 -25.30
CA PHE A 517 38.80 -15.41 -26.26
C PHE A 517 40.15 -15.75 -25.65
N TYR A 518 40.45 -15.24 -24.45
CA TYR A 518 41.79 -15.33 -23.89
C TYR A 518 41.85 -16.18 -22.63
N GLY A 519 40.84 -17.00 -22.38
CA GLY A 519 40.83 -17.87 -21.23
C GLY A 519 40.40 -17.16 -19.95
N SER A 520 40.15 -17.97 -18.92
CA SER A 520 39.60 -17.47 -17.67
C SER A 520 40.65 -16.88 -16.73
N ASP A 521 41.85 -16.61 -17.21
CA ASP A 521 42.92 -16.02 -16.40
C ASP A 521 43.60 -14.90 -17.18
N TRP A 522 42.79 -14.03 -17.77
CA TRP A 522 43.29 -12.98 -18.64
C TRP A 522 43.62 -11.69 -17.90
N GLU A 523 43.46 -11.66 -16.58
CA GLU A 523 43.66 -10.42 -15.85
C GLU A 523 45.09 -9.91 -15.95
N THR A 524 46.04 -10.81 -16.18
CA THR A 524 47.44 -10.43 -16.34
C THR A 524 47.86 -10.32 -17.80
N ASN A 525 46.91 -10.39 -18.72
CA ASN A 525 47.20 -10.31 -20.15
C ASN A 525 46.84 -8.92 -20.65
N LEU A 526 47.82 -8.21 -21.21
CA LEU A 526 47.60 -6.86 -21.69
C LEU A 526 46.66 -6.85 -22.90
N GLU A 527 46.77 -7.88 -23.75
CA GLU A 527 45.96 -7.91 -24.97
C GLU A 527 44.47 -8.01 -24.65
N ALA A 528 44.09 -8.85 -23.70
CA ALA A 528 42.67 -8.98 -23.35
C ALA A 528 42.12 -7.69 -22.74
N LYS A 529 42.90 -7.05 -21.88
CA LYS A 529 42.47 -5.77 -21.32
C LYS A 529 42.30 -4.73 -22.41
N THR A 530 43.22 -4.70 -23.37
CA THR A 530 43.10 -3.78 -24.49
C THR A 530 41.84 -4.09 -25.31
N PHE A 531 41.52 -5.37 -25.47
CA PHE A 531 40.32 -5.74 -26.21
C PHE A 531 39.06 -5.25 -25.50
N THR A 532 38.99 -5.44 -24.18
CA THR A 532 37.84 -4.96 -23.43
C THR A 532 37.73 -3.44 -23.49
N LEU A 533 38.86 -2.75 -23.33
CA LEU A 533 38.84 -1.29 -23.43
C LEU A 533 38.43 -0.83 -24.81
N ASN A 534 38.81 -1.57 -25.86
CA ASN A 534 38.39 -1.23 -27.21
C ASN A 534 36.89 -1.43 -27.37
N ILE A 535 36.34 -2.46 -26.75
CA ILE A 535 34.88 -2.65 -26.75
C ILE A 535 34.20 -1.43 -26.13
N VAL A 536 34.71 -1.01 -24.97
CA VAL A 536 34.12 0.13 -24.28
C VAL A 536 34.25 1.40 -25.13
N LYS A 537 35.41 1.58 -25.76
CA LYS A 537 35.62 2.76 -26.59
C LYS A 537 34.68 2.78 -27.79
N ALA A 538 34.47 1.62 -28.41
CA ALA A 538 33.53 1.55 -29.54
C ALA A 538 32.12 1.90 -29.08
N MET A 539 31.71 1.39 -27.92
CA MET A 539 30.39 1.74 -27.40
C MET A 539 30.30 3.24 -27.14
N LYS A 540 31.35 3.83 -26.57
CA LYS A 540 31.34 5.27 -26.29
C LYS A 540 31.26 6.08 -27.57
N ASN A 541 32.00 5.69 -28.60
CA ASN A 541 31.96 6.43 -29.86
C ASN A 541 30.59 6.33 -30.52
N ALA A 542 29.99 5.13 -30.49
CA ALA A 542 28.64 4.98 -31.03
C ALA A 542 27.64 5.86 -30.26
N CYS A 543 27.77 5.89 -28.93
CA CYS A 543 26.89 6.73 -28.14
C CYS A 543 27.08 8.21 -28.48
N GLU A 544 28.32 8.63 -28.67
CA GLU A 544 28.58 10.03 -29.02
C GLU A 544 27.96 10.37 -30.37
N SER A 545 28.10 9.49 -31.36
CA SER A 545 27.48 9.75 -32.66
C SER A 545 25.97 9.82 -32.56
N TRP A 546 25.37 8.91 -31.80
CA TRP A 546 23.92 8.92 -31.62
C TRP A 546 23.46 10.19 -30.93
N SER A 547 24.20 10.64 -29.91
CA SER A 547 23.84 11.86 -29.22
C SER A 547 23.95 13.07 -30.13
N ASP A 548 24.98 13.11 -30.98
CA ASP A 548 25.10 14.20 -31.94
C ASP A 548 23.92 14.20 -32.91
N GLU A 549 23.50 13.01 -33.36
CA GLU A 549 22.44 12.96 -34.37
C GLU A 549 21.08 13.33 -33.77
N TYR A 550 20.73 12.75 -32.62
CA TYR A 550 19.37 12.84 -32.11
C TYR A 550 19.17 13.91 -31.04
N ASP A 551 20.22 14.66 -30.67
CA ASP A 551 20.12 15.74 -29.70
C ASP A 551 19.64 15.27 -28.33
N TYR A 552 19.96 14.03 -27.97
CA TYR A 552 19.75 13.51 -26.63
C TYR A 552 21.05 12.86 -26.17
N HIS A 553 21.43 13.11 -24.92
CA HIS A 553 22.71 12.61 -24.42
C HIS A 553 22.66 11.10 -24.29
N PHE A 554 23.30 10.40 -25.22
CA PHE A 554 23.42 8.95 -25.16
C PHE A 554 24.74 8.58 -24.49
N SER A 555 24.67 7.77 -23.44
CA SER A 555 25.86 7.39 -22.68
C SER A 555 25.80 5.92 -22.33
N VAL A 556 26.91 5.22 -22.50
CA VAL A 556 26.98 3.82 -22.09
C VAL A 556 26.89 3.74 -20.57
N TYR A 557 26.20 2.71 -20.09
CA TYR A 557 25.80 2.64 -18.69
C TYR A 557 25.95 1.20 -18.20
N SER A 558 26.80 1.02 -17.19
CA SER A 558 27.03 -0.31 -16.62
C SER A 558 25.80 -0.73 -15.84
N THR A 559 24.93 -1.50 -16.46
CA THR A 559 23.64 -1.81 -15.87
C THR A 559 23.81 -2.71 -14.66
N PRO A 560 23.01 -2.51 -13.61
CA PRO A 560 23.06 -3.42 -12.47
C PRO A 560 22.22 -4.66 -12.72
N SER A 561 22.76 -5.82 -12.33
CA SER A 561 22.11 -7.10 -12.57
C SER A 561 21.04 -7.34 -11.49
N GLU A 562 20.02 -6.48 -11.51
CA GLU A 562 18.92 -6.66 -10.59
C GLU A 562 18.09 -7.89 -10.95
N SER A 563 17.84 -8.09 -12.25
CA SER A 563 17.23 -9.31 -12.73
C SER A 563 17.81 -9.78 -14.05
N LEU A 564 18.82 -9.09 -14.59
CA LEU A 564 19.35 -9.44 -15.90
C LEU A 564 19.99 -10.82 -15.88
N THR A 565 20.91 -11.05 -14.93
CA THR A 565 21.58 -12.33 -14.87
C THR A 565 20.64 -13.46 -14.48
N ASP A 566 19.48 -13.14 -13.90
CA ASP A 566 18.45 -14.14 -13.65
C ASP A 566 17.69 -14.51 -14.92
N ARG A 567 17.81 -13.71 -15.97
CA ARG A 567 17.15 -13.96 -17.25
C ARG A 567 18.13 -14.11 -18.40
N PHE A 568 19.17 -13.30 -18.43
CA PHE A 568 20.16 -13.38 -19.51
C PHE A 568 20.87 -14.73 -19.51
N CYS A 569 21.27 -15.20 -18.33
CA CYS A 569 22.04 -16.45 -18.26
C CYS A 569 21.16 -17.66 -18.58
N ARG A 570 19.94 -17.68 -18.05
CA ARG A 570 19.06 -18.84 -18.27
C ARG A 570 18.72 -18.97 -19.75
N LEU A 571 18.42 -17.87 -20.43
CA LEU A 571 18.11 -17.93 -21.85
C LEU A 571 19.34 -18.29 -22.67
N ASP A 572 20.54 -17.93 -22.19
CA ASP A 572 21.76 -18.27 -22.91
C ASP A 572 22.13 -19.73 -22.73
N THR A 573 21.88 -20.29 -21.54
CA THR A 573 22.27 -21.68 -21.30
C THR A 573 21.39 -22.67 -22.05
N GLU A 574 20.19 -22.26 -22.46
CA GLU A 574 19.36 -23.15 -23.27
C GLU A 574 19.86 -23.22 -24.70
N LYS A 575 20.26 -22.08 -25.26
CA LYS A 575 20.69 -22.04 -26.66
C LYS A 575 22.10 -22.59 -26.85
N PHE A 576 22.98 -22.42 -25.87
CA PHE A 576 24.38 -22.79 -26.03
C PHE A 576 24.85 -23.87 -25.07
N GLY A 577 24.04 -24.28 -24.10
CA GLY A 577 24.44 -25.32 -23.18
C GLY A 577 25.43 -24.81 -22.15
N VAL A 578 25.95 -25.76 -21.37
CA VAL A 578 26.90 -25.45 -20.31
C VAL A 578 28.27 -25.22 -20.95
N VAL A 579 28.87 -24.07 -20.67
CA VAL A 579 30.17 -23.70 -21.22
C VAL A 579 31.16 -23.54 -20.07
N THR A 580 32.44 -23.68 -20.41
CA THR A 580 33.50 -23.65 -19.40
C THR A 580 33.69 -22.24 -18.89
N ASP A 581 33.20 -21.99 -17.68
CA ASP A 581 33.32 -20.70 -16.98
C ASP A 581 32.75 -19.62 -17.89
N ILE A 582 31.52 -19.85 -18.35
CA ILE A 582 30.71 -18.83 -18.99
C ILE A 582 29.31 -18.88 -18.38
N THR A 583 28.70 -20.06 -18.40
CA THR A 583 27.35 -20.26 -17.90
C THR A 583 27.24 -21.33 -16.84
N ASP A 584 28.31 -22.09 -16.57
CA ASP A 584 28.26 -23.08 -15.50
C ASP A 584 28.07 -22.42 -14.14
N LYS A 585 28.55 -21.19 -13.98
CA LYS A 585 28.36 -20.44 -12.74
C LYS A 585 26.92 -20.00 -12.54
N GLU A 586 26.06 -20.14 -13.56
CA GLU A 586 24.64 -19.81 -13.48
C GLU A 586 24.39 -18.33 -13.22
N TYR A 587 25.33 -17.48 -13.62
CA TYR A 587 25.12 -16.03 -13.56
C TYR A 587 26.10 -15.37 -14.53
N TYR A 588 26.00 -14.05 -14.64
CA TYR A 588 26.89 -13.26 -15.48
C TYR A 588 27.60 -12.22 -14.62
N THR A 589 28.89 -12.03 -14.89
CA THR A 589 29.65 -11.03 -14.16
C THR A 589 29.10 -9.64 -14.47
N ASN A 590 28.97 -8.83 -13.43
CA ASN A 590 28.27 -7.56 -13.51
C ASN A 590 29.18 -6.51 -14.17
N SER A 591 28.97 -6.28 -15.46
CA SER A 591 29.63 -5.21 -16.22
C SER A 591 31.14 -5.48 -16.21
N PHE A 592 31.97 -4.50 -15.89
CA PHE A 592 33.42 -4.62 -15.98
C PHE A 592 34.07 -5.03 -14.67
N HIS A 593 33.28 -5.40 -13.67
CA HIS A 593 33.84 -5.71 -12.35
C HIS A 593 34.79 -6.89 -12.45
N TYR A 594 35.81 -6.86 -11.58
CA TYR A 594 36.75 -7.97 -11.48
C TYR A 594 35.99 -9.27 -11.20
N ASP A 595 36.60 -10.39 -11.58
CA ASP A 595 35.97 -11.68 -11.38
C ASP A 595 35.65 -11.89 -9.90
N VAL A 596 34.40 -12.21 -9.61
CA VAL A 596 33.97 -12.37 -8.23
C VAL A 596 34.65 -13.56 -7.57
N ARG A 597 34.88 -14.63 -8.33
CA ARG A 597 35.46 -15.84 -7.74
C ARG A 597 36.86 -15.60 -7.23
N LYS A 598 37.67 -14.84 -7.97
CA LYS A 598 39.00 -14.50 -7.50
C LYS A 598 38.92 -13.48 -6.36
N ASN A 599 39.95 -13.48 -5.52
CA ASN A 599 40.01 -12.60 -4.35
C ASN A 599 41.33 -11.84 -4.32
N PRO A 600 41.45 -10.80 -5.14
CA PRO A 600 42.63 -9.94 -5.07
C PRO A 600 42.49 -8.85 -4.03
N THR A 601 43.62 -8.40 -3.52
CA THR A 601 43.62 -7.31 -2.57
C THR A 601 43.07 -6.05 -3.23
N PRO A 602 42.32 -5.21 -2.49
CA PRO A 602 41.55 -4.14 -3.15
C PRO A 602 42.40 -3.15 -3.93
N PHE A 603 43.67 -2.98 -3.58
CA PHE A 603 44.50 -2.01 -4.30
C PHE A 603 44.65 -2.41 -5.76
N GLU A 604 45.05 -3.66 -6.02
CA GLU A 604 45.16 -4.12 -7.41
C GLU A 604 43.80 -4.18 -8.10
N LYS A 605 42.75 -4.53 -7.37
CA LYS A 605 41.41 -4.57 -7.96
C LYS A 605 41.01 -3.19 -8.46
N LEU A 606 41.23 -2.15 -7.65
CA LEU A 606 40.90 -0.80 -8.07
C LEU A 606 41.82 -0.33 -9.18
N GLU A 607 43.10 -0.69 -9.12
CA GLU A 607 44.02 -0.33 -10.19
C GLU A 607 43.58 -0.92 -11.51
N PHE A 608 43.10 -2.17 -11.49
CA PHE A 608 42.61 -2.81 -12.70
C PHE A 608 41.32 -2.17 -13.19
N GLU A 609 40.40 -1.86 -12.26
CA GLU A 609 39.08 -1.39 -12.64
C GLU A 609 39.03 0.10 -12.96
N LYS A 610 40.06 0.87 -12.62
CA LYS A 610 40.00 2.31 -12.85
C LYS A 610 40.00 2.70 -14.32
N ASP A 611 40.44 1.80 -15.21
CA ASP A 611 40.58 2.16 -16.61
C ASP A 611 39.24 2.25 -17.34
N TYR A 612 38.27 1.41 -16.97
CA TYR A 612 37.02 1.36 -17.72
C TYR A 612 36.22 2.65 -17.66
N PRO A 613 35.97 3.26 -16.50
CA PRO A 613 35.26 4.55 -16.52
C PRO A 613 35.98 5.64 -17.28
N GLU A 614 37.31 5.64 -17.26
CA GLU A 614 38.07 6.64 -18.02
C GLU A 614 37.90 6.42 -19.52
N ALA A 615 37.79 5.16 -19.94
CA ALA A 615 37.69 4.84 -21.37
C ALA A 615 36.39 5.37 -21.97
N GLY A 616 35.37 5.61 -21.18
CA GLY A 616 34.11 6.10 -21.72
C GLY A 616 32.87 5.58 -21.03
N ALA A 617 33.04 4.62 -20.11
CA ALA A 617 31.92 4.06 -19.36
C ALA A 617 31.53 4.98 -18.20
N THR A 618 31.22 6.23 -18.57
CA THR A 618 30.95 7.29 -17.60
C THR A 618 29.47 7.47 -17.31
N GLY A 619 28.59 6.73 -17.97
CA GLY A 619 27.16 6.91 -17.75
C GLY A 619 26.68 6.38 -16.42
N GLY A 620 27.38 5.40 -15.85
CA GLY A 620 27.00 4.86 -14.56
C GLY A 620 27.92 3.72 -14.15
N PHE A 621 28.37 3.74 -12.91
CA PHE A 621 29.34 2.75 -12.44
C PHE A 621 29.40 2.81 -10.92
N ILE A 622 29.94 1.74 -10.33
CA ILE A 622 30.22 1.69 -8.90
C ILE A 622 31.19 0.55 -8.68
N HIS A 623 32.16 0.77 -7.80
CA HIS A 623 33.21 -0.20 -7.52
C HIS A 623 32.99 -0.79 -6.15
N TYR A 624 32.79 -2.11 -6.10
CA TYR A 624 32.58 -2.79 -4.84
C TYR A 624 33.92 -3.12 -4.18
N CYS A 625 33.84 -3.50 -2.90
CA CYS A 625 35.05 -3.80 -2.12
C CYS A 625 34.64 -4.64 -0.93
N GLU A 626 35.20 -5.84 -0.83
CA GLU A 626 34.79 -6.81 0.18
C GLU A 626 35.80 -6.83 1.33
N TYR A 627 35.29 -6.81 2.55
CA TYR A 627 36.12 -6.79 3.75
C TYR A 627 35.58 -7.80 4.75
N PRO A 628 36.40 -8.26 5.68
CA PRO A 628 35.87 -9.02 6.82
C PRO A 628 35.33 -8.08 7.89
N VAL A 629 34.93 -8.62 9.03
CA VAL A 629 34.39 -7.79 10.11
C VAL A 629 35.52 -6.94 10.66
N LEU A 630 35.45 -5.63 10.43
CA LEU A 630 36.45 -4.68 10.89
C LEU A 630 35.80 -3.59 11.75
N GLN A 631 34.90 -4.00 12.65
CA GLN A 631 34.19 -3.03 13.47
C GLN A 631 35.14 -2.23 14.35
N GLN A 632 36.14 -2.90 14.94
CA GLN A 632 37.14 -2.24 15.77
C GLN A 632 38.39 -1.88 14.97
N ASN A 633 38.25 -1.67 13.66
CA ASN A 633 39.39 -1.32 12.83
C ASN A 633 38.95 -0.55 11.59
N PRO A 634 38.62 0.73 11.71
CA PRO A 634 38.29 1.53 10.53
C PRO A 634 39.49 2.09 9.80
N LYS A 635 40.70 1.87 10.32
CA LYS A 635 41.89 2.43 9.69
C LYS A 635 42.12 1.84 8.30
N ALA A 636 41.83 0.55 8.13
CA ALA A 636 41.96 -0.05 6.82
C ALA A 636 41.01 0.58 5.82
N LEU A 637 39.76 0.81 6.22
CA LEU A 637 38.80 1.46 5.33
C LEU A 637 39.24 2.88 5.01
N GLU A 638 39.77 3.60 5.99
CA GLU A 638 40.26 4.96 5.74
C GLU A 638 41.41 4.93 4.74
N ALA A 639 42.33 3.98 4.90
CA ALA A 639 43.43 3.87 3.96
C ALA A 639 42.95 3.55 2.55
N VAL A 640 41.95 2.66 2.44
CA VAL A 640 41.41 2.33 1.13
C VAL A 640 40.77 3.55 0.49
N TRP A 641 39.98 4.30 1.26
CA TRP A 641 39.33 5.49 0.72
C TRP A 641 40.37 6.52 0.27
N ASP A 642 41.40 6.73 1.08
CA ASP A 642 42.44 7.69 0.71
C ASP A 642 43.17 7.25 -0.56
N PHE A 643 43.46 5.95 -0.67
CA PHE A 643 44.12 5.44 -1.87
C PHE A 643 43.23 5.58 -3.10
N ALA A 644 41.92 5.33 -2.94
CA ALA A 644 41.01 5.33 -4.06
C ALA A 644 40.47 6.71 -4.41
N TYR A 645 40.77 7.73 -3.62
CA TYR A 645 40.26 9.07 -3.91
C TYR A 645 40.75 9.57 -5.27
N ASP A 646 42.04 9.38 -5.56
CA ASP A 646 42.59 9.90 -6.80
C ASP A 646 42.23 9.05 -8.02
N ARG A 647 42.10 7.74 -7.84
CA ARG A 647 41.88 6.84 -8.97
C ARG A 647 40.41 6.58 -9.24
N VAL A 648 39.69 6.08 -8.25
CA VAL A 648 38.29 5.69 -8.42
C VAL A 648 37.40 6.86 -8.01
N GLY A 649 36.32 7.06 -8.75
CA GLY A 649 35.37 8.12 -8.48
C GLY A 649 34.14 7.72 -7.69
N TYR A 650 33.96 6.43 -7.41
CA TYR A 650 32.77 5.96 -6.69
C TYR A 650 33.09 4.60 -6.12
N LEU A 651 33.07 4.49 -4.78
CA LEU A 651 33.43 3.25 -4.10
C LEU A 651 32.35 2.89 -3.10
N GLY A 652 32.01 1.61 -3.05
CA GLY A 652 31.08 1.09 -2.06
C GLY A 652 31.66 -0.09 -1.31
N THR A 653 31.65 -0.02 0.02
CA THR A 653 32.27 -1.04 0.86
C THR A 653 31.21 -1.99 1.40
N ASN A 654 31.47 -3.29 1.28
CA ASN A 654 30.61 -4.32 1.83
C ASN A 654 31.35 -5.02 2.96
N THR A 655 30.74 -5.05 4.15
CA THR A 655 31.31 -5.71 5.29
C THR A 655 30.19 -6.47 6.01
N PRO A 656 30.41 -7.73 6.37
CA PRO A 656 29.32 -8.53 6.95
C PRO A 656 28.81 -7.96 8.27
N ILE A 657 27.56 -7.52 8.28
CA ILE A 657 26.93 -6.94 9.44
C ILE A 657 25.66 -7.69 9.84
N ASP A 658 25.50 -8.91 9.33
CA ASP A 658 24.33 -9.70 9.66
C ASP A 658 24.31 -10.04 11.14
N LYS A 659 23.11 -10.14 11.69
CA LYS A 659 22.96 -10.41 13.12
C LYS A 659 21.62 -11.09 13.36
N CYS A 660 21.62 -12.12 14.20
CA CYS A 660 20.41 -12.79 14.63
C CYS A 660 20.29 -12.69 16.14
N TYR A 661 19.06 -12.57 16.63
CA TYR A 661 18.82 -12.26 18.03
C TYR A 661 18.49 -13.47 18.89
N LYS A 662 18.19 -14.63 18.28
CA LYS A 662 17.91 -15.82 19.08
C LYS A 662 19.15 -16.27 19.84
N CYS A 663 20.31 -16.25 19.20
CA CYS A 663 21.56 -16.62 19.83
C CYS A 663 22.52 -15.45 20.00
N ASP A 664 22.13 -14.26 19.54
CA ASP A 664 22.91 -13.04 19.71
C ASP A 664 24.31 -13.17 19.11
N PHE A 665 24.34 -13.46 17.81
CA PHE A 665 25.57 -13.53 17.04
C PHE A 665 25.51 -12.54 15.89
N GLU A 666 26.62 -11.83 15.66
CA GLU A 666 26.71 -10.90 14.55
C GLU A 666 28.01 -11.13 13.80
N GLY A 667 27.95 -11.00 12.48
CA GLY A 667 29.08 -11.28 11.62
C GLY A 667 28.65 -11.61 10.21
N ASP A 668 29.13 -12.73 9.68
CA ASP A 668 28.77 -13.19 8.35
C ASP A 668 27.84 -14.39 8.44
N PHE A 669 27.20 -14.70 7.31
CA PHE A 669 26.24 -15.79 7.21
C PHE A 669 26.65 -16.76 6.11
N THR A 670 26.33 -18.03 6.32
CA THR A 670 26.61 -19.05 5.32
C THR A 670 25.47 -19.12 4.32
N PRO A 671 25.71 -18.84 3.05
CA PRO A 671 24.61 -18.81 2.05
C PRO A 671 24.11 -20.18 1.64
N THR A 672 23.20 -20.73 2.45
CA THR A 672 22.56 -21.99 2.10
C THR A 672 21.70 -21.81 0.85
N GLU A 673 21.27 -22.94 0.29
CA GLU A 673 20.52 -22.90 -0.97
C GLU A 673 19.21 -22.15 -0.82
N ARG A 674 18.50 -22.37 0.29
CA ARG A 674 17.23 -21.69 0.54
C ARG A 674 17.44 -20.43 1.37
N GLY A 675 18.28 -19.54 0.86
CA GLY A 675 18.49 -18.26 1.51
C GLY A 675 19.73 -18.17 2.38
N PHE A 676 19.53 -17.97 3.68
CA PHE A 676 20.63 -17.79 4.60
C PHE A 676 20.26 -18.39 5.95
N MET A 677 21.28 -18.62 6.78
CA MET A 677 21.07 -19.18 8.11
C MET A 677 22.21 -18.77 9.01
N CYS A 678 21.94 -18.74 10.31
CA CYS A 678 22.98 -18.43 11.29
C CYS A 678 23.94 -19.61 11.40
N PRO A 679 25.25 -19.38 11.32
CA PRO A 679 26.19 -20.51 11.41
C PRO A 679 26.18 -21.22 12.75
N ASN A 680 25.68 -20.59 13.81
CA ASN A 680 25.70 -21.20 15.14
C ASN A 680 24.40 -21.92 15.47
N CYS A 681 23.28 -21.20 15.49
CA CYS A 681 22.00 -21.79 15.88
C CYS A 681 21.14 -22.23 14.70
N GLY A 682 21.54 -21.92 13.47
CA GLY A 682 20.78 -22.33 12.31
C GLY A 682 19.46 -21.61 12.13
N ASN A 683 19.31 -20.42 12.71
CA ASN A 683 18.06 -19.69 12.60
C ASN A 683 17.84 -19.17 11.18
N THR A 684 16.58 -19.08 10.79
CA THR A 684 16.20 -18.60 9.46
C THR A 684 15.06 -17.59 9.47
N ASP A 685 14.21 -17.58 10.49
CA ASP A 685 13.00 -16.77 10.45
C ASP A 685 13.36 -15.28 10.38
N PRO A 686 12.78 -14.53 9.43
CA PRO A 686 13.10 -13.10 9.34
C PRO A 686 12.67 -12.29 10.56
N LYS A 687 11.68 -12.76 11.32
CA LYS A 687 11.23 -12.02 12.48
C LYS A 687 12.29 -11.96 13.58
N THR A 688 13.29 -12.83 13.52
CA THR A 688 14.37 -12.84 14.50
C THR A 688 15.73 -12.57 13.87
N VAL A 689 15.96 -13.04 12.66
CA VAL A 689 17.24 -12.80 11.99
C VAL A 689 17.24 -11.40 11.35
N ASP A 690 18.43 -10.95 10.99
CA ASP A 690 18.59 -9.65 10.33
C ASP A 690 19.87 -9.72 9.49
N VAL A 691 19.70 -9.90 8.18
CA VAL A 691 20.82 -10.03 7.25
C VAL A 691 20.62 -9.05 6.11
N VAL A 692 21.70 -8.34 5.76
CA VAL A 692 21.68 -7.37 4.67
C VAL A 692 22.83 -7.71 3.72
N LYS A 693 22.54 -7.70 2.42
CA LYS A 693 23.54 -7.98 1.41
C LYS A 693 23.41 -6.95 0.29
N ARG A 694 24.55 -6.55 -0.27
CA ARG A 694 24.56 -5.55 -1.33
C ARG A 694 24.20 -6.23 -2.65
N THR A 695 23.04 -5.89 -3.20
CA THR A 695 22.55 -6.48 -4.45
C THR A 695 22.43 -5.38 -5.49
N CYS A 696 23.53 -5.14 -6.22
CA CYS A 696 23.58 -4.21 -7.34
C CYS A 696 23.19 -2.79 -6.92
N GLY A 697 24.05 -2.23 -6.08
CA GLY A 697 23.92 -0.84 -5.66
C GLY A 697 23.10 -0.63 -4.41
N TYR A 698 21.88 -1.16 -4.38
CA TYR A 698 21.00 -1.04 -3.23
C TYR A 698 21.08 -2.33 -2.43
N LEU A 699 21.50 -2.23 -1.17
CA LEU A 699 21.58 -3.40 -0.32
C LEU A 699 20.17 -3.91 -0.03
N GLY A 700 19.92 -5.17 -0.39
CA GLY A 700 18.61 -5.76 -0.27
C GLY A 700 18.38 -6.41 1.09
N ASN A 701 17.20 -7.00 1.23
CA ASN A 701 16.79 -7.68 2.46
C ASN A 701 16.35 -9.09 2.12
N PRO A 702 17.30 -10.04 2.10
CA PRO A 702 16.90 -11.44 1.94
C PRO A 702 16.02 -11.89 3.09
N GLN A 703 15.20 -12.91 2.81
CA GLN A 703 14.19 -13.46 3.72
C GLN A 703 13.00 -12.54 3.85
N ALA A 704 13.08 -11.33 3.26
CA ALA A 704 11.94 -10.44 3.19
C ALA A 704 11.27 -10.51 1.83
N ARG A 705 12.02 -10.23 0.77
CA ARG A 705 11.59 -10.47 -0.61
C ARG A 705 12.75 -11.18 -1.32
N PRO A 706 12.85 -12.50 -1.16
CA PRO A 706 13.99 -13.22 -1.74
C PRO A 706 14.06 -13.04 -3.24
N MET A 707 15.29 -12.94 -3.75
CA MET A 707 15.53 -12.69 -5.16
C MET A 707 15.55 -14.00 -5.94
N VAL A 708 15.74 -13.88 -7.26
CA VAL A 708 15.76 -15.06 -8.12
C VAL A 708 17.01 -15.89 -7.83
N LYS A 709 16.94 -17.18 -8.14
CA LYS A 709 18.06 -18.08 -7.87
C LYS A 709 19.32 -17.67 -8.63
N GLY A 710 19.18 -16.96 -9.75
CA GLY A 710 20.36 -16.52 -10.47
C GLY A 710 21.20 -15.54 -9.66
N ARG A 711 20.55 -14.61 -8.97
CA ARG A 711 21.28 -13.63 -8.16
C ARG A 711 21.79 -14.26 -6.88
N HIS A 712 21.03 -15.20 -6.31
CA HIS A 712 21.47 -15.85 -5.08
C HIS A 712 22.81 -16.56 -5.27
N LYS A 713 23.11 -17.00 -6.49
CA LYS A 713 24.41 -17.60 -6.75
C LYS A 713 25.51 -16.55 -6.76
N GLU A 714 25.21 -15.33 -7.19
CA GLU A 714 26.19 -14.25 -7.16
C GLU A 714 26.63 -13.94 -5.75
N ILE A 715 25.67 -13.83 -4.82
CA ILE A 715 26.00 -13.50 -3.44
C ILE A 715 26.78 -14.63 -2.79
N SER A 716 26.38 -15.88 -3.05
CA SER A 716 27.05 -17.01 -2.43
C SER A 716 28.50 -17.14 -2.90
N ALA A 717 28.78 -16.77 -4.14
CA ALA A 717 30.12 -16.92 -4.69
C ALA A 717 31.05 -15.77 -4.34
N ARG A 718 30.56 -14.75 -3.64
CA ARG A 718 31.40 -13.62 -3.26
C ARG A 718 32.45 -14.05 -2.26
N VAL A 719 33.61 -13.38 -2.33
CA VAL A 719 34.72 -13.66 -1.42
C VAL A 719 35.04 -12.38 -0.65
N LYS A 720 36.04 -12.44 0.22
CA LYS A 720 36.47 -11.30 1.02
C LYS A 720 37.83 -10.85 0.54
N HIS A 721 37.93 -9.57 0.14
CA HIS A 721 39.19 -9.03 -0.37
C HIS A 721 40.03 -8.40 0.73
N MET A 722 40.19 -9.13 1.84
CA MET A 722 41.09 -8.73 2.92
C MET A 722 41.20 -9.85 3.94
N ASN A 723 42.40 -10.15 4.40
CA ASN A 723 42.58 -11.22 5.37
C ASN A 723 42.08 -10.78 6.73
N GLY A 724 41.16 -11.55 7.30
CA GLY A 724 40.61 -11.24 8.60
C GLY A 724 39.42 -12.11 8.90
N SER A 725 39.04 -12.10 10.17
CA SER A 725 37.90 -12.91 10.61
C SER A 725 36.60 -12.31 10.09
N THR A 726 35.73 -13.17 9.57
CA THR A 726 34.43 -12.74 9.06
C THR A 726 33.35 -12.78 10.12
N ILE A 727 33.68 -13.11 11.36
CA ILE A 727 32.73 -13.10 12.47
C ILE A 727 33.19 -12.07 13.49
N LYS A 728 32.24 -11.58 14.26
CA LYS A 728 32.51 -10.57 15.29
C LYS A 728 32.32 -11.10 16.70
N TYR A 729 31.16 -11.68 17.00
CA TYR A 729 30.89 -12.21 18.33
C TYR A 729 29.98 -13.41 18.18
N GLY A 730 30.44 -14.57 18.63
CA GLY A 730 29.67 -15.80 18.49
C GLY A 730 28.45 -15.81 19.38
N GLY A 731 27.67 -16.89 19.23
CA GLY A 731 26.44 -17.04 19.96
C GLY A 731 26.63 -17.67 21.33
N LYS A 732 25.50 -17.89 22.00
CA LYS A 732 25.51 -18.49 23.33
C LYS A 732 25.17 -19.98 23.26
N ASN B 12 -27.67 -37.76 11.96
CA ASN B 12 -28.29 -37.26 13.19
C ASN B 12 -28.56 -35.77 13.09
N PRO B 13 -29.65 -35.31 13.69
CA PRO B 13 -30.00 -33.88 13.62
C PRO B 13 -29.01 -32.97 14.32
N ASP B 14 -28.16 -33.51 15.19
CA ASP B 14 -27.25 -32.67 15.96
C ASP B 14 -26.18 -32.00 15.09
N ILE B 15 -26.01 -32.44 13.84
CA ILE B 15 -24.98 -31.92 12.95
C ILE B 15 -25.63 -31.28 11.75
N LYS B 16 -25.14 -30.10 11.38
CA LYS B 16 -25.58 -29.38 10.19
C LYS B 16 -24.60 -29.62 9.05
N VAL B 17 -24.80 -28.92 7.94
CA VAL B 17 -23.91 -28.99 6.78
C VAL B 17 -23.73 -27.59 6.22
N ILE B 18 -22.50 -27.25 5.84
CA ILE B 18 -22.18 -25.97 5.23
C ILE B 18 -21.90 -26.18 3.76
N LYS B 19 -22.58 -25.43 2.91
CA LYS B 19 -22.42 -25.54 1.47
C LYS B 19 -21.13 -24.83 1.05
N ARG B 20 -20.91 -24.71 -0.26
CA ARG B 20 -19.71 -24.08 -0.79
C ARG B 20 -19.72 -22.57 -0.50
N VAL B 25 -29.57 -25.38 4.99
CA VAL B 25 -29.25 -26.70 4.45
C VAL B 25 -29.01 -27.68 5.60
N THR B 26 -29.66 -28.84 5.52
CA THR B 26 -29.54 -29.88 6.52
C THR B 26 -28.94 -31.13 5.87
N PHE B 27 -28.31 -31.96 6.70
CA PHE B 27 -27.69 -33.18 6.20
C PHE B 27 -28.74 -34.09 5.56
N ASP B 28 -28.41 -34.61 4.39
CA ASP B 28 -29.33 -35.45 3.62
C ASP B 28 -28.59 -36.72 3.23
N SER B 29 -28.91 -37.82 3.91
CA SER B 29 -28.31 -39.11 3.56
C SER B 29 -28.64 -39.50 2.12
N SER B 30 -29.79 -39.04 1.61
CA SER B 30 -30.12 -39.27 0.22
C SER B 30 -29.15 -38.56 -0.72
N LYS B 31 -28.75 -37.34 -0.37
CA LYS B 31 -27.81 -36.61 -1.20
C LYS B 31 -26.46 -37.30 -1.27
N ILE B 32 -25.98 -37.81 -0.13
CA ILE B 32 -24.74 -38.58 -0.13
C ILE B 32 -24.94 -39.90 -0.88
N TYR B 33 -26.08 -40.56 -0.66
CA TYR B 33 -26.35 -41.83 -1.34
C TYR B 33 -26.43 -41.66 -2.84
N GLU B 34 -26.84 -40.47 -3.31
CA GLU B 34 -26.89 -40.22 -4.75
C GLU B 34 -25.50 -40.08 -5.34
N ALA B 35 -24.54 -39.53 -4.58
CA ALA B 35 -23.19 -39.37 -5.08
C ALA B 35 -22.54 -40.72 -5.35
N ILE B 36 -22.73 -41.69 -4.45
CA ILE B 36 -22.18 -43.02 -4.66
C ILE B 36 -22.82 -43.68 -5.88
N LEU B 37 -24.14 -43.56 -6.01
CA LEU B 37 -24.85 -44.24 -7.09
C LEU B 37 -24.49 -43.66 -8.45
N LYS B 38 -24.47 -42.32 -8.56
CA LYS B 38 -24.35 -41.70 -9.88
C LYS B 38 -22.96 -41.91 -10.45
N ALA B 39 -21.94 -41.95 -9.59
CA ALA B 39 -20.61 -42.31 -10.03
C ALA B 39 -20.56 -43.76 -10.49
N SER B 40 -21.25 -44.66 -9.78
CA SER B 40 -21.18 -46.08 -10.08
C SER B 40 -21.74 -46.39 -11.47
N GLU B 41 -22.82 -45.71 -11.85
CA GLU B 41 -23.47 -45.95 -13.13
C GLU B 41 -22.64 -45.53 -14.33
N THR B 42 -21.42 -45.04 -14.12
CA THR B 42 -20.59 -44.67 -15.27
C THR B 42 -20.11 -45.89 -16.04
N ILE B 43 -19.91 -47.02 -15.37
CA ILE B 43 -19.33 -48.21 -15.99
C ILE B 43 -20.27 -49.41 -15.98
N THR B 44 -21.13 -49.54 -14.99
CA THR B 44 -21.96 -50.74 -14.88
C THR B 44 -23.41 -50.33 -14.66
N PRO B 45 -24.37 -51.12 -15.13
CA PRO B 45 -25.78 -50.81 -14.87
C PRO B 45 -26.12 -50.97 -13.41
N ILE B 46 -27.17 -50.25 -12.98
CA ILE B 46 -27.68 -50.42 -11.63
C ILE B 46 -28.34 -51.79 -11.51
N THR B 47 -28.07 -52.48 -10.40
CA THR B 47 -28.58 -53.81 -10.15
C THR B 47 -28.71 -53.97 -8.64
N PRO B 48 -29.86 -54.44 -8.14
CA PRO B 48 -30.02 -54.63 -6.69
C PRO B 48 -29.12 -55.70 -6.09
N LEU B 49 -28.27 -56.36 -6.88
CA LEU B 49 -27.37 -57.36 -6.32
C LEU B 49 -26.23 -56.73 -5.53
N ILE B 50 -25.81 -55.53 -5.92
CA ILE B 50 -24.75 -54.81 -5.22
C ILE B 50 -25.26 -53.61 -4.45
N GLU B 51 -26.52 -53.24 -4.60
CA GLU B 51 -27.04 -52.08 -3.88
C GLU B 51 -27.14 -52.33 -2.38
N THR B 52 -27.30 -53.59 -1.98
CA THR B 52 -27.33 -53.90 -0.55
C THR B 52 -26.00 -53.59 0.13
N LYS B 53 -24.92 -53.44 -0.64
CA LYS B 53 -23.64 -53.02 -0.11
C LYS B 53 -23.49 -51.50 -0.11
N LEU B 54 -23.86 -50.85 -1.22
CA LEU B 54 -23.72 -49.40 -1.31
C LEU B 54 -24.56 -48.69 -0.25
N GLU B 55 -25.71 -49.25 0.08
CA GLU B 55 -26.50 -48.69 1.18
C GLU B 55 -25.75 -48.78 2.49
N GLY B 56 -25.02 -49.89 2.70
CA GLY B 56 -24.16 -49.97 3.86
C GLY B 56 -22.97 -49.03 3.77
N ILE B 57 -22.55 -48.70 2.55
CA ILE B 57 -21.46 -47.74 2.37
C ILE B 57 -21.91 -46.35 2.79
N ALA B 58 -23.09 -45.94 2.32
CA ALA B 58 -23.60 -44.61 2.67
C ALA B 58 -23.93 -44.51 4.15
N ASN B 59 -24.37 -45.61 4.77
CA ASN B 59 -24.67 -45.58 6.20
C ASN B 59 -23.38 -45.41 7.01
N ARG B 60 -22.29 -46.04 6.57
CA ARG B 60 -21.04 -45.93 7.30
C ARG B 60 -20.49 -44.50 7.26
N VAL B 61 -20.53 -43.86 6.08
CA VAL B 61 -20.01 -42.50 5.98
C VAL B 61 -20.87 -41.52 6.75
N VAL B 62 -22.13 -41.87 7.03
CA VAL B 62 -22.97 -41.01 7.86
C VAL B 62 -22.70 -41.24 9.34
N ALA B 63 -22.52 -42.50 9.74
CA ALA B 63 -22.24 -42.82 11.13
C ALA B 63 -20.84 -42.38 11.55
N GLU B 64 -19.93 -42.15 10.61
CA GLU B 64 -18.61 -41.65 10.93
C GLU B 64 -18.59 -40.13 11.05
N ILE B 65 -19.33 -39.44 10.17
CA ILE B 65 -19.44 -37.99 10.27
C ILE B 65 -20.07 -37.59 11.60
N ASN B 66 -21.12 -38.31 12.03
CA ASN B 66 -21.80 -37.97 13.27
C ASN B 66 -20.88 -38.14 14.47
N ASP B 67 -20.05 -39.18 14.47
CA ASP B 67 -19.19 -39.47 15.61
C ASP B 67 -18.13 -38.39 15.83
N ARG B 68 -17.73 -37.68 14.78
CA ARG B 68 -16.63 -36.73 14.90
C ARG B 68 -17.10 -35.28 14.96
N PHE B 69 -17.83 -34.81 13.95
CA PHE B 69 -18.18 -33.40 13.84
C PHE B 69 -19.57 -33.17 14.40
N SER B 70 -19.71 -32.17 15.26
CA SER B 70 -20.96 -31.87 15.92
C SER B 70 -21.54 -30.50 15.57
N HIS B 71 -20.74 -29.59 15.02
CA HIS B 71 -21.21 -28.24 14.73
C HIS B 71 -21.53 -28.03 13.26
N ASN B 72 -20.57 -28.22 12.36
CA ASN B 72 -20.78 -27.96 10.94
C ASN B 72 -19.67 -28.62 10.15
N ILE B 73 -19.93 -28.81 8.85
CA ILE B 73 -19.00 -29.51 7.97
C ILE B 73 -19.01 -28.82 6.61
N LYS B 74 -17.82 -28.66 6.02
CA LYS B 74 -17.70 -28.10 4.69
C LYS B 74 -17.87 -29.19 3.63
N ILE B 75 -18.11 -28.76 2.39
CA ILE B 75 -18.36 -29.71 1.30
C ILE B 75 -17.10 -30.49 0.97
N TYR B 76 -15.93 -29.86 1.05
CA TYR B 76 -14.70 -30.54 0.69
C TYR B 76 -14.37 -31.65 1.68
N GLU B 77 -14.81 -31.50 2.93
CA GLU B 77 -14.60 -32.55 3.92
C GLU B 77 -15.63 -33.66 3.78
N ILE B 78 -16.83 -33.34 3.29
CA ILE B 78 -17.80 -34.38 2.94
C ILE B 78 -17.25 -35.26 1.83
N GLN B 79 -16.64 -34.66 0.82
CA GLN B 79 -16.08 -35.43 -0.28
C GLN B 79 -14.96 -36.34 0.20
N SER B 80 -14.05 -35.80 1.03
CA SER B 80 -12.91 -36.59 1.51
C SER B 80 -13.37 -37.74 2.40
N ILE B 81 -14.34 -37.50 3.28
CA ILE B 81 -14.75 -38.51 4.26
C ILE B 81 -15.39 -39.69 3.54
N VAL B 82 -15.89 -39.46 2.33
CA VAL B 82 -16.42 -40.56 1.53
C VAL B 82 -15.29 -41.35 0.89
N GLU B 83 -14.28 -40.65 0.38
CA GLU B 83 -13.20 -41.30 -0.36
C GLU B 83 -12.45 -42.32 0.48
N HIS B 84 -12.20 -42.00 1.75
CA HIS B 84 -11.56 -42.98 2.63
C HIS B 84 -12.46 -44.19 2.86
N GLU B 85 -13.76 -43.96 3.05
CA GLU B 85 -14.66 -45.06 3.34
C GLU B 85 -14.80 -45.99 2.14
N LEU B 86 -14.81 -45.44 0.92
CA LEU B 86 -14.87 -46.27 -0.27
C LEU B 86 -13.67 -47.20 -0.35
N LEU B 87 -12.48 -46.67 -0.06
CA LEU B 87 -11.28 -47.50 -0.03
C LEU B 87 -11.33 -48.49 1.13
N GLU B 88 -11.94 -48.11 2.24
CA GLU B 88 -11.99 -48.99 3.42
C GLU B 88 -12.75 -50.27 3.11
N ALA B 89 -13.89 -50.17 2.44
CA ALA B 89 -14.71 -51.34 2.14
C ALA B 89 -14.26 -52.05 0.88
N ASN B 90 -12.96 -52.35 0.80
CA ASN B 90 -12.32 -53.12 -0.26
C ASN B 90 -12.89 -52.82 -1.65
N GLU B 91 -13.15 -51.54 -1.92
CA GLU B 91 -13.75 -51.14 -3.18
C GLU B 91 -12.79 -50.22 -3.92
N TYR B 92 -12.58 -50.50 -5.20
CA TYR B 92 -11.64 -49.72 -6.01
C TYR B 92 -12.15 -49.35 -7.39
N ALA B 93 -13.15 -50.05 -7.93
CA ALA B 93 -13.57 -49.82 -9.31
C ALA B 93 -14.16 -48.42 -9.49
N ILE B 94 -15.04 -48.02 -8.57
CA ILE B 94 -15.69 -46.72 -8.72
C ILE B 94 -14.90 -45.62 -8.03
N ALA B 95 -14.14 -45.95 -6.98
CA ALA B 95 -13.30 -44.95 -6.32
C ALA B 95 -12.27 -44.39 -7.29
N GLN B 96 -11.71 -45.24 -8.14
CA GLN B 96 -10.78 -44.77 -9.17
C GLN B 96 -11.45 -43.76 -10.08
N GLU B 97 -12.70 -44.03 -10.47
CA GLU B 97 -13.46 -43.06 -11.26
C GLU B 97 -13.95 -41.89 -10.40
N TYR B 98 -14.16 -42.14 -9.10
CA TYR B 98 -14.63 -41.09 -8.20
C TYR B 98 -13.65 -39.92 -8.17
N ILE B 99 -12.36 -40.22 -8.01
CA ILE B 99 -11.38 -39.16 -7.82
C ILE B 99 -11.17 -38.38 -9.12
N ASN B 100 -11.10 -39.08 -10.25
CA ASN B 100 -10.70 -38.46 -11.50
C ASN B 100 -11.68 -37.39 -11.97
N TYR B 101 -12.92 -37.41 -11.49
CA TYR B 101 -13.85 -36.35 -11.84
C TYR B 101 -13.87 -35.24 -10.80
N ARG B 102 -13.77 -35.59 -9.52
CA ARG B 102 -13.74 -34.58 -8.47
C ARG B 102 -12.53 -33.67 -8.62
N THR B 103 -11.36 -34.27 -8.89
CA THR B 103 -10.17 -33.47 -9.10
C THR B 103 -10.27 -32.65 -10.38
N LYS B 104 -10.65 -33.29 -11.49
CA LYS B 104 -10.75 -32.58 -12.77
C LYS B 104 -11.68 -31.38 -12.68
N ARG B 105 -12.76 -31.49 -11.90
CA ARG B 105 -13.65 -30.36 -11.72
C ARG B 105 -13.02 -29.28 -10.83
N ASP B 106 -12.18 -29.68 -9.88
CA ASP B 106 -11.60 -28.72 -8.96
C ASP B 106 -10.73 -27.69 -9.68
N PHE B 107 -9.88 -28.14 -10.60
CA PHE B 107 -9.10 -27.21 -11.38
C PHE B 107 -9.95 -26.44 -12.39
N GLU B 108 -11.09 -27.00 -12.80
CA GLU B 108 -11.94 -26.30 -13.76
C GLU B 108 -12.46 -24.99 -13.18
N ARG B 109 -12.92 -25.02 -11.93
CA ARG B 109 -13.42 -23.79 -11.31
C ARG B 109 -12.30 -22.81 -11.00
N SER B 110 -11.11 -23.32 -10.66
CA SER B 110 -9.98 -22.44 -10.37
C SER B 110 -9.42 -21.83 -11.66
N GLN B 111 -9.31 -22.62 -12.72
CA GLN B 111 -8.82 -22.09 -13.99
C GLN B 111 -9.81 -21.10 -14.60
N ALA B 112 -11.11 -21.30 -14.35
CA ALA B 112 -12.10 -20.32 -14.79
C ALA B 112 -11.88 -18.98 -14.11
N THR B 113 -11.57 -18.99 -12.81
CA THR B 113 -11.30 -17.77 -12.07
C THR B 113 -9.79 -17.53 -12.02
N ASP B 114 -9.22 -17.26 -13.19
CA ASP B 114 -7.79 -17.06 -13.34
C ASP B 114 -7.53 -15.78 -14.11
N ILE B 115 -6.59 -14.97 -13.61
CA ILE B 115 -6.23 -13.74 -14.30
C ILE B 115 -5.53 -14.04 -15.61
N ASN B 116 -4.57 -14.97 -15.56
CA ASN B 116 -3.79 -15.33 -16.77
C ASN B 116 -4.72 -16.02 -17.78
N PHE B 117 -6.04 -15.96 -17.53
CA PHE B 117 -7.01 -16.54 -18.50
C PHE B 117 -7.31 -15.50 -19.57
N THR B 118 -6.54 -14.40 -19.58
CA THR B 118 -6.71 -13.35 -20.61
C THR B 118 -8.03 -13.53 -21.33
N SER B 138 -4.58 12.27 -19.63
CA SER B 138 -5.11 13.36 -18.85
C SER B 138 -5.43 12.91 -17.43
N ASP B 139 -4.83 11.80 -17.02
CA ASP B 139 -5.03 11.26 -15.68
C ASP B 139 -3.70 10.72 -15.17
N LEU B 140 -3.60 10.63 -13.84
CA LEU B 140 -2.37 10.15 -13.22
C LEU B 140 -2.13 8.69 -13.59
N TYR B 141 -0.84 8.34 -13.69
CA TYR B 141 -0.46 7.00 -14.16
C TYR B 141 -0.97 5.93 -13.22
N ASN B 142 -0.80 6.14 -11.91
CA ASN B 142 -1.27 5.15 -10.94
C ASN B 142 -2.77 4.95 -11.02
N THR B 143 -3.52 6.02 -11.30
CA THR B 143 -4.97 5.88 -11.46
C THR B 143 -5.31 4.99 -12.65
N GLN B 144 -4.60 5.15 -13.77
CA GLN B 144 -4.85 4.30 -14.93
C GLN B 144 -4.50 2.85 -14.65
N ARG B 145 -3.36 2.61 -13.98
CA ARG B 145 -2.98 1.24 -13.65
C ARG B 145 -4.00 0.60 -12.72
N ASP B 146 -4.45 1.36 -11.71
CA ASP B 146 -5.49 0.86 -10.82
C ASP B 146 -6.81 0.63 -11.56
N LEU B 147 -7.11 1.46 -12.57
CA LEU B 147 -8.32 1.26 -13.35
C LEU B 147 -8.26 -0.06 -14.11
N THR B 148 -7.13 -0.35 -14.74
CA THR B 148 -6.99 -1.63 -15.44
C THR B 148 -7.06 -2.80 -14.46
N ALA B 149 -6.39 -2.67 -13.31
CA ALA B 149 -6.43 -3.74 -12.32
C ALA B 149 -7.84 -3.97 -11.81
N GLY B 150 -8.59 -2.88 -11.59
CA GLY B 150 -9.97 -3.02 -11.14
C GLY B 150 -10.87 -3.64 -12.20
N ILE B 151 -10.64 -3.30 -13.48
CA ILE B 151 -11.41 -3.93 -14.54
C ILE B 151 -11.17 -5.43 -14.56
N VAL B 152 -9.90 -5.83 -14.44
CA VAL B 152 -9.57 -7.25 -14.41
C VAL B 152 -10.21 -7.92 -13.20
N GLY B 153 -10.12 -7.27 -12.04
CA GLY B 153 -10.68 -7.84 -10.83
C GLY B 153 -12.19 -7.99 -10.90
N LYS B 154 -12.88 -7.00 -11.45
CA LYS B 154 -14.32 -7.12 -11.63
C LYS B 154 -14.66 -8.26 -12.59
N SER B 155 -13.88 -8.39 -13.68
CA SER B 155 -14.14 -9.45 -14.64
C SER B 155 -14.00 -10.83 -14.01
N VAL B 156 -12.97 -11.03 -13.18
CA VAL B 156 -12.80 -12.34 -12.56
C VAL B 156 -13.83 -12.56 -11.45
N GLY B 157 -14.14 -11.49 -10.70
CA GLY B 157 -15.06 -11.64 -9.58
C GLY B 157 -16.48 -11.94 -10.01
N LEU B 158 -16.91 -11.35 -11.14
CA LEU B 158 -18.27 -11.62 -11.61
C LEU B 158 -18.47 -13.10 -11.90
N LYS B 159 -17.43 -13.76 -12.43
CA LYS B 159 -17.49 -15.21 -12.60
C LYS B 159 -17.31 -15.94 -11.26
N MET B 160 -16.54 -15.35 -10.34
CA MET B 160 -16.35 -15.99 -9.04
C MET B 160 -17.63 -16.01 -8.23
N LEU B 161 -18.54 -15.07 -8.46
CA LEU B 161 -19.74 -14.97 -7.67
C LEU B 161 -20.68 -16.14 -7.93
N PRO B 162 -21.48 -16.54 -6.94
CA PRO B 162 -22.49 -17.55 -7.19
C PRO B 162 -23.45 -17.10 -8.27
N PRO B 163 -24.10 -18.04 -8.96
CA PRO B 163 -24.80 -17.67 -10.21
C PRO B 163 -25.99 -16.75 -10.02
N HIS B 164 -26.93 -17.09 -9.13
CA HIS B 164 -28.18 -16.33 -9.08
C HIS B 164 -27.96 -14.92 -8.56
N VAL B 165 -27.06 -14.75 -7.58
CA VAL B 165 -26.77 -13.40 -7.11
C VAL B 165 -26.07 -12.58 -8.19
N ALA B 166 -25.21 -13.23 -8.98
CA ALA B 166 -24.57 -12.52 -10.09
C ALA B 166 -25.62 -12.07 -11.11
N ASN B 167 -26.58 -12.95 -11.42
CA ASN B 167 -27.66 -12.56 -12.32
C ASN B 167 -28.48 -11.41 -11.76
N ALA B 168 -28.77 -11.45 -10.46
CA ALA B 168 -29.52 -10.38 -9.84
C ALA B 168 -28.77 -9.06 -9.90
N HIS B 169 -27.45 -9.09 -9.66
CA HIS B 169 -26.66 -7.88 -9.73
C HIS B 169 -26.61 -7.33 -11.15
N GLN B 170 -26.41 -8.21 -12.14
CA GLN B 170 -26.36 -7.76 -13.53
C GLN B 170 -27.70 -7.15 -13.95
N LYS B 171 -28.80 -7.81 -13.59
CA LYS B 171 -30.12 -7.30 -13.94
C LYS B 171 -30.47 -6.03 -13.18
N GLY B 172 -29.88 -5.83 -12.00
CA GLY B 172 -30.14 -4.65 -11.20
C GLY B 172 -31.09 -4.84 -10.04
N ASP B 173 -31.50 -6.08 -9.76
CA ASP B 173 -32.36 -6.32 -8.61
C ASP B 173 -31.66 -5.93 -7.31
N ILE B 174 -30.39 -6.32 -7.16
CA ILE B 174 -29.56 -5.92 -6.05
C ILE B 174 -28.27 -5.36 -6.61
N HIS B 175 -27.46 -4.77 -5.73
CA HIS B 175 -26.18 -4.18 -6.11
C HIS B 175 -25.11 -4.67 -5.13
N PHE B 176 -24.17 -5.46 -5.64
CA PHE B 176 -22.93 -5.71 -4.92
C PHE B 176 -22.12 -4.43 -4.87
N HIS B 177 -21.27 -4.31 -3.86
CA HIS B 177 -20.52 -3.09 -3.63
C HIS B 177 -19.04 -3.31 -3.88
N ASP B 178 -18.46 -2.47 -4.74
CA ASP B 178 -17.03 -2.46 -5.00
C ASP B 178 -16.53 -3.81 -5.49
N LEU B 179 -17.03 -4.21 -6.67
CA LEU B 179 -16.56 -5.42 -7.31
C LEU B 179 -15.10 -5.31 -7.74
N ASP B 180 -14.56 -4.11 -7.83
CA ASP B 180 -13.20 -3.92 -8.31
C ASP B 180 -12.14 -4.50 -7.38
N TYR B 181 -12.50 -4.83 -6.15
CA TYR B 181 -11.56 -5.41 -5.20
C TYR B 181 -12.03 -6.72 -4.59
N SER B 182 -13.32 -7.02 -4.62
CA SER B 182 -13.89 -8.23 -4.05
C SER B 182 -14.91 -8.79 -5.03
N PRO B 183 -15.16 -10.11 -5.01
CA PRO B 183 -14.48 -11.16 -4.24
C PRO B 183 -13.12 -11.56 -4.81
N TYR B 184 -12.50 -10.73 -5.66
CA TYR B 184 -11.21 -11.11 -6.23
C TYR B 184 -10.16 -11.30 -5.15
N THR B 185 -10.11 -10.40 -4.19
CA THR B 185 -9.19 -10.51 -3.07
C THR B 185 -9.95 -10.34 -1.77
N PRO B 186 -9.51 -11.03 -0.71
CA PRO B 186 -10.17 -10.86 0.59
C PRO B 186 -10.03 -9.43 1.08
N MET B 187 -11.15 -8.70 1.14
CA MET B 187 -11.14 -7.28 1.44
C MET B 187 -12.21 -6.96 2.46
N THR B 188 -11.86 -6.15 3.45
CA THR B 188 -12.80 -5.66 4.45
C THR B 188 -13.23 -4.25 4.08
N ASN B 189 -14.53 -3.96 4.25
CA ASN B 189 -15.09 -2.70 3.78
C ASN B 189 -14.41 -1.55 4.53
N CYS B 190 -14.64 -1.46 5.84
CA CYS B 190 -14.12 -0.34 6.61
C CYS B 190 -14.03 -0.76 8.08
N CYS B 191 -13.17 -0.07 8.82
CA CYS B 191 -12.83 -0.51 10.17
C CYS B 191 -12.54 0.69 11.06
N LEU B 192 -12.69 0.47 12.37
CA LEU B 192 -12.37 1.45 13.40
C LEU B 192 -11.00 1.12 13.96
N ILE B 193 -9.98 1.82 13.49
CA ILE B 193 -8.60 1.46 13.82
C ILE B 193 -8.35 1.67 15.30
N ASP B 194 -7.75 0.67 15.94
CA ASP B 194 -7.42 0.75 17.36
C ASP B 194 -6.04 1.37 17.44
N PHE B 195 -6.00 2.71 17.42
CA PHE B 195 -4.72 3.40 17.51
C PHE B 195 -4.13 3.31 18.91
N LYS B 196 -4.98 3.29 19.93
CA LYS B 196 -4.48 3.17 21.30
C LYS B 196 -3.68 1.90 21.48
N GLY B 197 -4.19 0.79 20.93
CA GLY B 197 -3.50 -0.48 21.07
C GLY B 197 -2.11 -0.46 20.46
N MET B 198 -1.98 0.07 19.25
CA MET B 198 -0.67 0.13 18.61
C MET B 198 0.24 1.10 19.34
N LEU B 199 -0.23 2.31 19.59
CA LEU B 199 0.60 3.35 20.19
C LEU B 199 1.00 3.02 21.62
N ALA B 200 0.32 2.08 22.27
CA ALA B 200 0.71 1.68 23.61
C ALA B 200 2.04 0.93 23.60
N ASN B 201 2.11 -0.17 22.83
CA ASN B 201 3.25 -1.08 22.90
C ASN B 201 3.99 -1.21 21.58
N GLY B 202 3.91 -0.20 20.71
CA GLY B 202 4.66 -0.23 19.46
C GLY B 202 4.07 -1.19 18.46
N PHE B 203 4.65 -1.20 17.27
CA PHE B 203 4.16 -2.02 16.17
C PHE B 203 5.25 -2.12 15.11
N LYS B 204 4.90 -2.63 13.94
CA LYS B 204 5.81 -2.73 12.81
C LYS B 204 5.08 -2.33 11.54
N ILE B 205 5.72 -1.53 10.70
CA ILE B 205 5.12 -1.07 9.46
C ILE B 205 6.22 -0.96 8.40
N GLY B 206 5.85 -1.26 7.16
CA GLY B 206 6.81 -1.24 6.08
C GLY B 206 7.95 -2.21 6.35
N ASN B 207 9.18 -1.74 6.19
CA ASN B 207 10.36 -2.51 6.50
C ASN B 207 10.91 -2.24 7.89
N ALA B 208 10.21 -1.43 8.69
CA ALA B 208 10.72 -1.03 9.98
C ALA B 208 9.75 -1.46 11.08
N GLU B 209 10.26 -1.47 12.31
CA GLU B 209 9.44 -1.69 13.48
C GLU B 209 9.78 -0.62 14.51
N VAL B 210 8.75 -0.10 15.18
CA VAL B 210 8.90 1.04 16.05
C VAL B 210 8.28 0.74 17.41
N GLU B 211 8.78 1.43 18.43
CA GLU B 211 8.26 1.34 19.78
C GLU B 211 7.23 2.44 19.99
N SER B 212 6.76 2.60 21.22
CA SER B 212 5.75 3.60 21.51
C SER B 212 6.34 5.00 21.33
N PRO B 213 5.59 5.94 20.77
CA PRO B 213 6.08 7.30 20.61
C PRO B 213 6.31 7.96 21.96
N LYS B 214 7.29 8.88 22.00
CA LYS B 214 7.61 9.63 23.20
C LYS B 214 7.46 11.13 22.97
N SER B 215 6.48 11.50 22.15
CA SER B 215 6.17 12.90 21.88
C SER B 215 4.78 12.95 21.26
N ILE B 216 4.35 14.15 20.87
CA ILE B 216 3.05 14.35 20.25
C ILE B 216 3.17 14.46 18.74
N GLN B 217 4.18 15.18 18.24
CA GLN B 217 4.41 15.24 16.80
C GLN B 217 4.71 13.85 16.24
N THR B 218 5.52 13.08 16.96
CA THR B 218 5.76 11.69 16.57
C THR B 218 4.45 10.90 16.56
N ALA B 219 3.60 11.11 17.56
CA ALA B 219 2.33 10.39 17.62
C ALA B 219 1.46 10.71 16.41
N THR B 220 1.37 11.99 16.03
CA THR B 220 0.57 12.36 14.88
C THR B 220 1.16 11.84 13.57
N ALA B 221 2.49 11.86 13.45
CA ALA B 221 3.13 11.31 12.26
C ALA B 221 2.84 9.82 12.13
N GLN B 222 2.93 9.08 13.23
CA GLN B 222 2.61 7.66 13.20
C GLN B 222 1.13 7.45 12.90
N ILE B 223 0.27 8.33 13.41
CA ILE B 223 -1.16 8.24 13.14
C ILE B 223 -1.40 8.34 11.63
N SER B 224 -0.79 9.34 11.00
CA SER B 224 -0.98 9.54 9.56
C SER B 224 -0.40 8.39 8.75
N GLN B 225 0.80 7.93 9.12
CA GLN B 225 1.41 6.82 8.39
C GLN B 225 0.58 5.55 8.51
N ILE B 226 0.06 5.29 9.71
CA ILE B 226 -0.75 4.11 9.94
C ILE B 226 -2.05 4.19 9.14
N ILE B 227 -2.66 5.38 9.11
CA ILE B 227 -3.88 5.56 8.31
C ILE B 227 -3.59 5.31 6.84
N ALA B 228 -2.48 5.85 6.33
CA ALA B 228 -2.14 5.66 4.93
C ALA B 228 -1.90 4.19 4.61
N ASN B 229 -1.21 3.48 5.50
CA ASN B 229 -0.96 2.07 5.28
C ASN B 229 -2.25 1.24 5.32
N VAL B 230 -3.15 1.58 6.24
CA VAL B 230 -4.41 0.85 6.35
C VAL B 230 -5.28 1.09 5.13
N ALA B 231 -5.31 2.33 4.62
CA ALA B 231 -6.19 2.67 3.52
C ALA B 231 -5.89 1.87 2.26
N SER B 232 -4.68 1.36 2.11
CA SER B 232 -4.33 0.56 0.95
C SER B 232 -4.65 -0.92 1.13
N SER B 233 -5.03 -1.34 2.33
CA SER B 233 -5.36 -2.73 2.61
C SER B 233 -6.87 -2.96 2.72
N GLN B 234 -7.68 -1.97 2.35
CA GLN B 234 -9.13 -2.11 2.38
C GLN B 234 -9.71 -1.15 1.34
N TYR B 235 -10.97 -1.40 0.98
CA TYR B 235 -11.63 -0.64 -0.07
C TYR B 235 -12.63 0.36 0.49
N GLY B 236 -12.45 0.80 1.73
CA GLY B 236 -13.34 1.80 2.31
C GLY B 236 -12.63 2.73 3.27
N GLY B 237 -13.40 3.52 4.02
CA GLY B 237 -12.84 4.53 4.88
C GLY B 237 -12.32 3.97 6.20
N CYS B 238 -11.85 4.88 7.04
CA CYS B 238 -11.37 4.55 8.36
C CYS B 238 -11.59 5.75 9.27
N THR B 239 -11.62 5.51 10.58
CA THR B 239 -11.93 6.56 11.53
C THR B 239 -11.06 6.43 12.77
N ALA B 240 -10.76 7.57 13.37
CA ALA B 240 -10.03 7.65 14.63
C ALA B 240 -10.98 8.25 15.66
N ASP B 241 -11.57 7.40 16.50
CA ASP B 241 -12.52 7.83 17.50
C ASP B 241 -11.80 8.21 18.80
N ARG B 242 -12.31 9.24 19.46
CA ARG B 242 -11.73 9.75 20.70
C ARG B 242 -10.24 10.01 20.55
N ILE B 243 -9.90 10.82 19.55
CA ILE B 243 -8.49 11.06 19.24
C ILE B 243 -7.79 11.78 20.38
N ASP B 244 -8.47 12.76 20.98
CA ASP B 244 -7.89 13.49 22.10
C ASP B 244 -7.67 12.58 23.30
N GLU B 245 -8.61 11.65 23.55
CA GLU B 245 -8.54 10.83 24.75
C GLU B 245 -7.30 9.94 24.74
N PHE B 246 -6.94 9.40 23.58
CA PHE B 246 -5.74 8.57 23.50
C PHE B 246 -4.50 9.35 23.07
N LEU B 247 -4.63 10.63 22.71
CA LEU B 247 -3.47 11.47 22.47
C LEU B 247 -3.06 12.28 23.70
N ALA B 248 -3.88 12.31 24.74
CA ALA B 248 -3.52 13.05 25.95
C ALA B 248 -2.22 12.59 26.61
N PRO B 249 -1.95 11.29 26.80
CA PRO B 249 -0.70 10.91 27.48
C PRO B 249 0.55 11.41 26.80
N TYR B 250 0.57 11.48 25.46
CA TYR B 250 1.74 11.99 24.79
C TYR B 250 1.86 13.50 24.97
N ALA B 251 0.74 14.20 25.10
CA ALA B 251 0.79 15.61 25.49
C ALA B 251 1.39 15.74 26.88
N GLU B 252 1.05 14.82 27.78
CA GLU B 252 1.68 14.82 29.11
C GLU B 252 3.18 14.60 29.01
N LEU B 253 3.60 13.70 28.12
CA LEU B 253 5.02 13.45 27.93
C LEU B 253 5.74 14.69 27.41
N ASN B 254 5.14 15.38 26.44
CA ASN B 254 5.72 16.64 25.96
C ASN B 254 5.80 17.67 27.07
N TYR B 255 4.75 17.74 27.91
CA TYR B 255 4.75 18.66 29.03
C TYR B 255 5.90 18.36 29.98
N LYS B 256 6.12 17.08 30.29
CA LYS B 256 7.20 16.71 31.19
C LYS B 256 8.55 17.05 30.59
N LYS B 257 8.74 16.78 29.30
CA LYS B 257 10.01 17.09 28.65
C LYS B 257 10.29 18.59 28.70
N HIS B 258 9.28 19.40 28.36
CA HIS B 258 9.48 20.84 28.37
C HIS B 258 9.65 21.37 29.78
N LEU B 259 9.00 20.77 30.77
CA LEU B 259 9.22 21.18 32.15
C LEU B 259 10.65 20.92 32.58
N ALA B 260 11.19 19.75 32.23
CA ALA B 260 12.59 19.46 32.56
C ALA B 260 13.53 20.44 31.87
N ASP B 261 13.27 20.73 30.59
CA ASP B 261 14.12 21.67 29.86
C ASP B 261 14.05 23.06 30.49
N ALA B 262 12.85 23.49 30.90
CA ALA B 262 12.70 24.79 31.54
C ALA B 262 13.45 24.84 32.85
N LYS B 263 13.31 23.79 33.67
CA LYS B 263 14.03 23.74 34.94
C LYS B 263 15.53 23.79 34.72
N GLU B 264 16.01 23.18 33.64
CA GLU B 264 17.44 23.26 33.33
C GLU B 264 17.85 24.67 32.90
N TRP B 265 17.03 25.33 32.07
CA TRP B 265 17.43 26.57 31.42
C TRP B 265 16.83 27.82 32.08
N VAL B 266 15.51 27.90 32.16
CA VAL B 266 14.86 29.16 32.54
C VAL B 266 14.84 29.31 34.05
N THR B 267 14.55 30.52 34.52
CA THR B 267 14.49 30.81 35.94
C THR B 267 13.32 30.07 36.59
N GLU B 268 13.33 30.05 37.92
CA GLU B 268 12.37 29.28 38.70
C GLU B 268 11.06 30.02 38.94
N GLU B 269 10.75 31.03 38.14
CA GLU B 269 9.51 31.77 38.27
C GLU B 269 8.57 31.59 37.10
N LYS B 270 9.10 31.46 35.88
CA LYS B 270 8.29 31.35 34.67
C LYS B 270 8.31 29.93 34.09
N GLN B 271 8.64 28.93 34.91
CA GLN B 271 8.76 27.57 34.40
C GLN B 271 7.43 27.05 33.86
N GLU B 272 6.36 27.18 34.67
CA GLU B 272 5.07 26.64 34.28
C GLU B 272 4.53 27.33 33.03
N ASP B 273 4.64 28.66 32.96
CA ASP B 273 4.12 29.38 31.81
C ASP B 273 4.86 28.98 30.54
N TYR B 274 6.20 28.92 30.60
CA TYR B 274 6.98 28.52 29.43
C TYR B 274 6.64 27.10 29.00
N ALA B 275 6.54 26.18 29.97
CA ALA B 275 6.24 24.80 29.64
C ALA B 275 4.87 24.68 28.98
N ARG B 276 3.86 25.37 29.53
CA ARG B 276 2.53 25.30 28.96
C ARG B 276 2.49 25.90 27.57
N ALA B 277 3.15 27.03 27.36
CA ALA B 277 3.15 27.66 26.04
C ALA B 277 3.84 26.77 25.01
N LYS B 278 4.99 26.19 25.37
CA LYS B 278 5.70 25.33 24.44
C LYS B 278 4.89 24.07 24.13
N THR B 279 4.24 23.50 25.14
CA THR B 279 3.40 22.33 24.91
C THR B 279 2.24 22.66 23.99
N ARG B 280 1.58 23.81 24.20
CA ARG B 280 0.48 24.20 23.32
C ARG B 280 0.96 24.40 21.90
N LYS B 281 2.11 25.06 21.72
CA LYS B 281 2.64 25.25 20.37
C LYS B 281 2.97 23.92 19.70
N ASP B 282 3.57 22.99 20.45
CA ASP B 282 3.87 21.68 19.88
C ASP B 282 2.61 20.93 19.50
N ILE B 283 1.59 21.02 20.35
CA ILE B 283 0.29 20.35 20.06
C ILE B 283 -0.25 20.91 18.74
N TYR B 284 -0.36 22.23 18.62
CA TYR B 284 -0.94 22.85 17.39
C TYR B 284 -0.08 22.48 16.18
N ASP B 285 1.25 22.50 16.33
CA ASP B 285 2.16 22.15 15.21
C ASP B 285 1.86 20.71 14.76
N ALA B 286 1.80 19.77 15.71
CA ALA B 286 1.50 18.36 15.38
C ALA B 286 0.16 18.29 14.64
N MET B 287 -0.85 19.00 15.15
CA MET B 287 -2.18 19.05 14.49
C MET B 287 -1.98 19.44 13.02
N GLN B 288 -1.42 20.63 12.75
CA GLN B 288 -1.13 21.07 11.36
C GLN B 288 -0.53 19.90 10.58
N SER B 289 0.64 19.38 11.05
CA SER B 289 1.31 18.26 10.34
C SER B 289 0.29 17.19 9.93
N LEU B 290 -0.33 16.53 10.92
CA LEU B 290 -1.30 15.44 10.63
C LEU B 290 -2.32 15.92 9.58
N GLU B 291 -3.07 16.98 9.87
CA GLU B 291 -4.08 17.51 8.93
C GLU B 291 -3.50 17.53 7.51
N TYR B 292 -2.31 18.13 7.34
CA TYR B 292 -1.77 18.24 6.00
C TYR B 292 -1.30 16.88 5.46
N GLU B 293 -0.77 16.02 6.34
CA GLU B 293 -0.24 14.73 5.88
C GLU B 293 -1.34 13.87 5.28
N ILE B 294 -2.52 13.88 5.89
CA ILE B 294 -3.63 13.09 5.34
C ILE B 294 -4.03 13.61 3.96
N ASN B 295 -4.07 14.92 3.79
CA ASN B 295 -4.50 15.53 2.54
C ASN B 295 -3.49 15.36 1.41
N THR B 296 -2.38 14.65 1.63
CA THR B 296 -1.36 14.47 0.61
C THR B 296 -1.19 13.00 0.23
N LEU B 297 -1.00 12.13 1.20
CA LEU B 297 -0.76 10.72 0.92
C LEU B 297 -1.98 10.08 0.27
N PHE B 298 -1.72 9.16 -0.65
CA PHE B 298 -2.77 8.41 -1.34
C PHE B 298 -2.43 6.93 -1.32
N THR B 299 -3.33 6.15 -1.91
CA THR B 299 -3.18 4.70 -2.00
C THR B 299 -3.01 4.29 -3.46
N SER B 300 -3.03 2.98 -3.71
CA SER B 300 -2.93 2.48 -5.08
C SER B 300 -4.04 3.02 -5.96
N ASN B 301 -5.21 3.31 -5.39
CA ASN B 301 -6.30 3.90 -6.15
C ASN B 301 -5.90 5.26 -6.73
N GLY B 302 -4.97 5.95 -6.07
CA GLY B 302 -4.62 7.30 -6.50
C GLY B 302 -5.51 8.39 -5.95
N GLN B 303 -6.31 8.09 -4.95
CA GLN B 303 -7.21 9.06 -4.34
C GLN B 303 -6.90 9.20 -2.85
N THR B 304 -7.27 10.34 -2.29
CA THR B 304 -7.08 10.57 -0.88
C THR B 304 -7.91 9.56 -0.07
N PRO B 305 -7.34 8.98 0.99
CA PRO B 305 -8.11 8.02 1.79
C PRO B 305 -9.34 8.66 2.41
N PHE B 306 -10.38 7.86 2.57
CA PHE B 306 -11.66 8.32 3.12
C PHE B 306 -11.66 8.30 4.65
N THR B 307 -10.66 8.93 5.25
CA THR B 307 -10.48 8.87 6.69
C THR B 307 -11.29 9.97 7.39
N SER B 308 -11.52 9.76 8.68
CA SER B 308 -12.28 10.69 9.49
C SER B 308 -11.82 10.62 10.94
N LEU B 309 -12.09 11.68 11.69
CA LEU B 309 -11.69 11.78 13.09
C LEU B 309 -12.88 12.17 13.94
N GLY B 310 -12.81 11.82 15.22
CA GLY B 310 -13.84 12.19 16.17
C GLY B 310 -13.22 12.51 17.52
N PHE B 311 -13.88 13.42 18.23
CA PHE B 311 -13.38 13.89 19.52
C PHE B 311 -14.56 14.48 20.30
N GLY B 312 -14.25 15.20 21.37
CA GLY B 312 -15.26 15.90 22.15
C GLY B 312 -15.46 15.38 23.56
N LEU B 313 -14.88 14.24 23.92
CA LEU B 313 -15.03 13.69 25.26
C LEU B 313 -13.88 14.08 26.18
N GLY B 314 -13.09 15.07 25.82
CA GLY B 314 -11.96 15.45 26.65
C GLY B 314 -12.40 16.23 27.88
N THR B 315 -11.70 15.99 28.99
CA THR B 315 -12.02 16.63 30.25
C THR B 315 -10.87 17.47 30.78
N ASN B 316 -9.65 16.93 30.79
CA ASN B 316 -8.51 17.62 31.37
C ASN B 316 -8.00 18.70 30.41
N TRP B 317 -6.87 19.30 30.73
CA TRP B 317 -6.37 20.43 29.97
C TRP B 317 -5.80 20.01 28.61
N PHE B 318 -5.07 18.90 28.59
CA PHE B 318 -4.41 18.48 27.35
C PHE B 318 -5.43 18.13 26.27
N GLU B 319 -6.49 17.43 26.62
CA GLU B 319 -7.51 17.09 25.64
C GLU B 319 -8.22 18.33 25.12
N ARG B 320 -8.50 19.30 26.00
CA ARG B 320 -9.10 20.54 25.57
C ARG B 320 -8.19 21.28 24.60
N GLU B 321 -6.89 21.31 24.88
CA GLU B 321 -5.95 21.96 23.98
C GLU B 321 -5.88 21.25 22.64
N ILE B 322 -5.94 19.91 22.65
CA ILE B 322 -5.89 19.16 21.41
C ILE B 322 -7.14 19.45 20.56
N GLN B 323 -8.31 19.49 21.21
CA GLN B 323 -9.54 19.81 20.47
C GLN B 323 -9.48 21.22 19.90
N LYS B 324 -9.00 22.18 20.70
CA LYS B 324 -8.87 23.54 20.21
C LYS B 324 -7.92 23.62 19.03
N ALA B 325 -6.81 22.89 19.10
CA ALA B 325 -5.86 22.88 17.99
C ALA B 325 -6.48 22.30 16.73
N ILE B 326 -7.22 21.20 16.86
CA ILE B 326 -7.87 20.60 15.70
C ILE B 326 -8.84 21.58 15.07
N LEU B 327 -9.70 22.19 15.88
CA LEU B 327 -10.71 23.11 15.36
C LEU B 327 -10.05 24.32 14.71
N GLN B 328 -8.99 24.86 15.34
CA GLN B 328 -8.32 26.03 14.78
C GLN B 328 -7.62 25.70 13.47
N VAL B 329 -6.98 24.53 13.39
CA VAL B 329 -6.26 24.19 12.16
C VAL B 329 -7.24 23.89 11.04
N ARG B 330 -8.45 23.44 11.36
CA ARG B 330 -9.45 23.31 10.31
C ARG B 330 -10.01 24.67 9.91
N ILE B 331 -10.16 25.58 10.87
CA ILE B 331 -10.68 26.91 10.58
C ILE B 331 -9.72 27.68 9.68
N LEU B 332 -8.41 27.56 9.94
CA LEU B 332 -7.42 28.37 9.23
C LEU B 332 -7.53 28.19 7.73
N GLY B 333 -7.32 26.97 7.24
CA GLY B 333 -7.46 26.69 5.83
C GLY B 333 -6.45 25.67 5.37
N LEU B 334 -6.24 25.64 4.05
CA LEU B 334 -5.35 24.67 3.40
C LEU B 334 -4.43 25.45 2.47
N GLY B 335 -3.29 25.89 3.00
CA GLY B 335 -2.29 26.54 2.18
C GLY B 335 -2.42 28.05 2.13
N SER B 336 -1.63 28.63 1.22
CA SER B 336 -1.57 30.09 1.10
C SER B 336 -2.90 30.68 0.67
N GLU B 337 -3.68 29.94 -0.11
CA GLU B 337 -4.98 30.42 -0.56
C GLU B 337 -6.09 30.17 0.44
N HIS B 338 -5.77 29.56 1.58
CA HIS B 338 -6.76 29.22 2.60
C HIS B 338 -7.91 28.41 2.02
N ARG B 339 -7.54 27.37 1.28
CA ARG B 339 -8.52 26.47 0.68
C ARG B 339 -9.23 25.66 1.77
N THR B 340 -10.44 25.22 1.46
CA THR B 340 -11.21 24.41 2.40
C THR B 340 -10.70 22.97 2.40
N ALA B 341 -10.40 22.46 3.59
CA ALA B 341 -9.96 21.07 3.70
C ALA B 341 -11.13 20.13 3.46
N ILE B 342 -10.85 19.03 2.76
CA ILE B 342 -11.86 18.03 2.45
C ILE B 342 -11.77 16.82 3.38
N PHE B 343 -10.55 16.33 3.60
CA PHE B 343 -10.32 15.18 4.46
C PHE B 343 -9.21 15.51 5.46
N PRO B 344 -9.25 14.91 6.65
CA PRO B 344 -10.23 13.93 7.15
C PRO B 344 -11.52 14.59 7.58
N LYS B 345 -12.61 13.82 7.71
CA LYS B 345 -13.90 14.37 8.09
C LYS B 345 -13.99 14.41 9.61
N LEU B 346 -13.86 15.61 10.17
CA LEU B 346 -13.98 15.75 11.61
C LEU B 346 -15.41 15.50 12.06
N ILE B 347 -15.55 14.91 13.24
CA ILE B 347 -16.85 14.53 13.79
C ILE B 347 -16.87 14.93 15.25
N PHE B 348 -17.71 15.90 15.59
CA PHE B 348 -17.78 16.40 16.96
C PHE B 348 -18.68 15.50 17.81
N THR B 349 -18.81 15.85 19.09
CA THR B 349 -19.64 15.10 20.03
C THR B 349 -20.30 16.07 20.99
N LEU B 350 -21.62 16.01 21.07
CA LEU B 350 -22.39 16.82 22.00
C LEU B 350 -22.86 15.95 23.16
N LYS B 351 -22.52 16.34 24.38
CA LYS B 351 -22.90 15.60 25.57
C LYS B 351 -23.51 16.57 26.58
N ARG B 352 -24.65 16.19 27.14
CA ARG B 352 -25.29 17.03 28.14
C ARG B 352 -24.46 17.03 29.41
N GLY B 353 -24.11 18.23 29.89
CA GLY B 353 -23.25 18.39 31.02
C GLY B 353 -21.78 18.59 30.67
N LEU B 354 -21.33 18.00 29.56
CA LEU B 354 -19.95 18.20 29.12
C LEU B 354 -19.84 19.50 28.33
N ASN B 355 -20.51 19.58 27.18
CA ASN B 355 -20.62 20.86 26.45
C ASN B 355 -21.95 20.86 25.70
N LEU B 356 -22.97 21.39 26.34
CA LEU B 356 -24.26 21.61 25.67
C LEU B 356 -24.84 22.99 25.97
N GLU B 357 -24.67 23.49 27.19
CA GLU B 357 -25.33 24.69 27.68
C GLU B 357 -24.30 25.76 28.02
N PRO B 358 -24.70 27.04 28.06
CA PRO B 358 -23.71 28.11 28.27
C PRO B 358 -22.96 28.01 29.59
N ASN B 359 -23.49 27.32 30.59
CA ASN B 359 -22.78 27.15 31.85
C ASN B 359 -21.93 25.88 31.87
N SER B 360 -21.88 25.14 30.77
CA SER B 360 -21.10 23.91 30.72
C SER B 360 -19.61 24.22 30.72
N PRO B 361 -18.78 23.33 31.25
CA PRO B 361 -17.34 23.64 31.37
C PRO B 361 -16.58 23.68 30.05
N ASN B 362 -17.18 23.23 28.95
CA ASN B 362 -16.50 23.21 27.65
C ASN B 362 -17.31 23.95 26.60
N TYR B 363 -17.93 25.08 26.99
CA TYR B 363 -18.76 25.82 26.04
C TYR B 363 -17.92 26.55 25.00
N ASP B 364 -16.71 26.98 25.36
CA ASP B 364 -15.86 27.66 24.39
C ASP B 364 -15.49 26.74 23.24
N ILE B 365 -15.24 25.46 23.54
CA ILE B 365 -14.99 24.48 22.50
C ILE B 365 -16.20 24.36 21.58
N LYS B 366 -17.40 24.39 22.15
CA LYS B 366 -18.61 24.33 21.34
C LYS B 366 -18.74 25.56 20.44
N GLN B 367 -18.40 26.74 20.95
CA GLN B 367 -18.45 27.94 20.12
C GLN B 367 -17.44 27.87 18.98
N LEU B 368 -16.24 27.36 19.28
CA LEU B 368 -15.25 27.18 18.22
C LEU B 368 -15.72 26.19 17.17
N ALA B 369 -16.36 25.10 17.61
CA ALA B 369 -16.91 24.14 16.67
C ALA B 369 -18.03 24.75 15.84
N LEU B 370 -18.83 25.63 16.45
CA LEU B 370 -19.89 26.31 15.73
C LEU B 370 -19.32 27.20 14.63
N GLU B 371 -18.28 27.97 14.97
CA GLU B 371 -17.64 28.80 13.95
C GLU B 371 -17.03 27.95 12.85
N CYS B 372 -16.40 26.84 13.23
CA CYS B 372 -15.83 25.94 12.22
C CYS B 372 -16.92 25.37 11.31
N ALA B 373 -18.07 25.00 11.88
CA ALA B 373 -19.15 24.44 11.08
C ALA B 373 -19.72 25.48 10.13
N THR B 374 -19.87 26.72 10.60
CA THR B 374 -20.45 27.75 9.74
C THR B 374 -19.45 28.31 8.73
N LYS B 375 -18.16 28.05 8.90
CA LYS B 375 -17.18 28.54 7.94
C LYS B 375 -16.62 27.48 7.01
N ARG B 376 -16.67 26.20 7.39
CA ARG B 376 -16.05 25.15 6.59
C ARG B 376 -16.93 23.90 6.45
N MET B 377 -18.20 23.97 6.80
CA MET B 377 -19.17 22.89 6.66
C MET B 377 -18.80 21.65 7.48
N TYR B 378 -17.80 21.74 8.34
CA TYR B 378 -17.37 20.66 9.21
C TYR B 378 -17.14 21.24 10.60
N PRO B 379 -17.30 20.42 11.66
CA PRO B 379 -17.57 18.99 11.70
C PRO B 379 -19.04 18.64 11.87
N ASP B 380 -19.36 17.34 11.79
CA ASP B 380 -20.70 16.85 12.06
C ASP B 380 -20.85 16.55 13.54
N VAL B 381 -21.99 16.90 14.10
CA VAL B 381 -22.22 16.78 15.53
C VAL B 381 -22.88 15.44 15.82
N LEU B 382 -22.38 14.76 16.85
CA LEU B 382 -22.93 13.51 17.32
C LEU B 382 -23.52 13.71 18.72
N SER B 383 -24.62 13.01 18.99
CA SER B 383 -25.30 13.10 20.28
C SER B 383 -24.95 11.87 21.10
N TYR B 384 -24.44 12.10 22.32
CA TYR B 384 -24.00 11.00 23.16
C TYR B 384 -25.18 10.11 23.56
N ASP B 385 -26.23 10.70 24.11
CA ASP B 385 -27.32 9.91 24.67
C ASP B 385 -28.15 9.23 23.58
N LYS B 386 -28.48 9.95 22.51
CA LYS B 386 -29.29 9.36 21.46
C LYS B 386 -28.57 8.19 20.80
N ILE B 387 -27.27 8.34 20.52
CA ILE B 387 -26.52 7.26 19.89
C ILE B 387 -26.35 6.09 20.87
N ILE B 388 -26.07 6.38 22.15
CA ILE B 388 -25.90 5.30 23.10
C ILE B 388 -27.21 4.55 23.32
N GLU B 389 -28.35 5.22 23.13
CA GLU B 389 -29.63 4.53 23.23
C GLU B 389 -29.94 3.74 21.96
N LEU B 390 -29.55 4.26 20.79
CA LEU B 390 -29.89 3.61 19.54
C LEU B 390 -29.01 2.38 19.31
N THR B 391 -27.69 2.57 19.27
CA THR B 391 -26.80 1.46 18.97
C THR B 391 -26.56 0.58 20.20
N GLY B 392 -26.23 1.19 21.33
CA GLY B 392 -25.94 0.44 22.53
C GLY B 392 -24.76 0.99 23.31
N SER B 393 -23.81 1.59 22.60
CA SER B 393 -22.67 2.24 23.22
C SER B 393 -22.16 3.30 22.27
N PHE B 394 -21.78 4.45 22.81
CA PHE B 394 -21.33 5.55 21.96
C PHE B 394 -20.01 5.22 21.29
N LYS B 395 -19.95 5.43 19.98
CA LYS B 395 -18.72 5.34 19.22
C LYS B 395 -18.87 6.15 17.95
N ALA B 396 -17.75 6.66 17.45
CA ALA B 396 -17.79 7.48 16.25
C ALA B 396 -18.27 6.65 15.06
N PRO B 397 -18.99 7.24 14.12
CA PRO B 397 -19.45 6.48 12.96
C PRO B 397 -18.29 6.11 12.05
N MET B 398 -17.90 4.85 12.08
CA MET B 398 -16.75 4.39 11.32
C MET B 398 -17.11 4.27 9.84
N GLY B 399 -16.33 4.93 8.99
CA GLY B 399 -16.61 4.95 7.57
C GLY B 399 -17.37 6.18 7.16
N CYS B 400 -18.09 6.06 6.06
CA CYS B 400 -18.94 7.15 5.57
C CYS B 400 -20.02 7.48 6.59
N ARG B 401 -20.93 6.52 6.83
CA ARG B 401 -22.00 6.73 7.80
C ARG B 401 -22.31 5.48 8.62
N SER B 402 -21.48 4.44 8.57
CA SER B 402 -21.80 3.19 9.23
C SER B 402 -21.70 3.33 10.75
N PHE B 403 -22.27 2.35 11.44
CA PHE B 403 -22.29 2.34 12.89
C PHE B 403 -22.16 0.90 13.37
N LEU B 404 -21.92 0.76 14.68
CA LEU B 404 -21.79 -0.54 15.32
C LEU B 404 -22.65 -0.59 16.58
N GLN B 405 -23.16 -1.78 16.88
CA GLN B 405 -23.90 -1.99 18.11
C GLN B 405 -22.95 -2.21 19.28
N GLY B 406 -23.50 -2.07 20.49
CA GLY B 406 -22.72 -2.34 21.68
C GLY B 406 -22.25 -3.77 21.75
N TRP B 407 -20.96 -3.98 22.00
CA TRP B 407 -20.39 -5.31 22.02
C TRP B 407 -19.44 -5.45 23.21
N LYS B 408 -19.44 -6.64 23.81
CA LYS B 408 -18.54 -6.97 24.90
C LYS B 408 -17.91 -8.33 24.63
N ASP B 409 -16.65 -8.48 25.03
CA ASP B 409 -15.94 -9.73 24.84
C ASP B 409 -16.18 -10.64 26.06
N GLU B 410 -15.42 -11.73 26.16
CA GLU B 410 -15.59 -12.66 27.26
C GLU B 410 -15.23 -12.03 28.60
N ASN B 411 -14.34 -11.03 28.59
CA ASN B 411 -13.92 -10.38 29.82
C ASN B 411 -14.93 -9.36 30.34
N GLY B 412 -15.97 -9.07 29.57
CA GLY B 412 -17.00 -8.16 30.03
C GLY B 412 -16.70 -6.70 29.81
N VAL B 413 -15.54 -6.36 29.25
CA VAL B 413 -15.15 -4.97 28.98
C VAL B 413 -15.65 -4.58 27.59
N GLU B 414 -16.35 -3.46 27.51
CA GLU B 414 -16.86 -3.00 26.23
C GLU B 414 -15.73 -2.42 25.39
N VAL B 415 -15.66 -2.82 24.12
CA VAL B 415 -14.65 -2.35 23.19
C VAL B 415 -15.33 -1.89 21.91
N ASN B 416 -14.95 -0.71 21.44
CA ASN B 416 -15.49 -0.15 20.21
C ASN B 416 -14.43 0.00 19.13
N SER B 417 -13.28 0.57 19.45
CA SER B 417 -12.20 0.68 18.48
C SER B 417 -11.57 -0.69 18.26
N GLY B 418 -11.39 -1.06 17.00
CA GLY B 418 -10.84 -2.36 16.64
C GLY B 418 -11.82 -3.26 15.90
N ARG B 419 -13.01 -2.79 15.59
CA ARG B 419 -13.98 -3.58 14.86
C ARG B 419 -13.94 -3.20 13.37
N MET B 420 -14.78 -3.86 12.58
CA MET B 420 -14.73 -3.71 11.13
C MET B 420 -16.06 -4.14 10.54
N ASN B 421 -16.26 -3.78 9.27
CA ASN B 421 -17.42 -4.21 8.51
C ASN B 421 -16.92 -4.98 7.30
N LEU B 422 -17.42 -6.21 7.13
CA LEU B 422 -16.90 -7.08 6.09
C LEU B 422 -17.29 -6.60 4.70
N GLY B 423 -18.58 -6.54 4.41
CA GLY B 423 -19.04 -6.14 3.11
C GLY B 423 -20.47 -5.61 3.16
N VAL B 424 -20.90 -5.04 2.05
CA VAL B 424 -22.22 -4.42 1.95
C VAL B 424 -22.81 -4.74 0.59
N VAL B 425 -24.09 -5.08 0.56
CA VAL B 425 -24.87 -5.10 -0.68
C VAL B 425 -26.13 -4.29 -0.43
N THR B 426 -26.73 -3.81 -1.52
CA THR B 426 -27.86 -2.90 -1.43
C THR B 426 -29.03 -3.44 -2.23
N LEU B 427 -30.23 -3.35 -1.66
CA LEU B 427 -31.44 -3.74 -2.36
C LEU B 427 -31.86 -2.66 -3.35
N ASN B 428 -32.93 -2.91 -4.08
CA ASN B 428 -33.54 -1.92 -4.97
C ASN B 428 -35.02 -1.84 -4.60
N LEU B 429 -35.33 -1.05 -3.58
CA LEU B 429 -36.72 -0.88 -3.17
C LEU B 429 -37.59 -0.22 -4.23
N PRO B 430 -37.16 0.87 -4.92
CA PRO B 430 -38.04 1.46 -5.94
C PRO B 430 -38.43 0.50 -7.04
N ARG B 431 -37.53 -0.39 -7.45
CA ARG B 431 -37.88 -1.34 -8.51
C ARG B 431 -38.96 -2.31 -8.04
N ILE B 432 -38.84 -2.80 -6.80
CA ILE B 432 -39.86 -3.69 -6.27
C ILE B 432 -41.19 -2.97 -6.15
N ALA B 433 -41.16 -1.71 -5.73
CA ALA B 433 -42.39 -0.94 -5.65
C ALA B 433 -43.01 -0.72 -7.03
N LEU B 434 -42.17 -0.46 -8.03
CA LEU B 434 -42.68 -0.17 -9.37
C LEU B 434 -43.26 -1.41 -10.04
N GLU B 435 -42.56 -2.54 -9.94
CA GLU B 435 -43.03 -3.75 -10.58
C GLU B 435 -44.21 -4.40 -9.87
N SER B 436 -44.53 -3.94 -8.67
CA SER B 436 -45.69 -4.48 -7.94
C SER B 436 -47.02 -4.08 -8.55
N LYS B 437 -47.03 -3.10 -9.47
CA LYS B 437 -48.25 -2.64 -10.14
C LYS B 437 -49.28 -2.16 -9.13
N GLY B 438 -48.82 -1.51 -8.06
CA GLY B 438 -49.71 -0.95 -7.07
C GLY B 438 -50.34 -1.93 -6.10
N ASP B 439 -49.90 -3.18 -6.10
CA ASP B 439 -50.43 -4.19 -5.19
C ASP B 439 -49.46 -4.40 -4.05
N GLN B 440 -49.94 -4.26 -2.82
CA GLN B 440 -49.06 -4.34 -1.66
C GLN B 440 -48.64 -5.76 -1.35
N ASP B 441 -49.56 -6.72 -1.47
CA ASP B 441 -49.22 -8.12 -1.15
C ASP B 441 -48.17 -8.67 -2.11
N LYS B 442 -48.32 -8.39 -3.40
CA LYS B 442 -47.29 -8.80 -4.35
C LYS B 442 -45.98 -8.10 -4.05
N PHE B 443 -46.05 -6.83 -3.62
CA PHE B 443 -44.84 -6.12 -3.24
C PHE B 443 -44.12 -6.83 -2.11
N TRP B 444 -44.88 -7.27 -1.10
CA TRP B 444 -44.27 -7.99 0.02
C TRP B 444 -43.68 -9.32 -0.43
N GLU B 445 -44.36 -10.01 -1.36
CA GLU B 445 -43.84 -11.29 -1.85
C GLU B 445 -42.49 -11.11 -2.55
N ILE B 446 -42.42 -10.19 -3.51
CA ILE B 446 -41.14 -9.93 -4.17
C ILE B 446 -40.12 -9.39 -3.18
N PHE B 447 -40.57 -8.66 -2.15
CA PHE B 447 -39.65 -8.17 -1.14
C PHE B 447 -38.99 -9.32 -0.40
N GLU B 448 -39.77 -10.31 0.00
CA GLU B 448 -39.20 -11.48 0.68
C GLU B 448 -38.25 -12.23 -0.25
N GLU B 449 -38.60 -12.35 -1.52
CA GLU B 449 -37.71 -13.01 -2.47
C GLU B 449 -36.37 -12.29 -2.57
N ARG B 450 -36.41 -10.96 -2.70
CA ARG B 450 -35.18 -10.19 -2.80
C ARG B 450 -34.39 -10.22 -1.50
N MET B 451 -35.05 -10.24 -0.35
CA MET B 451 -34.34 -10.36 0.92
C MET B 451 -33.62 -11.69 1.01
N GLY B 452 -34.25 -12.77 0.53
CA GLY B 452 -33.55 -14.05 0.51
C GLY B 452 -32.33 -14.02 -0.41
N ILE B 453 -32.48 -13.41 -1.59
CA ILE B 453 -31.34 -13.28 -2.50
C ILE B 453 -30.20 -12.50 -1.83
N ALA B 454 -30.56 -11.40 -1.16
CA ALA B 454 -29.54 -10.58 -0.50
C ALA B 454 -28.89 -11.33 0.66
N LYS B 455 -29.66 -12.15 1.37
CA LYS B 455 -29.07 -12.97 2.43
C LYS B 455 -28.03 -13.93 1.87
N ASP B 456 -28.36 -14.58 0.74
CA ASP B 456 -27.38 -15.47 0.11
C ASP B 456 -26.13 -14.69 -0.29
N ALA B 457 -26.31 -13.50 -0.85
CA ALA B 457 -25.17 -12.67 -1.24
C ALA B 457 -24.31 -12.33 -0.03
N LEU B 458 -24.95 -11.94 1.07
CA LEU B 458 -24.22 -11.56 2.28
C LEU B 458 -23.45 -12.74 2.85
N VAL B 459 -24.07 -13.92 2.87
CA VAL B 459 -23.37 -15.10 3.38
C VAL B 459 -22.17 -15.42 2.52
N TYR B 460 -22.32 -15.34 1.19
CA TYR B 460 -21.17 -15.58 0.32
C TYR B 460 -20.06 -14.57 0.58
N ARG B 461 -20.43 -13.29 0.75
CA ARG B 461 -19.42 -12.27 1.00
C ARG B 461 -18.66 -12.54 2.30
N VAL B 462 -19.39 -12.93 3.34
CA VAL B 462 -18.74 -13.23 4.62
C VAL B 462 -17.79 -14.42 4.47
N GLU B 463 -18.24 -15.48 3.79
CA GLU B 463 -17.39 -16.64 3.62
C GLU B 463 -16.16 -16.32 2.77
N ARG B 464 -16.31 -15.47 1.76
CA ARG B 464 -15.16 -15.08 0.96
C ARG B 464 -14.16 -14.26 1.76
N VAL B 465 -14.67 -13.35 2.59
CA VAL B 465 -13.78 -12.55 3.43
C VAL B 465 -13.04 -13.44 4.42
N LYS B 466 -13.72 -14.47 4.94
CA LYS B 466 -13.10 -15.38 5.91
C LYS B 466 -11.93 -16.15 5.32
N GLU B 467 -11.68 -16.05 4.01
CA GLU B 467 -10.57 -16.73 3.39
C GLU B 467 -9.26 -15.97 3.49
N ALA B 468 -9.27 -14.81 4.14
CA ALA B 468 -8.05 -14.02 4.29
C ALA B 468 -7.07 -14.70 5.22
N THR B 469 -5.82 -14.24 5.17
CA THR B 469 -4.75 -14.71 6.01
C THR B 469 -4.03 -13.51 6.60
N PRO B 470 -3.49 -13.62 7.83
CA PRO B 470 -2.76 -12.47 8.40
C PRO B 470 -1.63 -11.99 7.50
N ALA B 471 -0.88 -12.89 6.87
CA ALA B 471 0.21 -12.49 6.01
C ALA B 471 -0.26 -11.67 4.82
N ASN B 472 -1.55 -11.75 4.47
CA ASN B 472 -2.09 -10.92 3.40
C ASN B 472 -2.02 -9.45 3.75
N ALA B 473 -2.10 -9.11 5.03
CA ALA B 473 -2.03 -7.73 5.46
C ALA B 473 -1.54 -7.67 6.91
N PRO B 474 -0.23 -7.68 7.14
CA PRO B 474 0.27 -7.66 8.52
C PRO B 474 -0.12 -6.41 9.28
N ILE B 475 -0.41 -5.31 8.59
CA ILE B 475 -0.87 -4.11 9.28
C ILE B 475 -2.21 -4.36 9.96
N LEU B 476 -3.10 -5.08 9.28
CA LEU B 476 -4.46 -5.26 9.79
C LEU B 476 -4.53 -6.41 10.79
N TYR B 477 -4.17 -7.61 10.36
CA TYR B 477 -4.43 -8.81 11.15
C TYR B 477 -3.26 -9.22 12.05
N GLN B 478 -2.13 -8.53 11.99
CA GLN B 478 -0.95 -8.96 12.73
C GLN B 478 -0.40 -7.94 13.71
N TYR B 479 -0.80 -6.67 13.63
CA TYR B 479 -0.20 -5.63 14.45
C TYR B 479 -1.27 -4.74 15.08
N GLY B 480 -2.31 -5.36 15.63
CA GLY B 480 -3.23 -4.68 16.51
C GLY B 480 -4.21 -3.73 15.85
N ALA B 481 -4.40 -3.82 14.52
CA ALA B 481 -5.38 -2.94 13.89
C ALA B 481 -6.80 -3.34 14.20
N PHE B 482 -7.01 -4.55 14.72
CA PHE B 482 -8.35 -5.06 14.99
C PHE B 482 -8.52 -5.43 16.45
N GLY B 483 -7.62 -4.98 17.31
CA GLY B 483 -7.73 -5.24 18.74
C GLY B 483 -6.81 -6.35 19.19
N GLN B 484 -6.69 -7.40 18.41
CA GLN B 484 -5.87 -8.55 18.73
C GLN B 484 -4.72 -8.67 17.74
N ARG B 485 -3.66 -9.36 18.18
CA ARG B 485 -2.48 -9.59 17.36
C ARG B 485 -2.29 -11.09 17.22
N LEU B 486 -2.77 -11.65 16.12
CA LEU B 486 -2.66 -13.08 15.89
C LEU B 486 -1.32 -13.40 15.26
N ARG B 487 -1.16 -14.64 14.78
CA ARG B 487 0.04 -15.09 14.11
C ARG B 487 -0.34 -15.69 12.77
N LYS B 488 0.66 -15.93 11.93
CA LYS B 488 0.41 -16.60 10.66
C LYS B 488 -0.12 -18.01 10.86
N CYS B 489 0.13 -18.60 12.02
CA CYS B 489 -0.39 -19.93 12.36
C CYS B 489 -1.87 -19.90 12.73
N ASP B 490 -2.44 -18.74 13.01
CA ASP B 490 -3.83 -18.63 13.44
C ASP B 490 -4.70 -18.18 12.28
N SER B 491 -6.01 -18.30 12.48
CA SER B 491 -7.00 -17.96 11.47
C SER B 491 -7.63 -16.61 11.77
N VAL B 492 -8.03 -15.91 10.71
CA VAL B 492 -8.59 -14.57 10.85
C VAL B 492 -9.99 -14.59 11.44
N ASP B 493 -10.67 -15.73 11.43
CA ASP B 493 -12.05 -15.78 11.89
C ASP B 493 -12.19 -15.43 13.36
N GLN B 494 -11.10 -15.44 14.12
CA GLN B 494 -11.16 -15.04 15.51
C GLN B 494 -11.53 -13.58 15.67
N LEU B 495 -11.35 -12.77 14.64
CA LEU B 495 -11.69 -11.35 14.69
C LEU B 495 -13.08 -11.03 14.15
N PHE B 496 -13.85 -12.03 13.75
CA PHE B 496 -15.14 -11.78 13.12
C PHE B 496 -16.27 -12.50 13.85
N LYS B 497 -15.96 -13.63 14.47
CA LYS B 497 -17.01 -14.45 15.07
C LYS B 497 -17.57 -13.78 16.33
N HIS B 498 -18.63 -14.40 16.86
CA HIS B 498 -19.32 -13.91 18.06
C HIS B 498 -19.82 -12.48 17.87
N ARG B 499 -20.27 -12.17 16.65
CA ARG B 499 -20.83 -10.88 16.28
C ARG B 499 -19.87 -9.72 16.52
N ARG B 500 -18.57 -9.99 16.59
CA ARG B 500 -17.60 -8.91 16.72
C ARG B 500 -17.60 -8.03 15.48
N ALA B 501 -17.68 -8.63 14.30
CA ALA B 501 -17.65 -7.91 13.04
C ALA B 501 -19.04 -7.82 12.45
N THR B 502 -19.42 -6.63 12.00
CA THR B 502 -20.75 -6.39 11.47
C THR B 502 -20.77 -6.54 9.96
N VAL B 503 -21.96 -6.79 9.42
CA VAL B 503 -22.21 -6.85 7.99
C VAL B 503 -23.48 -6.06 7.70
N SER B 504 -23.42 -5.17 6.73
CA SER B 504 -24.50 -4.23 6.47
C SER B 504 -25.22 -4.60 5.18
N LEU B 505 -26.55 -4.57 5.23
CA LEU B 505 -27.40 -4.77 4.06
C LEU B 505 -28.12 -3.46 3.78
N GLY B 506 -27.90 -2.90 2.59
CA GLY B 506 -28.33 -1.55 2.28
C GLY B 506 -29.66 -1.48 1.56
N TYR B 507 -30.13 -0.25 1.39
CA TYR B 507 -31.37 0.04 0.69
C TYR B 507 -31.32 1.50 0.23
N ILE B 508 -32.36 1.91 -0.51
CA ILE B 508 -32.44 3.28 -1.01
C ILE B 508 -33.87 3.55 -1.47
N GLY B 509 -34.26 4.82 -1.48
CA GLY B 509 -35.50 5.23 -2.10
C GLY B 509 -36.79 4.82 -1.40
N LEU B 510 -36.85 4.97 -0.07
CA LEU B 510 -38.11 4.77 0.62
C LEU B 510 -39.16 5.78 0.17
N TYR B 511 -38.73 7.01 -0.15
CA TYR B 511 -39.67 8.02 -0.61
C TYR B 511 -40.33 7.61 -1.92
N GLU B 512 -39.54 7.05 -2.85
CA GLU B 512 -40.11 6.58 -4.11
C GLU B 512 -41.07 5.42 -3.87
N VAL B 513 -40.72 4.52 -2.95
CA VAL B 513 -41.58 3.39 -2.63
C VAL B 513 -42.93 3.88 -2.13
N ALA B 514 -42.91 4.85 -1.21
CA ALA B 514 -44.17 5.38 -0.70
C ALA B 514 -44.92 6.15 -1.78
N SER B 515 -44.21 6.90 -2.63
CA SER B 515 -44.86 7.68 -3.68
C SER B 515 -45.47 6.80 -4.75
N VAL B 516 -45.00 5.56 -4.90
CA VAL B 516 -45.63 4.63 -5.83
C VAL B 516 -47.10 4.45 -5.48
N PHE B 517 -47.41 4.31 -4.19
CA PHE B 517 -48.76 4.01 -3.75
C PHE B 517 -49.54 5.21 -3.25
N TYR B 518 -48.87 6.31 -2.90
CA TYR B 518 -49.56 7.43 -2.26
C TYR B 518 -49.25 8.77 -2.91
N GLY B 519 -48.68 8.79 -4.10
CA GLY B 519 -48.42 10.03 -4.79
C GLY B 519 -47.22 10.78 -4.24
N SER B 520 -46.98 11.95 -4.83
CA SER B 520 -45.79 12.73 -4.48
C SER B 520 -45.86 13.22 -3.03
N ASP B 521 -46.98 13.81 -2.64
CA ASP B 521 -47.13 14.38 -1.31
C ASP B 521 -47.81 13.35 -0.40
N TRP B 522 -47.02 12.72 0.46
CA TRP B 522 -47.55 11.73 1.39
C TRP B 522 -47.03 11.92 2.81
N GLU B 523 -46.13 12.89 3.05
CA GLU B 523 -45.60 13.09 4.39
C GLU B 523 -46.66 13.53 5.38
N THR B 524 -47.76 14.11 4.90
CA THR B 524 -48.87 14.49 5.76
C THR B 524 -49.85 13.35 6.00
N ASN B 525 -49.60 12.17 5.43
CA ASN B 525 -50.47 11.02 5.55
C ASN B 525 -49.83 10.01 6.50
N LEU B 526 -50.60 9.53 7.46
CA LEU B 526 -50.08 8.56 8.42
C LEU B 526 -49.91 7.19 7.79
N GLU B 527 -50.72 6.85 6.79
CA GLU B 527 -50.68 5.52 6.20
C GLU B 527 -49.35 5.25 5.52
N ALA B 528 -48.88 6.21 4.71
CA ALA B 528 -47.62 6.00 4.00
C ALA B 528 -46.43 5.96 4.96
N LYS B 529 -46.45 6.82 5.98
CA LYS B 529 -45.39 6.79 6.98
C LYS B 529 -45.36 5.45 7.71
N THR B 530 -46.54 4.93 8.08
CA THR B 530 -46.60 3.64 8.72
C THR B 530 -46.13 2.53 7.79
N PHE B 531 -46.44 2.63 6.50
CA PHE B 531 -45.97 1.64 5.54
C PHE B 531 -44.44 1.63 5.45
N THR B 532 -43.83 2.82 5.38
CA THR B 532 -42.38 2.89 5.34
C THR B 532 -41.76 2.35 6.63
N LEU B 533 -42.35 2.71 7.77
CA LEU B 533 -41.84 2.20 9.04
C LEU B 533 -41.96 0.68 9.12
N ASN B 534 -43.05 0.13 8.56
CA ASN B 534 -43.20 -1.32 8.53
C ASN B 534 -42.17 -1.97 7.63
N ILE B 535 -41.84 -1.32 6.51
CA ILE B 535 -40.78 -1.82 5.64
C ILE B 535 -39.47 -1.90 6.42
N VAL B 536 -39.12 -0.81 7.12
CA VAL B 536 -37.87 -0.79 7.86
C VAL B 536 -37.90 -1.82 8.99
N LYS B 537 -39.04 -2.00 9.63
CA LYS B 537 -39.16 -2.96 10.72
C LYS B 537 -39.00 -4.39 10.21
N ALA B 538 -39.58 -4.70 9.05
CA ALA B 538 -39.41 -6.02 8.46
C ALA B 538 -37.94 -6.26 8.11
N MET B 539 -37.28 -5.23 7.56
CA MET B 539 -35.85 -5.35 7.27
C MET B 539 -35.06 -5.63 8.54
N LYS B 540 -35.37 -4.92 9.61
CA LYS B 540 -34.67 -5.11 10.88
C LYS B 540 -34.91 -6.52 11.43
N ASN B 541 -36.14 -7.00 11.35
CA ASN B 541 -36.44 -8.34 11.86
C ASN B 541 -35.71 -9.41 11.07
N ALA B 542 -35.68 -9.28 9.74
CA ALA B 542 -34.92 -10.23 8.92
C ALA B 542 -33.44 -10.18 9.28
N CYS B 543 -32.90 -8.98 9.48
CA CYS B 543 -31.49 -8.85 9.85
C CYS B 543 -31.21 -9.51 11.19
N GLU B 544 -32.11 -9.33 12.16
CA GLU B 544 -31.91 -9.95 13.48
C GLU B 544 -31.95 -11.46 13.38
N SER B 545 -32.90 -12.00 12.61
CA SER B 545 -32.98 -13.45 12.44
C SER B 545 -31.71 -13.99 11.79
N TRP B 546 -31.22 -13.30 10.76
CA TRP B 546 -29.99 -13.74 10.10
C TRP B 546 -28.81 -13.67 11.05
N SER B 547 -28.74 -12.61 11.86
CA SER B 547 -27.64 -12.47 12.82
C SER B 547 -27.65 -13.61 13.83
N ASP B 548 -28.83 -13.95 14.34
CA ASP B 548 -28.91 -15.07 15.28
C ASP B 548 -28.57 -16.39 14.61
N GLU B 549 -28.88 -16.52 13.31
CA GLU B 549 -28.62 -17.79 12.63
C GLU B 549 -27.13 -17.98 12.33
N TYR B 550 -26.45 -16.93 11.88
CA TYR B 550 -25.09 -17.05 11.37
C TYR B 550 -24.02 -16.52 12.31
N ASP B 551 -24.42 -15.98 13.48
CA ASP B 551 -23.47 -15.50 14.49
C ASP B 551 -22.58 -14.38 13.95
N TYR B 552 -23.14 -13.57 13.05
CA TYR B 552 -22.51 -12.33 12.61
C TYR B 552 -23.56 -11.23 12.67
N HIS B 553 -23.17 -10.05 13.14
CA HIS B 553 -24.17 -9.01 13.35
C HIS B 553 -24.64 -8.42 12.03
N PHE B 554 -25.67 -9.02 11.44
CA PHE B 554 -26.26 -8.51 10.22
C PHE B 554 -27.15 -7.33 10.56
N SER B 555 -26.76 -6.14 10.09
CA SER B 555 -27.49 -4.92 10.39
C SER B 555 -27.91 -4.24 9.08
N VAL B 556 -29.02 -3.51 9.15
CA VAL B 556 -29.49 -2.73 8.00
C VAL B 556 -28.56 -1.54 7.84
N TYR B 557 -28.67 -0.85 6.71
CA TYR B 557 -27.69 0.18 6.38
C TYR B 557 -28.31 1.19 5.43
N SER B 558 -28.00 2.47 5.66
CA SER B 558 -28.43 3.55 4.77
C SER B 558 -27.32 3.76 3.74
N THR B 559 -27.54 3.24 2.54
CA THR B 559 -26.52 3.29 1.51
C THR B 559 -26.27 4.75 1.11
N PRO B 560 -25.01 5.20 1.10
CA PRO B 560 -24.73 6.62 0.82
C PRO B 560 -24.82 7.01 -0.64
N SER B 561 -25.26 6.10 -1.52
CA SER B 561 -25.34 6.35 -2.96
C SER B 561 -23.98 6.78 -3.52
N GLU B 562 -22.91 6.17 -2.99
CA GLU B 562 -21.58 6.45 -3.52
C GLU B 562 -21.46 5.99 -4.97
N SER B 563 -21.96 4.80 -5.28
CA SER B 563 -21.97 4.29 -6.65
C SER B 563 -23.27 3.56 -6.94
N LEU B 564 -24.37 3.98 -6.33
CA LEU B 564 -25.64 3.27 -6.43
C LEU B 564 -26.59 3.90 -7.44
N THR B 565 -26.95 5.17 -7.24
CA THR B 565 -27.98 5.78 -8.07
C THR B 565 -27.55 5.91 -9.52
N ASP B 566 -26.25 6.07 -9.76
CA ASP B 566 -25.75 6.26 -11.11
C ASP B 566 -26.14 5.10 -12.01
N ARG B 567 -25.96 3.87 -11.53
CA ARG B 567 -26.38 2.72 -12.32
C ARG B 567 -27.85 2.41 -12.11
N PHE B 568 -28.38 2.66 -10.91
CA PHE B 568 -29.73 2.24 -10.58
C PHE B 568 -30.77 2.98 -11.42
N CYS B 569 -30.65 4.31 -11.49
CA CYS B 569 -31.67 5.07 -12.20
C CYS B 569 -31.70 4.73 -13.68
N ARG B 570 -30.53 4.63 -14.31
CA ARG B 570 -30.51 4.34 -15.74
C ARG B 570 -30.94 2.90 -16.03
N LEU B 571 -30.48 1.94 -15.23
CA LEU B 571 -30.84 0.56 -15.47
C LEU B 571 -32.29 0.26 -15.09
N ASP B 572 -32.94 1.15 -14.34
CA ASP B 572 -34.37 1.00 -14.08
C ASP B 572 -35.22 1.75 -15.09
N THR B 573 -34.75 2.90 -15.58
CA THR B 573 -35.50 3.64 -16.58
C THR B 573 -35.41 2.99 -17.95
N GLU B 574 -34.36 2.21 -18.21
CA GLU B 574 -34.31 1.45 -19.45
C GLU B 574 -35.41 0.40 -19.50
N LYS B 575 -35.74 -0.21 -18.37
CA LYS B 575 -36.72 -1.29 -18.30
C LYS B 575 -38.13 -0.82 -18.02
N PHE B 576 -38.31 0.27 -17.27
CA PHE B 576 -39.63 0.73 -16.88
C PHE B 576 -40.06 2.02 -17.56
N GLY B 577 -39.13 2.77 -18.14
CA GLY B 577 -39.48 4.01 -18.80
C GLY B 577 -39.66 5.16 -17.84
N VAL B 578 -39.95 6.33 -18.40
CA VAL B 578 -40.10 7.54 -17.60
C VAL B 578 -41.38 7.44 -16.79
N VAL B 579 -41.26 7.63 -15.47
CA VAL B 579 -42.39 7.60 -14.55
C VAL B 579 -42.40 8.90 -13.77
N THR B 580 -43.58 9.49 -13.61
CA THR B 580 -43.69 10.80 -12.99
C THR B 580 -43.18 10.77 -11.55
N ASP B 581 -42.29 11.71 -11.23
CA ASP B 581 -41.78 11.96 -9.88
C ASP B 581 -41.08 10.75 -9.28
N ILE B 582 -40.78 9.71 -10.08
CA ILE B 582 -40.15 8.51 -9.55
C ILE B 582 -38.90 8.20 -10.36
N THR B 583 -38.89 8.58 -11.63
CA THR B 583 -37.76 8.27 -12.49
C THR B 583 -37.32 9.48 -13.30
N ASP B 584 -38.22 10.45 -13.50
CA ASP B 584 -37.87 11.63 -14.29
C ASP B 584 -36.84 12.50 -13.60
N LYS B 585 -36.65 12.34 -12.29
CA LYS B 585 -35.63 13.10 -11.57
C LYS B 585 -34.22 12.69 -11.96
N GLU B 586 -34.05 11.56 -12.65
CA GLU B 586 -32.76 11.03 -13.06
C GLU B 586 -31.86 10.70 -11.87
N TYR B 587 -32.45 10.48 -10.70
CA TYR B 587 -31.72 9.99 -9.54
C TYR B 587 -32.70 9.31 -8.59
N TYR B 588 -32.18 8.78 -7.50
CA TYR B 588 -32.98 8.11 -6.48
C TYR B 588 -32.76 8.80 -5.15
N THR B 589 -33.85 9.11 -4.46
CA THR B 589 -33.74 9.72 -3.14
C THR B 589 -33.00 8.78 -2.19
N ASN B 590 -32.01 9.31 -1.49
CA ASN B 590 -31.14 8.49 -0.66
C ASN B 590 -31.92 7.95 0.53
N SER B 591 -32.13 6.64 0.56
CA SER B 591 -32.76 5.94 1.68
C SER B 591 -34.07 6.58 2.12
N PHE B 592 -34.05 7.27 3.25
CA PHE B 592 -35.27 7.73 3.90
C PHE B 592 -35.31 9.24 4.14
N HIS B 593 -34.35 10.00 3.62
CA HIS B 593 -34.38 11.44 3.86
C HIS B 593 -35.56 12.07 3.14
N TYR B 594 -35.96 13.23 3.65
CA TYR B 594 -37.05 14.00 3.05
C TYR B 594 -36.72 14.32 1.59
N ASP B 595 -37.77 14.57 0.82
CA ASP B 595 -37.58 14.90 -0.59
C ASP B 595 -36.78 16.19 -0.71
N VAL B 596 -35.65 16.13 -1.42
CA VAL B 596 -34.80 17.30 -1.56
C VAL B 596 -35.47 18.39 -2.40
N ARG B 597 -36.47 18.02 -3.21
CA ARG B 597 -37.19 19.01 -4.00
C ARG B 597 -38.08 19.89 -3.14
N LYS B 598 -38.38 19.47 -1.91
CA LYS B 598 -39.18 20.24 -0.98
C LYS B 598 -38.30 21.00 -0.01
N ASN B 599 -38.85 22.06 0.56
CA ASN B 599 -38.10 22.97 1.44
C ASN B 599 -38.81 23.15 2.78
N PRO B 600 -38.78 22.13 3.63
CA PRO B 600 -39.34 22.28 4.96
C PRO B 600 -38.34 22.90 5.93
N THR B 601 -38.88 23.41 7.03
CA THR B 601 -38.02 23.93 8.08
C THR B 601 -37.21 22.78 8.69
N PRO B 602 -35.97 23.04 9.11
CA PRO B 602 -35.14 21.95 9.64
C PRO B 602 -35.78 21.22 10.81
N PHE B 603 -36.50 21.94 11.67
CA PHE B 603 -37.17 21.29 12.79
C PHE B 603 -38.20 20.27 12.30
N GLU B 604 -39.01 20.66 11.31
CA GLU B 604 -39.99 19.74 10.74
C GLU B 604 -39.32 18.53 10.11
N LYS B 605 -38.23 18.77 9.37
CA LYS B 605 -37.51 17.67 8.73
C LYS B 605 -36.98 16.68 9.76
N LEU B 606 -36.37 17.19 10.83
CA LEU B 606 -35.83 16.31 11.85
C LEU B 606 -36.93 15.57 12.59
N GLU B 607 -38.05 16.25 12.87
CA GLU B 607 -39.16 15.58 13.53
C GLU B 607 -39.72 14.46 12.67
N PHE B 608 -39.81 14.69 11.36
CA PHE B 608 -40.26 13.65 10.45
C PHE B 608 -39.27 12.50 10.35
N GLU B 609 -37.98 12.81 10.35
CA GLU B 609 -36.94 11.81 10.10
C GLU B 609 -36.51 11.03 11.33
N LYS B 610 -36.86 11.50 12.54
CA LYS B 610 -36.37 10.85 13.75
C LYS B 610 -36.88 9.43 13.90
N ASP B 611 -37.96 9.05 13.20
CA ASP B 611 -38.59 7.77 13.44
C ASP B 611 -37.78 6.61 12.87
N TYR B 612 -37.18 6.80 11.70
CA TYR B 612 -36.54 5.69 11.01
C TYR B 612 -35.37 5.08 11.77
N PRO B 613 -34.40 5.84 12.27
CA PRO B 613 -33.33 5.19 13.07
C PRO B 613 -33.87 4.48 14.30
N GLU B 614 -34.91 5.03 14.93
CA GLU B 614 -35.49 4.38 16.09
C GLU B 614 -36.20 3.08 15.73
N ALA B 615 -36.78 3.01 14.53
CA ALA B 615 -37.56 1.85 14.12
C ALA B 615 -36.70 0.65 13.76
N GLY B 616 -35.40 0.83 13.58
CA GLY B 616 -34.54 -0.28 13.24
C GLY B 616 -33.42 0.06 12.28
N ALA B 617 -33.46 1.26 11.69
CA ALA B 617 -32.42 1.71 10.78
C ALA B 617 -31.24 2.27 11.59
N THR B 618 -30.59 1.38 12.32
CA THR B 618 -29.54 1.76 13.26
C THR B 618 -28.13 1.45 12.78
N GLY B 619 -27.97 0.63 11.74
CA GLY B 619 -26.64 0.27 11.29
C GLY B 619 -25.88 1.40 10.64
N GLY B 620 -26.59 2.40 10.13
CA GLY B 620 -25.97 3.56 9.52
C GLY B 620 -27.00 4.59 9.12
N PHE B 621 -26.74 5.86 9.42
CA PHE B 621 -27.70 6.91 9.17
C PHE B 621 -27.05 8.27 9.42
N ILE B 622 -27.52 9.27 8.70
CA ILE B 622 -27.05 10.64 8.87
C ILE B 622 -28.07 11.57 8.26
N HIS B 623 -28.34 12.68 8.93
CA HIS B 623 -29.32 13.66 8.50
C HIS B 623 -28.61 14.91 8.00
N TYR B 624 -29.23 15.59 7.04
CA TYR B 624 -28.66 16.79 6.44
C TYR B 624 -29.55 17.99 6.74
N CYS B 625 -28.93 19.17 6.79
CA CYS B 625 -29.69 20.41 6.96
C CYS B 625 -29.04 21.50 6.12
N GLU B 626 -29.79 22.01 5.15
CA GLU B 626 -29.32 23.11 4.30
C GLU B 626 -29.45 24.43 5.04
N TYR B 627 -28.57 25.37 4.70
CA TYR B 627 -28.62 26.70 5.30
C TYR B 627 -28.06 27.71 4.30
N PRO B 628 -28.40 28.99 4.46
CA PRO B 628 -27.68 30.04 3.75
C PRO B 628 -26.33 30.31 4.41
N VAL B 629 -25.64 31.37 4.01
CA VAL B 629 -24.40 31.73 4.67
C VAL B 629 -24.71 32.24 6.07
N LEU B 630 -24.27 31.50 7.08
CA LEU B 630 -24.48 31.85 8.48
C LEU B 630 -23.20 32.31 9.17
N GLN B 631 -22.22 32.80 8.40
CA GLN B 631 -20.96 33.20 9.00
C GLN B 631 -21.15 34.35 9.99
N GLN B 632 -22.03 35.29 9.68
CA GLN B 632 -22.35 36.39 10.58
C GLN B 632 -23.47 36.05 11.56
N ASN B 633 -24.02 34.85 11.49
CA ASN B 633 -25.15 34.47 12.35
C ASN B 633 -25.08 32.97 12.62
N PRO B 634 -24.22 32.54 13.54
CA PRO B 634 -24.16 31.12 13.92
C PRO B 634 -25.13 30.72 15.03
N LYS B 635 -26.03 31.61 15.46
CA LYS B 635 -26.96 31.27 16.53
C LYS B 635 -28.01 30.28 16.06
N ALA B 636 -28.43 30.39 14.79
CA ALA B 636 -29.44 29.47 14.26
C ALA B 636 -28.94 28.04 14.27
N LEU B 637 -27.68 27.84 13.89
CA LEU B 637 -27.10 26.50 13.92
C LEU B 637 -27.03 25.96 15.34
N GLU B 638 -26.73 26.83 16.31
CA GLU B 638 -26.73 26.41 17.71
C GLU B 638 -28.12 25.98 18.15
N ALA B 639 -29.15 26.74 17.76
CA ALA B 639 -30.51 26.37 18.11
C ALA B 639 -30.88 25.04 17.48
N VAL B 640 -30.48 24.82 16.23
CA VAL B 640 -30.78 23.56 15.56
C VAL B 640 -30.07 22.40 16.24
N TRP B 641 -28.81 22.58 16.62
CA TRP B 641 -28.09 21.52 17.33
C TRP B 641 -28.75 21.19 18.66
N ASP B 642 -29.15 22.23 19.41
CA ASP B 642 -29.81 21.99 20.69
C ASP B 642 -31.13 21.26 20.50
N PHE B 643 -31.89 21.64 19.47
CA PHE B 643 -33.15 20.97 19.19
C PHE B 643 -32.93 19.52 18.78
N ALA B 644 -31.89 19.25 18.00
CA ALA B 644 -31.63 17.92 17.46
C ALA B 644 -30.91 17.00 18.43
N TYR B 645 -30.38 17.55 19.53
CA TYR B 645 -29.67 16.71 20.49
C TYR B 645 -30.53 15.55 20.97
N ASP B 646 -31.75 15.83 21.43
CA ASP B 646 -32.60 14.78 21.98
C ASP B 646 -33.26 13.92 20.90
N ARG B 647 -33.58 14.51 19.75
CA ARG B 647 -34.34 13.77 18.74
C ARG B 647 -33.46 12.87 17.90
N VAL B 648 -32.51 13.45 17.17
CA VAL B 648 -31.66 12.69 16.27
C VAL B 648 -30.30 12.46 16.93
N GLY B 649 -29.55 11.50 16.36
CA GLY B 649 -28.23 11.19 16.84
C GLY B 649 -27.10 11.52 15.89
N TYR B 650 -27.37 12.23 14.79
CA TYR B 650 -26.35 12.53 13.80
C TYR B 650 -26.86 13.66 12.92
N LEU B 651 -26.09 14.73 12.81
CA LEU B 651 -26.50 15.90 12.05
C LEU B 651 -25.35 16.37 11.16
N GLY B 652 -25.71 16.90 10.00
CA GLY B 652 -24.74 17.49 9.09
C GLY B 652 -25.22 18.80 8.52
N THR B 653 -24.30 19.73 8.34
CA THR B 653 -24.62 21.07 7.84
C THR B 653 -24.26 21.17 6.37
N ASN B 654 -25.05 21.95 5.64
CA ASN B 654 -24.81 22.23 4.22
C ASN B 654 -24.90 23.74 4.03
N THR B 655 -23.77 24.41 4.09
CA THR B 655 -23.70 25.85 3.91
C THR B 655 -23.03 26.20 2.58
N PRO B 656 -23.42 27.29 1.95
CA PRO B 656 -22.80 27.70 0.68
C PRO B 656 -21.50 28.48 0.90
N ILE B 657 -20.43 27.74 1.16
CA ILE B 657 -19.14 28.32 1.47
C ILE B 657 -18.19 28.29 0.26
N ASP B 658 -18.73 28.21 -0.95
CA ASP B 658 -17.90 28.23 -2.15
C ASP B 658 -17.23 29.59 -2.32
N LYS B 659 -16.03 29.56 -2.91
CA LYS B 659 -15.25 30.78 -3.10
C LYS B 659 -14.66 30.80 -4.50
N CYS B 660 -14.61 31.99 -5.09
CA CYS B 660 -14.02 32.23 -6.39
C CYS B 660 -12.96 33.32 -6.23
N TYR B 661 -11.69 32.94 -6.39
CA TYR B 661 -10.59 33.85 -6.11
C TYR B 661 -10.39 34.92 -7.19
N LYS B 662 -10.87 34.68 -8.41
CA LYS B 662 -10.64 35.64 -9.49
C LYS B 662 -11.33 36.97 -9.18
N CYS B 663 -12.56 36.92 -8.66
CA CYS B 663 -13.31 38.13 -8.34
C CYS B 663 -13.69 38.19 -6.86
N ASP B 664 -13.03 37.41 -6.02
CA ASP B 664 -13.23 37.44 -4.57
C ASP B 664 -14.69 37.24 -4.19
N PHE B 665 -15.33 36.26 -4.83
CA PHE B 665 -16.72 35.94 -4.54
C PHE B 665 -16.83 34.86 -3.48
N GLU B 666 -17.78 35.01 -2.56
CA GLU B 666 -18.08 34.01 -1.56
C GLU B 666 -19.57 33.75 -1.53
N GLY B 667 -19.96 32.49 -1.49
CA GLY B 667 -21.35 32.12 -1.43
C GLY B 667 -21.60 30.81 -2.17
N ASP B 668 -22.77 30.72 -2.79
CA ASP B 668 -23.18 29.54 -3.52
C ASP B 668 -22.84 29.68 -5.00
N PHE B 669 -22.95 28.56 -5.71
CA PHE B 669 -22.67 28.48 -7.13
C PHE B 669 -23.89 27.95 -7.86
N THR B 670 -24.18 28.53 -9.01
CA THR B 670 -25.28 28.05 -9.83
C THR B 670 -24.87 26.76 -10.54
N PRO B 671 -25.58 25.65 -10.35
CA PRO B 671 -25.16 24.38 -10.95
C PRO B 671 -25.71 24.19 -12.35
N THR B 672 -24.85 23.69 -13.23
CA THR B 672 -25.22 23.33 -14.59
C THR B 672 -24.67 21.95 -14.90
N GLU B 673 -24.99 21.44 -16.10
CA GLU B 673 -24.56 20.10 -16.48
C GLU B 673 -23.05 19.97 -16.57
N ARG B 674 -22.32 21.09 -16.71
CA ARG B 674 -20.87 21.06 -16.78
C ARG B 674 -20.22 21.48 -15.46
N GLY B 675 -20.91 21.23 -14.34
CA GLY B 675 -20.37 21.58 -13.04
C GLY B 675 -20.97 22.88 -12.53
N PHE B 676 -20.12 23.74 -11.98
CA PHE B 676 -20.55 24.99 -11.37
C PHE B 676 -19.69 26.14 -11.89
N MET B 677 -20.22 27.35 -11.80
CA MET B 677 -19.46 28.54 -12.12
C MET B 677 -19.89 29.68 -11.22
N CYS B 678 -18.98 30.61 -11.00
CA CYS B 678 -19.27 31.75 -10.14
C CYS B 678 -20.26 32.67 -10.83
N PRO B 679 -21.32 33.11 -10.14
CA PRO B 679 -22.34 33.93 -10.80
C PRO B 679 -21.95 35.40 -10.88
N ASN B 680 -20.68 35.68 -11.14
CA ASN B 680 -20.23 37.04 -11.45
C ASN B 680 -19.28 37.12 -12.63
N CYS B 681 -18.57 36.05 -12.98
CA CYS B 681 -17.61 36.09 -14.07
C CYS B 681 -17.62 34.86 -14.96
N GLY B 682 -18.43 33.84 -14.68
CA GLY B 682 -18.41 32.63 -15.47
C GLY B 682 -17.20 31.75 -15.25
N ASN B 683 -16.41 32.03 -14.22
CA ASN B 683 -15.20 31.25 -13.96
C ASN B 683 -15.55 29.83 -13.58
N THR B 684 -14.85 28.86 -14.16
CA THR B 684 -15.12 27.46 -13.89
C THR B 684 -13.88 26.58 -13.75
N ASP B 685 -12.67 27.11 -13.94
CA ASP B 685 -11.54 26.18 -13.86
C ASP B 685 -11.17 25.92 -12.41
N PRO B 686 -10.78 24.69 -12.07
CA PRO B 686 -10.50 24.35 -10.67
C PRO B 686 -9.25 25.02 -10.11
N LYS B 687 -8.39 25.60 -10.94
CA LYS B 687 -7.13 26.14 -10.44
C LYS B 687 -7.35 27.37 -9.57
N THR B 688 -8.32 28.23 -9.93
CA THR B 688 -8.56 29.46 -9.20
C THR B 688 -9.99 29.53 -8.66
N VAL B 689 -10.65 28.40 -8.49
CA VAL B 689 -11.99 28.35 -7.89
C VAL B 689 -11.98 27.31 -6.79
N ASP B 690 -12.88 27.48 -5.83
CA ASP B 690 -12.98 26.59 -4.67
C ASP B 690 -14.45 26.25 -4.45
N VAL B 691 -14.83 25.03 -4.83
CA VAL B 691 -16.20 24.56 -4.65
C VAL B 691 -16.15 23.19 -4.04
N VAL B 692 -16.81 23.02 -2.89
CA VAL B 692 -16.97 21.73 -2.25
C VAL B 692 -18.44 21.53 -1.93
N LYS B 693 -18.92 20.30 -2.12
CA LYS B 693 -20.31 19.96 -1.85
C LYS B 693 -20.35 18.60 -1.17
N ARG B 694 -21.31 18.42 -0.27
CA ARG B 694 -21.45 17.17 0.45
C ARG B 694 -22.11 16.13 -0.46
N THR B 695 -21.40 15.03 -0.70
CA THR B 695 -21.89 14.02 -1.65
C THR B 695 -22.45 12.78 -0.95
N CYS B 696 -21.64 12.13 -0.12
CA CYS B 696 -22.09 10.95 0.62
C CYS B 696 -21.41 10.98 1.99
N GLY B 697 -22.02 11.69 2.93
CA GLY B 697 -21.40 11.87 4.24
C GLY B 697 -20.20 12.78 4.14
N TYR B 698 -19.25 12.41 3.31
CA TYR B 698 -18.08 13.22 3.03
C TYR B 698 -18.41 14.33 2.04
N LEU B 699 -17.51 15.30 1.97
CA LEU B 699 -17.59 16.35 0.97
C LEU B 699 -16.72 15.98 -0.23
N GLY B 700 -16.79 16.80 -1.27
CA GLY B 700 -15.97 16.59 -2.44
C GLY B 700 -15.97 17.81 -3.33
N ASN B 701 -14.88 17.96 -4.08
CA ASN B 701 -14.76 19.08 -5.00
C ASN B 701 -15.10 18.60 -6.40
N PRO B 702 -16.27 18.96 -6.95
CA PRO B 702 -16.64 18.45 -8.28
C PRO B 702 -15.73 18.92 -9.39
N GLN B 703 -15.03 20.04 -9.23
CA GLN B 703 -14.16 20.54 -10.29
C GLN B 703 -12.93 19.66 -10.45
N ALA B 704 -12.26 19.32 -9.34
CA ALA B 704 -11.07 18.48 -9.41
C ALA B 704 -11.40 17.01 -9.66
N ARG B 705 -12.66 16.62 -9.55
CA ARG B 705 -13.07 15.24 -9.75
C ARG B 705 -14.55 15.20 -10.15
N PRO B 706 -14.86 15.24 -11.45
CA PRO B 706 -16.26 15.25 -11.87
C PRO B 706 -17.01 14.01 -11.42
N MET B 707 -18.28 14.19 -11.09
CA MET B 707 -19.13 13.12 -10.62
C MET B 707 -20.02 12.61 -11.75
N VAL B 708 -20.72 11.50 -11.48
CA VAL B 708 -21.68 10.97 -12.44
C VAL B 708 -22.85 11.93 -12.56
N LYS B 709 -23.58 11.82 -13.68
CA LYS B 709 -24.64 12.76 -13.96
C LYS B 709 -25.79 12.62 -12.97
N GLY B 710 -26.05 11.41 -12.48
CA GLY B 710 -27.11 11.25 -11.48
C GLY B 710 -26.81 11.96 -10.18
N ARG B 711 -25.57 11.83 -9.70
CA ARG B 711 -25.17 12.55 -8.50
C ARG B 711 -25.21 14.06 -8.73
N HIS B 712 -24.80 14.50 -9.91
CA HIS B 712 -24.84 15.93 -10.21
C HIS B 712 -26.28 16.45 -10.20
N LYS B 713 -27.21 15.69 -10.77
CA LYS B 713 -28.61 16.10 -10.75
C LYS B 713 -29.16 16.10 -9.33
N GLU B 714 -28.76 15.13 -8.52
CA GLU B 714 -29.18 15.11 -7.12
C GLU B 714 -28.68 16.33 -6.37
N ILE B 715 -27.42 16.69 -6.58
CA ILE B 715 -26.85 17.86 -5.90
C ILE B 715 -27.54 19.14 -6.37
N SER B 716 -27.77 19.26 -7.68
CA SER B 716 -28.38 20.47 -8.21
C SER B 716 -29.79 20.66 -7.69
N ALA B 717 -30.55 19.56 -7.57
CA ALA B 717 -31.94 19.66 -7.13
C ALA B 717 -32.09 20.05 -5.67
N ARG B 718 -31.00 20.05 -4.90
CA ARG B 718 -31.08 20.42 -3.49
C ARG B 718 -31.51 21.88 -3.36
N VAL B 719 -32.37 22.14 -2.38
CA VAL B 719 -32.89 23.48 -2.12
C VAL B 719 -32.70 23.81 -0.65
N LYS B 720 -32.64 25.11 -0.36
CA LYS B 720 -32.35 25.57 0.99
C LYS B 720 -33.51 25.26 1.92
N HIS B 721 -33.21 25.17 3.22
CA HIS B 721 -34.19 24.79 4.22
C HIS B 721 -34.79 25.97 4.97
N MET B 722 -33.96 26.89 5.47
CA MET B 722 -34.44 28.07 6.16
C MET B 722 -34.13 29.31 5.31
N ASN B 723 -35.06 30.26 5.33
CA ASN B 723 -34.97 31.41 4.43
C ASN B 723 -33.80 32.31 4.80
N GLY B 724 -33.04 32.70 3.78
CA GLY B 724 -31.92 33.59 3.95
C GLY B 724 -31.16 33.80 2.66
N SER B 725 -30.32 34.82 2.60
CA SER B 725 -29.54 35.08 1.39
C SER B 725 -28.36 34.13 1.32
N THR B 726 -28.24 33.40 0.22
CA THR B 726 -27.12 32.47 0.03
C THR B 726 -25.97 33.14 -0.69
N ILE B 727 -25.59 34.32 -0.21
CA ILE B 727 -24.48 35.10 -0.77
C ILE B 727 -23.88 35.92 0.35
N LYS B 728 -22.56 35.81 0.53
CA LYS B 728 -21.85 36.60 1.53
C LYS B 728 -21.20 37.83 0.91
N TYR B 729 -20.34 37.62 -0.09
CA TYR B 729 -19.69 38.72 -0.80
C TYR B 729 -20.17 38.71 -2.24
N GLY B 730 -20.69 39.87 -2.70
CA GLY B 730 -21.28 39.93 -4.02
C GLY B 730 -20.26 39.72 -5.13
N GLY B 731 -19.09 40.34 -5.01
CA GLY B 731 -18.04 40.21 -5.98
C GLY B 731 -17.67 41.54 -6.60
N LYS B 732 -16.56 41.52 -7.35
CA LYS B 732 -16.06 42.71 -8.02
C LYS B 732 -16.95 43.10 -9.19
#